data_8DFU
#
_entry.id   8DFU
#
_cell.length_a   1.00
_cell.length_b   1.00
_cell.length_c   1.00
_cell.angle_alpha   90.00
_cell.angle_beta   90.00
_cell.angle_gamma   90.00
#
_symmetry.space_group_name_H-M   'P 1'
#
loop_
_entity.id
_entity.type
_entity.pdbx_description
1 polymer 'Pilin protein'
2 non-polymer '(2S)-3-{[(3R,7S,11S,15S)-3,7,11,15,19-pentamethylicosyl]oxy}-2-{[(2R,6S,10S,14R)-2,6,10,14,18-pentamethylnonadecyl]oxy}propyl dihydrogen phosphate'
#
_entity_poly.entity_id   1
_entity_poly.type   'polypeptide(L)'
_entity_poly.pdbx_seq_one_letter_code
;AADIVQMVEDLTGKLTALAWALFLLSWSIGWTLRGSPIPSSRIKRVGNSLIEDSMWAALWLALGTTVFAVIVRLAGIVNE
VLLG
;
_entity_poly.pdbx_strand_id   B,A,C,D,E,F,G,H,I,J,K,L,M,N,O,P,Q,R,S,T,U,V,W,X,Y,Z,0,1,2,3
#
# COMPACT_ATOMS: atom_id res chain seq x y z
N ALA A 1 -47.80 47.09 25.64
CA ALA A 1 -48.58 45.91 25.34
C ALA A 1 -48.13 45.29 24.02
N ALA A 2 -48.11 46.10 22.96
CA ALA A 2 -47.66 45.66 21.65
C ALA A 2 -46.34 46.28 21.22
N ASP A 3 -46.03 47.49 21.69
CA ASP A 3 -44.73 48.08 21.38
C ASP A 3 -43.60 47.24 21.92
N ILE A 4 -43.82 46.54 23.04
CA ILE A 4 -42.79 45.67 23.58
C ILE A 4 -42.52 44.51 22.63
N VAL A 5 -43.57 43.92 22.07
CA VAL A 5 -43.39 42.86 21.08
C VAL A 5 -42.70 43.42 19.85
N GLN A 6 -43.06 44.63 19.44
CA GLN A 6 -42.43 45.21 18.26
C GLN A 6 -40.94 45.41 18.47
N MET A 7 -40.55 45.93 19.63
CA MET A 7 -39.13 46.16 19.86
C MET A 7 -38.38 44.84 20.02
N VAL A 8 -39.01 43.82 20.59
CA VAL A 8 -38.36 42.51 20.65
C VAL A 8 -38.13 41.98 19.24
N GLU A 9 -39.10 42.16 18.35
CA GLU A 9 -38.93 41.68 16.98
C GLU A 9 -37.84 42.46 16.25
N ASP A 10 -37.76 43.78 16.47
CA ASP A 10 -36.69 44.55 15.86
C ASP A 10 -35.32 44.07 16.35
N LEU A 11 -35.22 43.80 17.66
CA LEU A 11 -33.97 43.28 18.19
C LEU A 11 -33.61 41.95 17.53
N THR A 12 -34.60 41.08 17.36
CA THR A 12 -34.33 39.80 16.71
C THR A 12 -33.86 39.99 15.27
N GLY A 13 -34.45 40.95 14.56
CA GLY A 13 -34.04 41.18 13.19
C GLY A 13 -32.60 41.65 13.09
N LYS A 14 -32.25 42.64 13.90
CA LYS A 14 -30.87 43.12 13.90
C LYS A 14 -29.91 41.99 14.26
N LEU A 15 -30.27 41.20 15.26
CA LEU A 15 -29.41 40.08 15.65
C LEU A 15 -29.26 39.09 14.52
N THR A 16 -30.31 38.85 13.74
CA THR A 16 -30.21 37.91 12.64
C THR A 16 -29.27 38.41 11.56
N ALA A 17 -29.34 39.70 11.23
CA ALA A 17 -28.42 40.26 10.26
C ALA A 17 -26.98 40.08 10.74
N LEU A 18 -26.71 40.46 11.98
CA LEU A 18 -25.37 40.27 12.54
C LEU A 18 -24.96 38.81 12.51
N ALA A 19 -25.91 37.89 12.71
CA ALA A 19 -25.58 36.48 12.75
C ALA A 19 -25.16 35.98 11.37
N TRP A 20 -25.85 36.43 10.33
CA TRP A 20 -25.42 36.04 8.99
C TRP A 20 -24.01 36.53 8.71
N ALA A 21 -23.73 37.79 9.08
CA ALA A 21 -22.39 38.33 8.88
C ALA A 21 -21.35 37.47 9.61
N LEU A 22 -21.61 37.15 10.88
CA LEU A 22 -20.65 36.37 11.66
C LEU A 22 -20.49 34.96 11.11
N PHE A 23 -21.56 34.37 10.58
CA PHE A 23 -21.44 33.03 10.00
C PHE A 23 -20.49 33.06 8.81
N LEU A 24 -20.64 34.05 7.94
CA LEU A 24 -19.71 34.14 6.82
C LEU A 24 -18.28 34.36 7.31
N LEU A 25 -18.11 35.20 8.34
CA LEU A 25 -16.77 35.41 8.89
C LEU A 25 -16.18 34.11 9.41
N SER A 26 -16.98 33.31 10.10
CA SER A 26 -16.46 32.06 10.65
C SER A 26 -16.09 31.08 9.55
N TRP A 27 -16.91 31.01 8.50
CA TRP A 27 -16.55 30.18 7.35
C TRP A 27 -15.22 30.60 6.76
N SER A 28 -15.02 31.91 6.59
CA SER A 28 -13.76 32.40 6.04
C SER A 28 -12.59 32.05 6.95
N ILE A 29 -12.75 32.24 8.26
CA ILE A 29 -11.67 31.93 9.19
C ILE A 29 -11.31 30.45 9.13
N GLY A 30 -12.32 29.58 9.10
CA GLY A 30 -12.04 28.16 9.06
C GLY A 30 -11.29 27.76 7.81
N TRP A 31 -11.80 28.20 6.65
CA TRP A 31 -11.13 27.81 5.42
C TRP A 31 -9.79 28.50 5.23
N THR A 32 -9.52 29.58 5.97
CA THR A 32 -8.19 30.16 5.93
C THR A 32 -7.23 29.37 6.80
N LEU A 33 -7.68 28.93 7.97
CA LEU A 33 -6.85 28.09 8.82
C LEU A 33 -6.52 26.78 8.12
N ARG A 34 -7.47 26.25 7.35
CA ARG A 34 -7.25 24.93 6.76
C ARG A 34 -6.22 24.95 5.65
N GLY A 35 -6.04 26.06 4.96
CA GLY A 35 -5.12 26.12 3.84
C GLY A 35 -3.79 26.77 4.11
N SER A 36 -3.55 27.23 5.33
CA SER A 36 -2.32 27.92 5.65
C SER A 36 -1.12 26.98 5.60
N PRO A 37 0.10 27.52 5.53
CA PRO A 37 1.28 26.65 5.43
C PRO A 37 1.54 25.80 6.66
N ILE A 38 0.96 26.16 7.80
CA ILE A 38 1.23 25.45 9.05
C ILE A 38 0.79 23.99 8.94
N PRO A 39 1.69 23.03 9.14
CA PRO A 39 1.34 21.62 8.94
C PRO A 39 0.77 20.95 10.18
N SER A 40 0.38 21.72 11.19
CA SER A 40 -0.19 21.13 12.40
C SER A 40 -1.53 20.46 12.09
N SER A 41 -1.95 19.58 12.99
CA SER A 41 -3.23 18.89 12.83
C SER A 41 -4.31 19.47 13.72
N ARG A 42 -3.95 19.94 14.91
CA ARG A 42 -4.95 20.54 15.79
C ARG A 42 -5.62 21.73 15.11
N ILE A 43 -4.87 22.51 14.35
CA ILE A 43 -5.43 23.66 13.69
C ILE A 43 -6.35 23.25 12.54
N LYS A 44 -6.01 22.18 11.82
CA LYS A 44 -6.95 21.65 10.84
C LYS A 44 -8.25 21.21 11.51
N ARG A 45 -8.13 20.59 12.68
CA ARG A 45 -9.33 20.18 13.41
C ARG A 45 -10.17 21.38 13.80
N VAL A 46 -9.52 22.45 14.26
CA VAL A 46 -10.26 23.65 14.65
C VAL A 46 -10.96 24.26 13.44
N GLY A 47 -10.28 24.31 12.30
CA GLY A 47 -10.91 24.84 11.11
C GLY A 47 -12.11 24.01 10.68
N ASN A 48 -11.98 22.68 10.74
CA ASN A 48 -13.10 21.83 10.39
C ASN A 48 -14.29 22.08 11.30
N SER A 49 -14.04 22.14 12.60
CA SER A 49 -15.14 22.39 13.53
C SER A 49 -15.79 23.73 13.25
N LEU A 50 -14.99 24.76 12.94
CA LEU A 50 -15.54 26.08 12.65
C LEU A 50 -16.47 26.02 11.44
N ILE A 51 -15.99 25.48 10.32
CA ILE A 51 -16.80 25.53 9.11
C ILE A 51 -18.04 24.64 9.27
N GLU A 52 -17.91 23.52 9.97
CA GLU A 52 -19.06 22.65 10.15
C GLU A 52 -20.13 23.32 11.00
N ASP A 53 -19.74 23.90 12.13
CA ASP A 53 -20.71 24.60 12.97
C ASP A 53 -21.32 25.77 12.23
N SER A 54 -20.54 26.45 11.40
CA SER A 54 -21.08 27.57 10.64
C SER A 54 -22.21 27.11 9.71
N MET A 55 -21.95 26.07 8.92
CA MET A 55 -23.00 25.56 8.04
C MET A 55 -24.21 25.09 8.83
N TRP A 56 -23.97 24.38 9.93
CA TRP A 56 -25.06 23.86 10.75
C TRP A 56 -25.97 24.98 11.23
N ALA A 57 -25.40 26.00 11.87
CA ALA A 57 -26.22 27.07 12.41
C ALA A 57 -26.88 27.88 11.31
N ALA A 58 -26.16 28.14 10.22
CA ALA A 58 -26.75 28.89 9.12
C ALA A 58 -27.96 28.18 8.56
N LEU A 59 -27.94 26.85 8.53
CA LEU A 59 -29.15 26.13 8.14
C LEU A 59 -30.22 26.26 9.19
N TRP A 60 -29.87 26.07 10.46
CA TRP A 60 -30.90 25.88 11.46
C TRP A 60 -31.61 27.17 11.83
N LEU A 61 -31.06 28.33 11.52
CA LEU A 61 -31.71 29.58 11.93
C LEU A 61 -33.10 29.72 11.30
N ALA A 62 -33.15 29.79 9.97
CA ALA A 62 -34.45 29.94 9.30
C ALA A 62 -35.33 28.72 9.54
N LEU A 63 -34.72 27.54 9.54
CA LEU A 63 -35.46 26.34 9.89
C LEU A 63 -36.18 26.51 11.22
N GLY A 64 -35.58 27.20 12.18
CA GLY A 64 -36.23 27.38 13.46
C GLY A 64 -37.37 28.37 13.38
N THR A 65 -37.15 29.42 12.59
CA THR A 65 -38.26 30.30 12.26
C THR A 65 -39.48 29.52 11.78
N THR A 66 -39.27 28.41 11.09
CA THR A 66 -40.36 27.49 10.75
C THR A 66 -40.72 26.52 11.88
N VAL A 67 -39.72 26.10 12.66
CA VAL A 67 -39.90 25.10 13.71
C VAL A 67 -40.95 25.55 14.70
N PHE A 68 -41.01 26.85 14.98
CA PHE A 68 -41.97 27.28 16.00
C PHE A 68 -43.40 27.13 15.50
N ALA A 69 -43.65 27.43 14.23
CA ALA A 69 -44.98 27.15 13.67
C ALA A 69 -45.28 25.67 13.65
N VAL A 70 -44.27 24.86 13.35
CA VAL A 70 -44.47 23.40 13.37
C VAL A 70 -44.87 22.94 14.76
N ILE A 71 -44.23 23.48 15.79
CA ILE A 71 -44.54 23.09 17.16
C ILE A 71 -45.95 23.53 17.53
N VAL A 72 -46.35 24.71 17.08
CA VAL A 72 -47.73 25.14 17.32
C VAL A 72 -48.72 24.16 16.67
N ARG A 73 -48.42 23.71 15.46
CA ARG A 73 -49.31 22.76 14.81
C ARG A 73 -49.36 21.44 15.58
N LEU A 74 -48.22 20.99 16.10
CA LEU A 74 -48.22 19.76 16.89
C LEU A 74 -49.05 19.91 18.15
N ALA A 75 -48.97 21.08 18.78
CA ALA A 75 -49.79 21.35 19.95
C ALA A 75 -51.27 21.29 19.60
N GLY A 76 -51.64 21.87 18.47
CA GLY A 76 -53.03 21.79 18.02
C GLY A 76 -53.47 20.36 17.80
N ILE A 77 -52.62 19.55 17.18
CA ILE A 77 -52.98 18.16 16.91
C ILE A 77 -53.17 17.38 18.20
N VAL A 78 -52.24 17.53 19.15
CA VAL A 78 -52.38 16.75 20.38
C VAL A 78 -53.57 17.25 21.19
N ASN A 79 -53.89 18.54 21.13
CA ASN A 79 -55.09 19.02 21.81
C ASN A 79 -56.33 18.41 21.20
N GLU A 80 -56.39 18.37 19.86
CA GLU A 80 -57.56 17.80 19.21
C GLU A 80 -57.66 16.30 19.47
N VAL A 81 -56.53 15.62 19.66
CA VAL A 81 -56.57 14.19 19.93
C VAL A 81 -57.08 13.92 21.34
N LEU A 82 -56.51 14.59 22.33
CA LEU A 82 -56.84 14.24 23.71
C LEU A 82 -58.25 14.67 24.09
N LEU A 83 -58.79 15.70 23.47
CA LEU A 83 -60.08 16.25 23.84
C LEU A 83 -61.07 16.19 22.69
N GLY A 84 -61.09 15.08 21.96
CA GLY A 84 -62.02 14.90 20.86
C GLY A 84 -61.85 15.89 19.74
N ALA B 1 -66.65 40.63 39.63
CA ALA B 1 -67.03 39.22 39.65
C ALA B 1 -66.53 38.51 38.40
N ALA B 2 -66.87 39.07 37.23
CA ALA B 2 -66.44 38.53 35.94
C ALA B 2 -65.44 39.41 35.23
N ASP B 3 -65.50 40.73 35.44
CA ASP B 3 -64.51 41.61 34.84
C ASP B 3 -63.11 41.28 35.32
N ILE B 4 -62.98 40.78 36.55
CA ILE B 4 -61.67 40.39 37.05
C ILE B 4 -61.13 39.20 36.28
N VAL B 5 -61.98 38.22 36.00
CA VAL B 5 -61.56 37.09 35.18
C VAL B 5 -61.22 37.56 33.78
N GLN B 6 -61.99 38.50 33.23
CA GLN B 6 -61.72 38.99 31.89
C GLN B 6 -60.35 39.67 31.83
N MET B 7 -60.04 40.52 32.81
CA MET B 7 -58.76 41.20 32.78
C MET B 7 -57.61 40.23 33.02
N VAL B 8 -57.81 39.21 33.86
CA VAL B 8 -56.76 38.20 34.01
C VAL B 8 -56.51 37.49 32.69
N GLU B 9 -57.58 37.17 31.95
CA GLU B 9 -57.39 36.50 30.67
C GLU B 9 -56.69 37.41 29.66
N ASP B 10 -57.03 38.70 29.65
CA ASP B 10 -56.33 39.62 28.75
C ASP B 10 -54.84 39.69 29.09
N LEU B 11 -54.53 39.74 30.39
CA LEU B 11 -53.13 39.74 30.80
C LEU B 11 -52.43 38.48 30.31
N THR B 12 -53.08 37.33 30.45
CA THR B 12 -52.48 36.09 29.99
C THR B 12 -52.25 36.12 28.48
N GLY B 13 -53.19 36.68 27.72
CA GLY B 13 -53.00 36.74 26.28
C GLY B 13 -51.82 37.60 25.88
N LYS B 14 -51.73 38.80 26.46
CA LYS B 14 -50.59 39.65 26.16
C LYS B 14 -49.28 38.97 26.54
N LEU B 15 -49.26 38.32 27.70
CA LEU B 15 -48.06 37.61 28.13
C LEU B 15 -47.69 36.51 27.17
N THR B 16 -48.69 35.81 26.61
CA THR B 16 -48.39 34.74 25.68
C THR B 16 -47.77 35.27 24.39
N ALA B 17 -48.31 36.39 23.88
CA ALA B 17 -47.70 36.99 22.69
C ALA B 17 -46.24 37.36 22.95
N LEU B 18 -46.00 38.05 24.06
CA LEU B 18 -44.63 38.38 24.42
C LEU B 18 -43.76 37.14 24.56
N ALA B 19 -44.34 36.05 25.06
CA ALA B 19 -43.56 34.84 25.27
C ALA B 19 -43.14 34.22 23.95
N TRP B 20 -44.03 34.21 22.97
CA TRP B 20 -43.63 33.70 21.66
C TRP B 20 -42.50 34.54 21.08
N ALA B 21 -42.61 35.87 21.20
CA ALA B 21 -41.54 36.73 20.70
C ALA B 21 -40.21 36.40 21.38
N LEU B 22 -40.23 36.27 22.72
CA LEU B 22 -39.01 35.99 23.45
C LEU B 22 -38.44 34.62 23.12
N PHE B 23 -39.30 33.64 22.87
CA PHE B 23 -38.81 32.32 22.50
C PHE B 23 -38.04 32.39 21.19
N LEU B 24 -38.59 33.09 20.20
CA LEU B 24 -37.87 33.23 18.95
C LEU B 24 -36.55 33.96 19.17
N LEU B 25 -36.55 35.00 20.01
CA LEU B 25 -35.31 35.72 20.29
C LEU B 25 -34.27 34.80 20.92
N SER B 26 -34.70 33.94 21.84
CA SER B 26 -33.75 33.05 22.50
C SER B 26 -33.19 32.02 21.52
N TRP B 27 -34.04 31.49 20.65
CA TRP B 27 -33.55 30.60 19.61
C TRP B 27 -32.49 31.28 18.75
N SER B 28 -32.75 32.52 18.35
CA SER B 28 -31.77 33.24 17.53
C SER B 28 -30.47 33.45 18.29
N ILE B 29 -30.55 33.85 19.57
CA ILE B 29 -29.35 34.08 20.35
C ILE B 29 -28.53 32.79 20.47
N GLY B 30 -29.20 31.68 20.74
CA GLY B 30 -28.47 30.43 20.89
C GLY B 30 -27.77 30.03 19.61
N TRP B 31 -28.49 30.05 18.49
CA TRP B 31 -27.86 29.63 17.25
C TRP B 31 -26.84 30.65 16.75
N THR B 32 -26.87 31.88 17.25
CA THR B 32 -25.81 32.82 16.91
C THR B 32 -24.56 32.55 17.73
N LEU B 33 -24.74 32.25 19.01
CA LEU B 33 -23.60 31.89 19.84
C LEU B 33 -22.93 30.63 19.33
N ARG B 34 -23.72 29.68 18.81
CA ARG B 34 -23.15 28.40 18.42
C ARG B 34 -22.28 28.50 17.17
N GLY B 35 -22.56 29.45 16.28
CA GLY B 35 -21.83 29.56 15.04
C GLY B 35 -20.76 30.63 14.99
N SER B 36 -20.54 31.37 16.07
CA SER B 36 -19.59 32.46 16.07
C SER B 36 -18.16 31.93 15.99
N PRO B 37 -17.20 32.78 15.63
CA PRO B 37 -15.81 32.31 15.49
C PRO B 37 -15.18 31.86 16.79
N ILE B 38 -15.72 32.24 17.94
CA ILE B 38 -15.12 31.91 19.22
C ILE B 38 -15.07 30.41 19.42
N PRO B 39 -13.88 29.83 19.63
CA PRO B 39 -13.78 28.37 19.72
C PRO B 39 -13.97 27.82 21.12
N SER B 40 -14.50 28.62 22.04
CA SER B 40 -14.71 28.15 23.41
C SER B 40 -15.79 27.06 23.42
N SER B 41 -15.80 26.29 24.51
CA SER B 41 -16.79 25.23 24.66
C SER B 41 -17.91 25.63 25.61
N ARG B 42 -17.62 26.41 26.64
CA ARG B 42 -18.67 26.85 27.56
C ARG B 42 -19.75 27.62 26.82
N ILE B 43 -19.35 28.41 25.83
CA ILE B 43 -20.35 29.19 25.09
C ILE B 43 -21.18 28.29 24.18
N LYS B 44 -20.58 27.25 23.60
CA LYS B 44 -21.38 26.28 22.88
C LYS B 44 -22.39 25.61 23.80
N ARG B 45 -21.97 25.30 25.03
CA ARG B 45 -22.89 24.71 26.00
C ARG B 45 -24.04 25.65 26.31
N VAL B 46 -23.73 26.94 26.49
CA VAL B 46 -24.78 27.92 26.78
C VAL B 46 -25.75 28.02 25.62
N GLY B 47 -25.24 28.04 24.39
CA GLY B 47 -26.14 28.10 23.24
C GLY B 47 -27.02 26.87 23.14
N ASN B 48 -26.46 25.69 23.40
CA ASN B 48 -27.27 24.48 23.37
C ASN B 48 -28.38 24.54 24.41
N SER B 49 -28.05 24.94 25.64
CA SER B 49 -29.07 25.04 26.67
C SER B 49 -30.14 26.03 26.28
N LEU B 50 -29.75 27.15 25.69
CA LEU B 50 -30.74 28.15 25.28
C LEU B 50 -31.70 27.59 24.26
N ILE B 51 -31.18 26.99 23.18
CA ILE B 51 -32.09 26.54 22.12
C ILE B 51 -32.95 25.38 22.61
N GLU B 52 -32.39 24.52 23.45
CA GLU B 52 -33.16 23.39 23.96
C GLU B 52 -34.30 23.87 24.83
N ASP B 53 -34.02 24.77 25.79
CA ASP B 53 -35.08 25.29 26.64
C ASP B 53 -36.11 26.04 25.83
N SER B 54 -35.68 26.75 24.78
CA SER B 54 -36.63 27.46 23.94
C SER B 54 -37.62 26.51 23.31
N MET B 55 -37.12 25.47 22.65
CA MET B 55 -38.03 24.49 22.04
C MET B 55 -38.94 23.85 23.09
N TRP B 56 -38.36 23.48 24.24
CA TRP B 56 -39.14 22.83 25.28
C TRP B 56 -40.32 23.70 25.72
N ALA B 57 -40.05 24.95 26.09
CA ALA B 57 -41.12 25.82 26.57
C ALA B 57 -42.11 26.15 25.48
N ALA B 58 -41.63 26.38 24.24
CA ALA B 58 -42.54 26.67 23.15
C ALA B 58 -43.50 25.53 22.92
N LEU B 59 -43.05 24.30 23.10
CA LEU B 59 -43.98 23.18 23.03
C LEU B 59 -44.94 23.19 24.20
N TRP B 60 -44.41 23.37 25.41
CA TRP B 60 -45.22 23.09 26.58
C TRP B 60 -46.28 24.14 26.85
N LEU B 61 -46.16 25.34 26.26
CA LEU B 61 -47.15 26.39 26.56
C LEU B 61 -48.56 25.97 26.14
N ALA B 62 -48.77 25.76 24.84
CA ALA B 62 -50.10 25.36 24.38
C ALA B 62 -50.50 24.00 24.94
N LEU B 63 -49.54 23.10 25.04
CA LEU B 63 -49.82 21.82 25.70
C LEU B 63 -50.41 22.04 27.08
N GLY B 64 -49.98 23.05 27.80
CA GLY B 64 -50.53 23.29 29.13
C GLY B 64 -51.93 23.85 29.07
N THR B 65 -52.14 24.73 28.09
CA THR B 65 -53.51 25.15 27.80
C THR B 65 -54.45 23.95 27.66
N THR B 66 -53.95 22.84 27.13
CA THR B 66 -54.71 21.58 27.11
C THR B 66 -54.62 20.81 28.44
N VAL B 67 -53.46 20.87 29.10
CA VAL B 67 -53.21 20.11 30.31
C VAL B 67 -54.25 20.41 31.38
N PHE B 68 -54.70 21.66 31.45
CA PHE B 68 -55.63 21.97 32.52
C PHE B 68 -56.99 21.31 32.29
N ALA B 69 -57.45 21.24 31.04
CA ALA B 69 -58.65 20.48 30.75
C ALA B 69 -58.45 19.00 31.02
N VAL B 70 -57.27 18.48 30.70
CA VAL B 70 -56.98 17.07 30.99
C VAL B 70 -57.07 16.80 32.48
N ILE B 71 -56.54 17.71 33.30
CA ILE B 71 -56.57 17.53 34.74
C ILE B 71 -58.00 17.59 35.25
N VAL B 72 -58.82 18.47 34.68
CA VAL B 72 -60.23 18.51 35.06
C VAL B 72 -60.90 17.18 34.75
N ARG B 73 -60.59 16.60 33.60
CA ARG B 73 -61.18 15.30 33.25
C ARG B 73 -60.72 14.22 34.23
N LEU B 74 -59.45 14.25 34.62
CA LEU B 74 -58.97 13.25 35.59
C LEU B 74 -59.68 13.42 36.93
N ALA B 75 -59.92 14.66 37.34
CA ALA B 75 -60.67 14.89 38.57
C ALA B 75 -62.07 14.31 38.47
N GLY B 76 -62.73 14.53 37.33
CA GLY B 76 -64.03 13.94 37.13
C GLY B 76 -64.02 12.41 37.21
N ILE B 77 -63.01 11.79 36.61
CA ILE B 77 -62.92 10.34 36.63
C ILE B 77 -62.71 9.82 38.04
N VAL B 78 -61.80 10.42 38.79
CA VAL B 78 -61.55 9.92 40.13
C VAL B 78 -62.76 10.18 41.03
N ASN B 79 -63.48 11.27 40.82
CA ASN B 79 -64.70 11.50 41.59
C ASN B 79 -65.74 10.43 41.29
N GLU B 80 -65.91 10.11 40.01
CA GLU B 80 -66.87 9.08 39.65
C GLU B 80 -66.46 7.71 40.17
N VAL B 81 -65.16 7.46 40.28
CA VAL B 81 -64.70 6.16 40.77
C VAL B 81 -64.95 6.05 42.27
N LEU B 82 -64.53 7.05 43.04
CA LEU B 82 -64.60 6.92 44.49
C LEU B 82 -66.03 6.95 45.02
N LEU B 83 -66.93 7.63 44.33
CA LEU B 83 -68.30 7.82 44.81
C LEU B 83 -69.31 7.23 43.85
N GLY B 84 -69.03 6.05 43.33
CA GLY B 84 -69.96 5.37 42.44
C GLY B 84 -70.24 6.13 41.15
N ALA C 1 -21.96 62.65 52.21
CA ALA C 1 -23.06 62.54 51.26
C ALA C 1 -22.54 62.18 49.87
N ALA C 2 -21.59 62.97 49.39
CA ALA C 2 -20.96 62.73 48.09
C ALA C 2 -19.51 62.29 48.19
N ASP C 3 -18.79 62.70 49.24
CA ASP C 3 -17.44 62.24 49.43
C ASP C 3 -17.39 60.73 49.60
N ILE C 4 -18.44 60.14 50.17
CA ILE C 4 -18.47 58.69 50.32
C ILE C 4 -18.55 58.02 48.95
N VAL C 5 -19.38 58.56 48.05
CA VAL C 5 -19.43 58.02 46.70
C VAL C 5 -18.10 58.21 46.00
N GLN C 6 -17.46 59.36 46.22
CA GLN C 6 -16.18 59.61 45.58
C GLN C 6 -15.13 58.59 46.03
N MET C 7 -15.06 58.34 47.34
CA MET C 7 -14.06 57.39 47.82
C MET C 7 -14.39 55.97 47.37
N VAL C 8 -15.67 55.62 47.28
CA VAL C 8 -16.01 54.30 46.75
C VAL C 8 -15.54 54.18 45.30
N GLU C 9 -15.72 55.25 44.52
CA GLU C 9 -15.28 55.19 43.12
C GLU C 9 -13.76 55.10 43.01
N ASP C 10 -13.04 55.82 43.87
CA ASP C 10 -11.58 55.70 43.87
C ASP C 10 -11.15 54.29 44.21
N LEU C 11 -11.80 53.68 45.20
CA LEU C 11 -11.49 52.30 45.54
C LEU C 11 -11.73 51.37 44.36
N THR C 12 -12.85 51.58 43.65
CA THR C 12 -13.13 50.75 42.49
C THR C 12 -12.06 50.93 41.41
N GLY C 13 -11.60 52.15 41.21
CA GLY C 13 -10.58 52.39 40.20
C GLY C 13 -9.28 51.67 40.53
N LYS C 14 -8.80 51.83 41.76
CA LYS C 14 -7.59 51.13 42.17
C LYS C 14 -7.75 49.64 42.01
N LEU C 15 -8.90 49.11 42.42
CA LEU C 15 -9.14 47.68 42.31
C LEU C 15 -9.12 47.24 40.85
N THR C 16 -9.64 48.07 39.95
CA THR C 16 -9.64 47.69 38.54
C THR C 16 -8.22 47.63 37.98
N ALA C 17 -7.39 48.60 38.34
CA ALA C 17 -5.99 48.54 37.89
C ALA C 17 -5.32 47.26 38.38
N LEU C 18 -5.46 46.98 39.68
CA LEU C 18 -4.90 45.74 40.21
C LEU C 18 -5.46 44.52 39.50
N ALA C 19 -6.73 44.56 39.10
CA ALA C 19 -7.35 43.41 38.47
C ALA C 19 -6.76 43.18 37.09
N TRP C 20 -6.51 44.24 36.33
CA TRP C 20 -5.85 44.06 35.04
C TRP C 20 -4.47 43.43 35.22
N ALA C 21 -3.72 43.92 36.20
CA ALA C 21 -2.40 43.35 36.45
C ALA C 21 -2.50 41.85 36.78
N LEU C 22 -3.43 41.50 37.67
CA LEU C 22 -3.57 40.10 38.05
C LEU C 22 -4.05 39.24 36.90
N PHE C 23 -4.89 39.77 36.02
CA PHE C 23 -5.34 38.99 34.87
C PHE C 23 -4.15 38.64 33.98
N LEU C 24 -3.30 39.63 33.71
CA LEU C 24 -2.11 39.33 32.92
C LEU C 24 -1.23 38.31 33.61
N LEU C 25 -1.08 38.43 34.93
CA LEU C 25 -0.27 37.45 35.66
C LEU C 25 -0.85 36.04 35.53
N SER C 26 -2.17 35.92 35.62
CA SER C 26 -2.79 34.61 35.52
C SER C 26 -2.63 34.02 34.13
N TRP C 27 -2.76 34.85 33.09
CA TRP C 27 -2.50 34.38 31.74
C TRP C 27 -1.09 33.85 31.60
N SER C 28 -0.11 34.58 32.14
CA SER C 28 1.27 34.13 32.06
C SER C 28 1.47 32.82 32.81
N ILE C 29 0.90 32.69 34.00
CA ILE C 29 1.05 31.46 34.77
C ILE C 29 0.45 30.29 34.02
N GLY C 30 -0.73 30.46 33.45
CA GLY C 30 -1.36 29.37 32.73
C GLY C 30 -0.53 28.92 31.54
N TRP C 31 -0.10 29.88 30.71
CA TRP C 31 0.66 29.49 29.53
C TRP C 31 2.06 29.02 29.88
N THR C 32 2.55 29.31 31.09
CA THR C 32 3.83 28.72 31.50
C THR C 32 3.63 27.29 31.97
N LEU C 33 2.55 27.03 32.69
CA LEU C 33 2.25 25.65 33.10
C LEU C 33 2.03 24.77 31.88
N ARG C 34 1.40 25.32 30.84
CA ARG C 34 1.04 24.50 29.70
C ARG C 34 2.24 24.06 28.87
N GLY C 35 3.31 24.84 28.86
CA GLY C 35 4.46 24.52 28.05
C GLY C 35 5.64 23.90 28.77
N SER C 36 5.54 23.68 30.07
CA SER C 36 6.65 23.15 30.84
C SER C 36 6.93 21.69 30.46
N PRO C 37 8.12 21.18 30.81
CA PRO C 37 8.45 19.80 30.43
C PRO C 37 7.61 18.74 31.10
N ILE C 38 6.92 19.07 32.19
CA ILE C 38 6.13 18.08 32.93
C ILE C 38 5.03 17.50 32.05
N PRO C 39 5.00 16.19 31.84
CA PRO C 39 4.01 15.61 30.92
C PRO C 39 2.70 15.23 31.58
N SER C 40 2.44 15.74 32.78
CA SER C 40 1.17 15.44 33.44
C SER C 40 0.01 16.07 32.69
N SER C 41 -1.19 15.55 32.96
CA SER C 41 -2.39 16.09 32.34
C SER C 41 -3.19 16.99 33.26
N ARG C 42 -3.20 16.71 34.55
CA ARG C 42 -3.91 17.57 35.50
C ARG C 42 -3.38 18.99 35.43
N ILE C 43 -2.07 19.14 35.26
CA ILE C 43 -1.50 20.48 35.21
C ILE C 43 -1.86 21.19 33.92
N LYS C 44 -1.93 20.46 32.80
CA LYS C 44 -2.46 21.07 31.58
C LYS C 44 -3.89 21.53 31.78
N ARG C 45 -4.69 20.74 32.48
CA ARG C 45 -6.06 21.14 32.76
C ARG C 45 -6.11 22.41 33.60
N VAL C 46 -5.25 22.49 34.61
CA VAL C 46 -5.21 23.68 35.46
C VAL C 46 -4.81 24.90 34.65
N GLY C 47 -3.81 24.76 33.78
CA GLY C 47 -3.42 25.88 32.94
C GLY C 47 -4.53 26.33 32.01
N ASN C 48 -5.24 25.38 31.42
CA ASN C 48 -6.36 25.74 30.55
C ASN C 48 -7.43 26.50 31.31
N SER C 49 -7.78 26.01 32.50
CA SER C 49 -8.80 26.71 33.29
C SER C 49 -8.34 28.11 33.64
N LEU C 50 -7.06 28.26 33.99
CA LEU C 50 -6.54 29.58 34.34
C LEU C 50 -6.67 30.54 33.16
N ILE C 51 -6.17 30.16 31.99
CA ILE C 51 -6.18 31.11 30.88
C ILE C 51 -7.59 31.40 30.42
N GLU C 52 -8.47 30.40 30.48
CA GLU C 52 -9.85 30.62 30.05
C GLU C 52 -10.56 31.58 31.00
N ASP C 53 -10.45 31.36 32.30
CA ASP C 53 -11.06 32.28 33.26
C ASP C 53 -10.49 33.67 33.14
N SER C 54 -9.18 33.77 32.86
CA SER C 54 -8.56 35.08 32.70
C SER C 54 -9.19 35.85 31.55
N MET C 55 -9.27 35.22 30.37
CA MET C 55 -9.91 35.89 29.25
C MET C 55 -11.36 36.25 29.56
N TRP C 56 -12.10 35.32 30.16
CA TRP C 56 -13.50 35.55 30.47
C TRP C 56 -13.68 36.79 31.34
N ALA C 57 -12.97 36.85 32.46
CA ALA C 57 -13.14 37.97 33.37
C ALA C 57 -12.64 39.27 32.76
N ALA C 58 -11.51 39.21 32.03
CA ALA C 58 -11.00 40.42 31.40
C ALA C 58 -12.00 41.00 30.42
N LEU C 59 -12.75 40.14 29.72
CA LEU C 59 -13.82 40.66 28.89
C LEU C 59 -14.94 41.23 29.73
N TRP C 60 -15.37 40.51 30.76
CA TRP C 60 -16.63 40.85 31.41
C TRP C 60 -16.52 42.09 32.28
N LEU C 61 -15.32 42.51 32.67
CA LEU C 61 -15.22 43.65 33.57
C LEU C 61 -15.80 44.93 32.93
N ALA C 62 -15.21 45.39 31.82
CA ALA C 62 -15.73 46.58 31.18
C ALA C 62 -17.14 46.38 30.66
N LEU C 63 -17.42 45.18 30.13
CA LEU C 63 -18.78 44.86 29.75
C LEU C 63 -19.75 45.11 30.89
N GLY C 64 -19.36 44.86 32.13
CA GLY C 64 -20.25 45.10 33.24
C GLY C 64 -20.43 46.57 33.53
N THR C 65 -19.31 47.30 33.41
CA THR C 65 -19.41 48.75 33.44
C THR C 65 -20.49 49.26 32.49
N THR C 66 -20.70 48.59 31.36
CA THR C 66 -21.83 48.89 30.47
C THR C 66 -23.14 48.22 30.93
N VAL C 67 -23.04 47.01 31.49
CA VAL C 67 -24.20 46.22 31.87
C VAL C 67 -25.09 47.00 32.83
N PHE C 68 -24.50 47.78 33.71
CA PHE C 68 -25.35 48.47 34.68
C PHE C 68 -26.19 49.55 34.01
N ALA C 69 -25.64 50.27 33.04
CA ALA C 69 -26.46 51.20 32.27
C ALA C 69 -27.52 50.47 31.47
N VAL C 70 -27.18 49.31 30.92
CA VAL C 70 -28.17 48.52 30.19
C VAL C 70 -29.33 48.13 31.09
N ILE C 71 -29.02 47.74 32.33
CA ILE C 71 -30.07 47.34 33.26
C ILE C 71 -30.94 48.53 33.63
N VAL C 72 -30.32 49.71 33.79
CA VAL C 72 -31.11 50.91 34.06
C VAL C 72 -32.07 51.17 32.90
N ARG C 73 -31.60 51.00 31.67
CA ARG C 73 -32.49 51.21 30.52
C ARG C 73 -33.63 50.21 30.52
N LEU C 74 -33.34 48.95 30.86
CA LEU C 74 -34.40 47.95 30.92
C LEU C 74 -35.43 48.30 31.98
N ALA C 75 -34.97 48.81 33.12
CA ALA C 75 -35.90 49.25 34.16
C ALA C 75 -36.78 50.38 33.65
N GLY C 76 -36.19 51.33 32.93
CA GLY C 76 -36.99 52.39 32.35
C GLY C 76 -38.04 51.86 31.39
N ILE C 77 -37.67 50.90 30.55
CA ILE C 77 -38.60 50.36 29.57
C ILE C 77 -39.74 49.64 30.26
N VAL C 78 -39.44 48.80 31.26
CA VAL C 78 -40.52 48.07 31.92
C VAL C 78 -41.42 49.03 32.70
N ASN C 79 -40.84 50.09 33.27
CA ASN C 79 -41.68 51.08 33.95
C ASN C 79 -42.62 51.76 32.97
N GLU C 80 -42.10 52.14 31.80
CA GLU C 80 -42.94 52.78 30.81
C GLU C 80 -44.01 51.84 30.29
N VAL C 81 -43.73 50.54 30.23
CA VAL C 81 -44.71 49.59 29.74
C VAL C 81 -45.82 49.39 30.74
N LEU C 82 -45.47 49.12 32.00
CA LEU C 82 -46.50 48.77 32.98
C LEU C 82 -47.38 49.95 33.34
N LEU C 83 -46.87 51.17 33.26
CA LEU C 83 -47.61 52.35 33.70
C LEU C 83 -47.81 53.34 32.57
N GLY C 84 -48.15 52.84 31.40
CA GLY C 84 -48.42 53.70 30.25
C GLY C 84 -47.22 54.53 29.81
N ALA D 1 2.96 25.97 77.86
CA ALA D 1 3.04 27.18 77.04
C ALA D 1 3.89 26.93 75.79
N ALA D 2 5.11 26.44 76.00
CA ALA D 2 6.02 26.11 74.91
C ALA D 2 6.25 24.62 74.74
N ASP D 3 6.16 23.84 75.83
CA ASP D 3 6.29 22.40 75.70
C ASP D 3 5.20 21.83 74.81
N ILE D 4 4.02 22.45 74.79
CA ILE D 4 2.95 21.98 73.92
C ILE D 4 3.33 22.18 72.46
N VAL D 5 3.92 23.33 72.13
CA VAL D 5 4.39 23.54 70.77
C VAL D 5 5.50 22.56 70.43
N GLN D 6 6.38 22.30 71.39
CA GLN D 6 7.47 21.36 71.13
C GLN D 6 6.94 19.97 70.83
N MET D 7 5.98 19.50 71.61
CA MET D 7 5.46 18.16 71.37
C MET D 7 4.66 18.10 70.08
N VAL D 8 3.96 19.18 69.72
CA VAL D 8 3.28 19.21 68.42
C VAL D 8 4.31 19.10 67.29
N GLU D 9 5.42 19.80 67.42
CA GLU D 9 6.44 19.73 66.38
C GLU D 9 7.07 18.34 66.29
N ASP D 10 7.30 17.70 67.44
CA ASP D 10 7.83 16.34 67.41
C ASP D 10 6.84 15.39 66.72
N LEU D 11 5.55 15.55 67.02
CA LEU D 11 4.55 14.74 66.35
C LEU D 11 4.58 14.95 64.85
N THR D 12 4.70 16.20 64.42
CA THR D 12 4.77 16.49 62.99
C THR D 12 6.00 15.85 62.36
N GLY D 13 7.13 15.87 63.06
CA GLY D 13 8.33 15.26 62.50
C GLY D 13 8.20 13.77 62.31
N LYS D 14 7.71 13.08 63.34
CA LYS D 14 7.50 11.64 63.22
C LYS D 14 6.53 11.34 62.09
N LEU D 15 5.45 12.11 61.99
CA LEU D 15 4.47 11.89 60.93
C LEU D 15 5.11 12.10 59.56
N THR D 16 6.01 13.07 59.43
CA THR D 16 6.65 13.30 58.14
C THR D 16 7.53 12.13 57.75
N ALA D 17 8.29 11.59 58.70
CA ALA D 17 9.10 10.41 58.39
C ALA D 17 8.22 9.26 57.90
N LEU D 18 7.16 8.97 58.66
CA LEU D 18 6.23 7.93 58.23
C LEU D 18 5.64 8.22 56.86
N ALA D 19 5.41 9.50 56.57
CA ALA D 19 4.79 9.85 55.29
C ALA D 19 5.74 9.58 54.14
N TRP D 20 7.02 9.88 54.31
CA TRP D 20 7.97 9.54 53.25
C TRP D 20 8.01 8.04 53.02
N ALA D 21 8.03 7.26 54.10
CA ALA D 21 8.02 5.81 53.95
C ALA D 21 6.80 5.34 53.18
N LEU D 22 5.62 5.85 53.55
CA LEU D 22 4.39 5.43 52.89
C LEU D 22 4.35 5.88 51.44
N PHE D 23 4.91 7.04 51.12
CA PHE D 23 4.94 7.48 49.73
C PHE D 23 5.74 6.51 48.88
N LEU D 24 6.92 6.11 49.38
CA LEU D 24 7.70 5.14 48.64
C LEU D 24 6.94 3.82 48.49
N LEU D 25 6.26 3.39 49.55
CA LEU D 25 5.48 2.16 49.47
C LEU D 25 4.39 2.27 48.40
N SER D 26 3.72 3.41 48.33
CA SER D 26 2.65 3.58 47.35
C SER D 26 3.21 3.58 45.93
N TRP D 27 4.35 4.23 45.73
CA TRP D 27 4.99 4.19 44.42
C TRP D 27 5.30 2.76 44.01
N SER D 28 5.85 1.97 44.94
CA SER D 28 6.16 0.58 44.63
C SER D 28 4.91 -0.21 44.30
N ILE D 29 3.84 -0.03 45.07
CA ILE D 29 2.60 -0.75 44.82
C ILE D 29 2.05 -0.41 43.45
N GLY D 30 2.05 0.87 43.10
CA GLY D 30 1.53 1.27 41.81
C GLY D 30 2.31 0.67 40.66
N TRP D 31 3.63 0.79 40.70
CA TRP D 31 4.42 0.27 39.60
C TRP D 31 4.46 -1.25 39.60
N THR D 32 4.10 -1.91 40.70
CA THR D 32 3.97 -3.35 40.67
C THR D 32 2.65 -3.77 40.03
N LEU D 33 1.58 -3.05 40.34
CA LEU D 33 0.30 -3.32 39.71
C LEU D 33 0.37 -3.09 38.21
N ARG D 34 1.14 -2.09 37.79
CA ARG D 34 1.16 -1.73 36.39
C ARG D 34 1.88 -2.77 35.53
N GLY D 35 2.84 -3.48 36.08
CA GLY D 35 3.61 -4.45 35.31
C GLY D 35 3.23 -5.90 35.46
N SER D 36 2.21 -6.20 36.26
CA SER D 36 1.83 -7.58 36.52
C SER D 36 1.23 -8.20 35.26
N PRO D 37 1.14 -9.54 35.22
CA PRO D 37 0.61 -10.20 34.03
C PRO D 37 -0.87 -9.93 33.77
N ILE D 38 -1.61 -9.47 34.77
CA ILE D 38 -3.04 -9.26 34.62
C ILE D 38 -3.32 -8.22 33.53
N PRO D 39 -4.08 -8.57 32.49
CA PRO D 39 -4.29 -7.63 31.38
C PRO D 39 -5.48 -6.70 31.58
N SER D 40 -6.01 -6.61 32.79
CA SER D 40 -7.13 -5.72 33.03
C SER D 40 -6.73 -4.27 32.85
N SER D 41 -7.72 -3.40 32.67
CA SER D 41 -7.47 -1.98 32.51
C SER D 41 -7.77 -1.18 33.78
N ARG D 42 -8.78 -1.60 34.55
CA ARG D 42 -9.08 -0.91 35.79
C ARG D 42 -7.89 -0.91 36.73
N ILE D 43 -7.15 -2.01 36.75
CA ILE D 43 -5.99 -2.09 37.63
C ILE D 43 -4.86 -1.21 37.14
N LYS D 44 -4.67 -1.10 35.83
CA LYS D 44 -3.71 -0.13 35.31
C LYS D 44 -4.11 1.29 35.73
N ARG D 45 -5.41 1.59 35.68
CA ARG D 45 -5.87 2.91 36.10
C ARG D 45 -5.58 3.15 37.57
N VAL D 46 -5.81 2.13 38.41
CA VAL D 46 -5.54 2.27 39.84
C VAL D 46 -4.05 2.51 40.07
N GLY D 47 -3.20 1.77 39.38
CA GLY D 47 -1.77 1.98 39.53
C GLY D 47 -1.34 3.36 39.11
N ASN D 48 -1.88 3.86 38.00
CA ASN D 48 -1.56 5.21 37.56
C ASN D 48 -1.96 6.23 38.60
N SER D 49 -3.18 6.12 39.13
CA SER D 49 -3.62 7.06 40.14
C SER D 49 -2.73 7.01 41.37
N LEU D 50 -2.33 5.80 41.77
CA LEU D 50 -1.46 5.67 42.94
C LEU D 50 -0.14 6.39 42.73
N ILE D 51 0.54 6.11 41.62
CA ILE D 51 1.87 6.69 41.44
C ILE D 51 1.78 8.20 41.25
N GLU D 52 0.72 8.66 40.57
CA GLU D 52 0.57 10.09 40.36
C GLU D 52 0.33 10.82 41.68
N ASP D 53 -0.59 10.31 42.50
CA ASP D 53 -0.83 10.94 43.79
C ASP D 53 0.40 10.89 44.68
N SER D 54 1.17 9.79 44.58
CA SER D 54 2.38 9.70 45.37
C SER D 54 3.36 10.82 45.02
N MET D 55 3.65 10.98 43.73
CA MET D 55 4.55 12.06 43.32
C MET D 55 4.01 13.42 43.74
N TRP D 56 2.71 13.64 43.52
CA TRP D 56 2.10 14.91 43.86
C TRP D 56 2.30 15.27 45.33
N ALA D 57 1.92 14.36 46.23
CA ALA D 57 2.03 14.65 47.65
C ALA D 57 3.48 14.76 48.09
N ALA D 58 4.35 13.91 47.56
CA ALA D 58 5.76 13.97 47.93
C ALA D 58 6.35 15.33 47.55
N LEU D 59 5.91 15.90 46.45
CA LEU D 59 6.35 17.25 46.13
C LEU D 59 5.74 18.26 47.10
N TRP D 60 4.44 18.15 47.35
CA TRP D 60 3.75 19.25 48.01
C TRP D 60 4.05 19.34 49.49
N LEU D 61 4.59 18.28 50.11
CA LEU D 61 4.83 18.33 51.55
C LEU D 61 5.83 19.44 51.92
N ALA D 62 7.07 19.32 51.43
CA ALA D 62 8.06 20.34 51.74
C ALA D 62 7.68 21.70 51.17
N LEU D 63 7.10 21.69 49.98
CA LEU D 63 6.57 22.93 49.42
C LEU D 63 5.63 23.61 50.39
N GLY D 64 4.84 22.86 51.15
CA GLY D 64 3.95 23.48 52.10
C GLY D 64 4.67 24.04 53.30
N THR D 65 5.68 23.28 53.74
CA THR D 65 6.58 23.84 54.74
C THR D 65 7.07 25.23 54.35
N THR D 66 7.25 25.49 53.06
CA THR D 66 7.55 26.83 52.56
C THR D 66 6.29 27.70 52.39
N VAL D 67 5.18 27.08 51.99
CA VAL D 67 3.95 27.79 51.70
C VAL D 67 3.50 28.61 52.89
N PHE D 68 3.70 28.11 54.10
CA PHE D 68 3.20 28.86 55.24
C PHE D 68 3.98 30.15 55.45
N ALA D 69 5.30 30.12 55.24
CA ALA D 69 6.07 31.35 55.27
C ALA D 69 5.66 32.29 54.15
N VAL D 70 5.37 31.74 52.96
CA VAL D 70 4.91 32.58 51.86
C VAL D 70 3.61 33.28 52.23
N ILE D 71 2.70 32.57 52.87
CA ILE D 71 1.42 33.15 53.26
C ILE D 71 1.63 34.24 54.30
N VAL D 72 2.55 34.01 55.24
CA VAL D 72 2.86 35.07 56.21
C VAL D 72 3.37 36.31 55.50
N ARG D 73 4.22 36.13 54.49
CA ARG D 73 4.73 37.29 53.76
C ARG D 73 3.59 38.02 53.03
N LEU D 74 2.67 37.27 52.45
CA LEU D 74 1.53 37.90 51.78
C LEU D 74 0.68 38.68 52.76
N ALA D 75 0.49 38.14 53.96
CA ALA D 75 -0.24 38.87 54.99
C ALA D 75 0.46 40.16 55.34
N GLY D 76 1.78 40.12 55.47
CA GLY D 76 2.52 41.34 55.74
C GLY D 76 2.36 42.37 54.63
N ILE D 77 2.39 41.91 53.37
CA ILE D 77 2.27 42.84 52.26
C ILE D 77 0.89 43.49 52.23
N VAL D 78 -0.17 42.68 52.42
CA VAL D 78 -1.50 43.28 52.36
C VAL D 78 -1.73 44.20 53.55
N ASN D 79 -1.15 43.87 54.72
CA ASN D 79 -1.26 44.79 55.85
C ASN D 79 -0.58 46.11 55.56
N GLU D 80 0.62 46.05 54.97
CA GLU D 80 1.33 47.29 54.65
C GLU D 80 0.60 48.08 53.58
N VAL D 81 -0.10 47.41 52.67
CA VAL D 81 -0.82 48.12 51.63
C VAL D 81 -2.05 48.82 52.19
N LEU D 82 -2.88 48.11 52.96
CA LEU D 82 -4.14 48.69 53.39
C LEU D 82 -3.95 49.78 54.44
N LEU D 83 -2.88 49.73 55.22
CA LEU D 83 -2.67 50.67 56.31
C LEU D 83 -1.38 51.46 56.13
N GLY D 84 -1.11 51.90 54.92
CA GLY D 84 0.07 52.71 54.64
C GLY D 84 1.38 52.00 54.92
N ALA E 1 -27.33 -15.04 72.93
CA ALA E 1 -25.98 -14.52 73.15
C ALA E 1 -25.02 -15.06 72.10
N ALA E 2 -24.98 -16.38 71.95
CA ALA E 2 -24.14 -17.05 70.97
C ALA E 2 -24.93 -17.70 69.85
N ASP E 3 -26.17 -18.14 70.11
CA ASP E 3 -26.99 -18.69 69.05
C ASP E 3 -27.26 -17.66 67.96
N ILE E 4 -27.31 -16.39 68.33
CA ILE E 4 -27.51 -15.34 67.34
C ILE E 4 -26.31 -15.26 66.40
N VAL E 5 -25.09 -15.34 66.96
CA VAL E 5 -23.90 -15.36 66.12
C VAL E 5 -23.89 -16.61 65.25
N GLN E 6 -24.31 -17.74 65.81
CA GLN E 6 -24.32 -18.97 65.03
C GLN E 6 -25.27 -18.86 63.84
N MET E 7 -26.48 -18.33 64.06
CA MET E 7 -27.41 -18.22 62.96
C MET E 7 -26.97 -17.18 61.94
N VAL E 8 -26.31 -16.11 62.38
CA VAL E 8 -25.76 -15.16 61.42
C VAL E 8 -24.70 -15.84 60.56
N GLU E 9 -23.87 -16.68 61.16
CA GLU E 9 -22.84 -17.36 60.38
C GLU E 9 -23.45 -18.37 59.41
N ASP E 10 -24.50 -19.07 59.83
CA ASP E 10 -25.18 -19.98 58.91
C ASP E 10 -25.77 -19.22 57.72
N LEU E 11 -26.37 -18.07 58.00
CA LEU E 11 -26.91 -17.25 56.92
C LEU E 11 -25.81 -16.84 55.96
N THR E 12 -24.65 -16.43 56.51
CA THR E 12 -23.54 -16.04 55.64
C THR E 12 -23.07 -17.21 54.79
N GLY E 13 -23.03 -18.42 55.36
CA GLY E 13 -22.60 -19.57 54.58
C GLY E 13 -23.54 -19.88 53.43
N LYS E 14 -24.84 -19.91 53.71
CA LYS E 14 -25.80 -20.15 52.64
C LYS E 14 -25.68 -19.08 51.56
N LEU E 15 -25.54 -17.83 51.97
CA LEU E 15 -25.42 -16.75 51.01
C LEU E 15 -24.16 -16.91 50.16
N THR E 16 -23.07 -17.39 50.76
CA THR E 16 -21.85 -17.57 49.99
C THR E 16 -22.02 -18.67 48.94
N ALA E 17 -22.66 -19.77 49.30
CA ALA E 17 -22.92 -20.81 48.30
C ALA E 17 -23.74 -20.25 47.14
N LEU E 18 -24.83 -19.57 47.46
CA LEU E 18 -25.64 -18.95 46.42
C LEU E 18 -24.83 -17.98 45.58
N ALA E 19 -23.88 -17.27 46.21
CA ALA E 19 -23.10 -16.29 45.49
C ALA E 19 -22.17 -16.95 44.48
N TRP E 20 -21.55 -18.07 44.86
CA TRP E 20 -20.73 -18.77 43.89
C TRP E 20 -21.56 -19.24 42.71
N ALA E 21 -22.75 -19.78 42.98
CA ALA E 21 -23.62 -20.21 41.89
C ALA E 21 -23.95 -19.04 40.97
N LEU E 22 -24.32 -17.90 41.54
CA LEU E 22 -24.68 -16.75 40.73
C LEU E 22 -23.50 -16.20 39.95
N PHE E 23 -22.30 -16.26 40.52
CA PHE E 23 -21.12 -15.79 39.79
C PHE E 23 -20.90 -16.64 38.55
N LEU E 24 -21.00 -17.96 38.69
CA LEU E 24 -20.86 -18.80 37.51
C LEU E 24 -21.95 -18.50 36.48
N LEU E 25 -23.18 -18.28 36.95
CA LEU E 25 -24.26 -17.94 36.02
C LEU E 25 -23.96 -16.66 35.28
N SER E 26 -23.43 -15.65 35.96
CA SER E 26 -23.14 -14.37 35.31
C SER E 26 -22.02 -14.52 34.30
N TRP E 27 -21.00 -15.30 34.63
CA TRP E 27 -19.95 -15.58 33.66
C TRP E 27 -20.51 -16.23 32.41
N SER E 28 -21.40 -17.21 32.58
CA SER E 28 -22.00 -17.87 31.43
C SER E 28 -22.83 -16.90 30.61
N ILE E 29 -23.62 -16.05 31.26
CA ILE E 29 -24.45 -15.09 30.53
C ILE E 29 -23.58 -14.14 29.72
N GLY E 30 -22.51 -13.64 30.34
CA GLY E 30 -21.65 -12.70 29.63
C GLY E 30 -21.00 -13.33 28.42
N TRP E 31 -20.42 -14.52 28.59
CA TRP E 31 -19.76 -15.13 27.45
C TRP E 31 -20.74 -15.65 26.42
N THR E 32 -22.01 -15.80 26.77
CA THR E 32 -23.01 -16.15 25.76
C THR E 32 -23.41 -14.92 24.97
N LEU E 33 -23.57 -13.78 25.65
CA LEU E 33 -23.87 -12.55 24.94
C LEU E 33 -22.75 -12.17 24.00
N ARG E 34 -21.51 -12.44 24.40
CA ARG E 34 -20.38 -11.99 23.60
C ARG E 34 -20.23 -12.76 22.30
N GLY E 35 -20.67 -14.02 22.25
CA GLY E 35 -20.51 -14.84 21.07
C GLY E 35 -21.73 -14.99 20.19
N SER E 36 -22.84 -14.37 20.53
CA SER E 36 -24.07 -14.53 19.78
C SER E 36 -23.95 -13.87 18.41
N PRO E 37 -24.84 -14.21 17.47
CA PRO E 37 -24.74 -13.64 16.12
C PRO E 37 -25.00 -12.14 16.06
N ILE E 38 -25.62 -11.56 17.08
CA ILE E 38 -25.97 -10.14 17.06
C ILE E 38 -24.71 -9.28 16.95
N PRO E 39 -24.61 -8.45 15.93
CA PRO E 39 -23.36 -7.67 15.73
C PRO E 39 -23.36 -6.33 16.45
N SER E 40 -24.27 -6.12 17.39
CA SER E 40 -24.30 -4.87 18.13
C SER E 40 -23.05 -4.73 19.00
N SER E 41 -22.76 -3.49 19.40
CA SER E 41 -21.62 -3.23 20.26
C SER E 41 -22.02 -3.02 21.71
N ARG E 42 -23.18 -2.42 21.96
CA ARG E 42 -23.62 -2.23 23.33
C ARG E 42 -23.73 -3.56 24.07
N ILE E 43 -24.18 -4.59 23.37
CA ILE E 43 -24.32 -5.88 24.01
C ILE E 43 -22.95 -6.52 24.28
N LYS E 44 -21.98 -6.33 23.40
CA LYS E 44 -20.62 -6.76 23.72
C LYS E 44 -20.11 -6.04 24.96
N ARG E 45 -20.41 -4.75 25.08
CA ARG E 45 -19.99 -4.00 26.27
C ARG E 45 -20.63 -4.56 27.52
N VAL E 46 -21.92 -4.89 27.44
CA VAL E 46 -22.62 -5.45 28.60
C VAL E 46 -22.01 -6.78 28.99
N GLY E 47 -21.72 -7.64 28.01
CA GLY E 47 -21.09 -8.91 28.32
C GLY E 47 -19.73 -8.75 28.96
N ASN E 48 -18.93 -7.80 28.45
CA ASN E 48 -17.62 -7.56 29.05
C ASN E 48 -17.76 -7.12 30.50
N SER E 49 -18.67 -6.17 30.76
CA SER E 49 -18.86 -5.72 32.13
C SER E 49 -19.30 -6.87 33.02
N LEU E 50 -20.19 -7.72 32.53
CA LEU E 50 -20.66 -8.86 33.33
C LEU E 50 -19.50 -9.77 33.71
N ILE E 51 -18.72 -10.21 32.73
CA ILE E 51 -17.68 -11.19 33.03
C ILE E 51 -16.60 -10.56 33.91
N GLU E 52 -16.31 -9.28 33.69
CA GLU E 52 -15.28 -8.62 34.50
C GLU E 52 -15.72 -8.50 35.94
N ASP E 53 -16.95 -8.03 36.18
CA ASP E 53 -17.44 -7.93 37.54
C ASP E 53 -17.53 -9.29 38.20
N SER E 54 -17.88 -10.32 37.43
CA SER E 54 -17.95 -11.66 37.99
C SER E 54 -16.60 -12.10 38.51
N MET E 55 -15.55 -11.99 37.69
CA MET E 55 -14.21 -12.37 38.15
C MET E 55 -13.80 -11.53 39.35
N TRP E 56 -14.04 -10.23 39.29
CA TRP E 56 -13.66 -9.33 40.39
C TRP E 56 -14.27 -9.77 41.71
N ALA E 57 -15.59 -9.94 41.74
CA ALA E 57 -16.24 -10.30 43.00
C ALA E 57 -15.85 -11.71 43.45
N ALA E 58 -15.73 -12.64 42.51
CA ALA E 58 -15.34 -14.00 42.89
C ALA E 58 -13.98 -14.00 43.54
N LEU E 59 -13.08 -13.15 43.09
CA LEU E 59 -11.80 -13.02 43.79
C LEU E 59 -11.99 -12.38 45.16
N TRP E 60 -12.75 -11.30 45.22
CA TRP E 60 -12.72 -10.49 46.43
C TRP E 60 -13.47 -11.10 47.59
N LEU E 61 -14.33 -12.08 47.35
CA LEU E 61 -15.11 -12.64 48.45
C LEU E 61 -14.20 -13.29 49.52
N ALA E 62 -13.46 -14.34 49.12
CA ALA E 62 -12.58 -15.00 50.08
C ALA E 62 -11.48 -14.07 50.55
N LEU E 63 -10.97 -13.24 49.65
CA LEU E 63 -10.01 -12.22 50.06
C LEU E 63 -10.55 -11.38 51.19
N GLY E 64 -11.85 -11.09 51.22
CA GLY E 64 -12.40 -10.30 52.31
C GLY E 64 -12.49 -11.09 53.60
N THR E 65 -12.86 -12.37 53.45
CA THR E 65 -12.74 -13.26 54.59
C THR E 65 -11.38 -13.16 55.26
N THR E 66 -10.33 -12.92 54.48
CA THR E 66 -9.01 -12.63 55.04
C THR E 66 -8.83 -11.16 55.45
N VAL E 67 -9.45 -10.25 54.70
CA VAL E 67 -9.30 -8.81 54.92
C VAL E 67 -9.68 -8.44 56.33
N PHE E 68 -10.69 -9.09 56.89
CA PHE E 68 -11.11 -8.68 58.22
C PHE E 68 -10.06 -9.03 59.28
N ALA E 69 -9.42 -10.19 59.15
CA ALA E 69 -8.31 -10.50 60.04
C ALA E 69 -7.14 -9.54 59.82
N VAL E 70 -6.89 -9.16 58.58
CA VAL E 70 -5.82 -8.19 58.30
C VAL E 70 -6.12 -6.87 59.00
N ILE E 71 -7.37 -6.43 58.96
CA ILE E 71 -7.74 -5.17 59.59
C ILE E 71 -7.59 -5.27 61.10
N VAL E 72 -7.96 -6.42 61.68
CA VAL E 72 -7.74 -6.60 63.11
C VAL E 72 -6.26 -6.48 63.44
N ARG E 73 -5.40 -7.08 62.62
CA ARG E 73 -3.96 -6.97 62.88
C ARG E 73 -3.49 -5.52 62.79
N LEU E 74 -4.00 -4.77 61.81
CA LEU E 74 -3.62 -3.37 61.70
C LEU E 74 -4.07 -2.58 62.93
N ALA E 75 -5.25 -2.89 63.44
CA ALA E 75 -5.71 -2.24 64.66
C ALA E 75 -4.79 -2.55 65.83
N GLY E 76 -4.36 -3.80 65.94
CA GLY E 76 -3.42 -4.15 66.99
C GLY E 76 -2.11 -3.39 66.85
N ILE E 77 -1.60 -3.26 65.63
CA ILE E 77 -0.34 -2.56 65.42
C ILE E 77 -0.46 -1.08 65.79
N VAL E 78 -1.54 -0.43 65.35
CA VAL E 78 -1.65 0.99 65.66
C VAL E 78 -1.88 1.20 67.15
N ASN E 79 -2.59 0.28 67.81
CA ASN E 79 -2.74 0.40 69.26
C ASN E 79 -1.41 0.26 69.96
N GLU E 80 -0.59 -0.69 69.53
CA GLU E 80 0.72 -0.86 70.15
C GLU E 80 1.63 0.32 69.87
N VAL E 81 1.46 0.98 68.73
CA VAL E 81 2.29 2.13 68.41
C VAL E 81 1.91 3.33 69.26
N LEU E 82 0.62 3.66 69.31
CA LEU E 82 0.21 4.89 69.98
C LEU E 82 0.37 4.81 71.48
N LEU E 83 0.27 3.62 72.07
CA LEU E 83 0.29 3.47 73.51
C LEU E 83 1.45 2.59 73.97
N GLY E 84 2.62 2.79 73.38
CA GLY E 84 3.80 2.04 73.77
C GLY E 84 3.70 0.55 73.54
N ALA F 1 -63.82 0.55 40.39
CA ALA F 1 -63.06 -0.56 40.96
C ALA F 1 -62.37 -1.35 39.86
N ALA F 2 -63.14 -1.78 38.86
CA ALA F 2 -62.60 -2.51 37.72
C ALA F 2 -62.65 -1.73 36.42
N ASP F 3 -63.62 -0.82 36.27
CA ASP F 3 -63.65 0.03 35.09
C ASP F 3 -62.38 0.88 34.98
N ILE F 4 -61.80 1.24 36.11
CA ILE F 4 -60.57 2.02 36.08
C ILE F 4 -59.43 1.18 35.49
N VAL F 5 -59.33 -0.08 35.90
CA VAL F 5 -58.33 -0.97 35.31
C VAL F 5 -58.61 -1.17 33.82
N GLN F 6 -59.88 -1.29 33.46
CA GLN F 6 -60.20 -1.49 32.05
C GLN F 6 -59.77 -0.29 31.21
N MET F 7 -60.05 0.92 31.69
CA MET F 7 -59.67 2.09 30.91
C MET F 7 -58.15 2.27 30.88
N VAL F 8 -57.46 1.91 31.96
CA VAL F 8 -56.00 1.95 31.91
C VAL F 8 -55.47 0.99 30.86
N GLU F 9 -56.07 -0.20 30.77
CA GLU F 9 -55.61 -1.16 29.78
C GLU F 9 -55.91 -0.68 28.36
N ASP F 10 -57.07 -0.06 28.15
CA ASP F 10 -57.36 0.49 26.83
C ASP F 10 -56.36 1.57 26.45
N LEU F 11 -56.02 2.43 27.42
CA LEU F 11 -55.02 3.45 27.15
C LEU F 11 -53.69 2.83 26.77
N THR F 12 -53.28 1.77 27.49
CA THR F 12 -52.04 1.10 27.16
C THR F 12 -52.07 0.50 25.76
N GLY F 13 -53.22 -0.07 25.37
CA GLY F 13 -53.31 -0.65 24.04
C GLY F 13 -53.17 0.39 22.94
N LYS F 14 -53.90 1.50 23.07
CA LYS F 14 -53.78 2.57 22.08
C LYS F 14 -52.35 3.07 22.02
N LEU F 15 -51.72 3.26 23.18
CA LEU F 15 -50.34 3.73 23.22
C LEU F 15 -49.41 2.75 22.53
N THR F 16 -49.65 1.46 22.68
CA THR F 16 -48.79 0.46 22.04
C THR F 16 -48.92 0.52 20.52
N ALA F 17 -50.14 0.67 20.01
CA ALA F 17 -50.30 0.82 18.57
C ALA F 17 -49.54 2.03 18.05
N LEU F 18 -49.74 3.17 18.71
CA LEU F 18 -49.00 4.37 18.32
C LEU F 18 -47.50 4.15 18.40
N ALA F 19 -47.04 3.37 19.38
CA ALA F 19 -45.62 3.16 19.55
C ALA F 19 -45.05 2.34 18.41
N TRP F 20 -45.76 1.33 17.95
CA TRP F 20 -45.29 0.58 16.79
C TRP F 20 -45.18 1.49 15.58
N ALA F 21 -46.20 2.33 15.37
CA ALA F 21 -46.15 3.26 14.24
C ALA F 21 -44.92 4.17 14.33
N LEU F 22 -44.69 4.73 15.51
CA LEU F 22 -43.56 5.64 15.67
C LEU F 22 -42.23 4.93 15.53
N PHE F 23 -42.13 3.68 15.95
CA PHE F 23 -40.89 2.94 15.78
C PHE F 23 -40.57 2.78 14.31
N LEU F 24 -41.57 2.40 13.51
CA LEU F 24 -41.33 2.29 12.08
C LEU F 24 -40.93 3.64 11.49
N LEU F 25 -41.58 4.72 11.93
CA LEU F 25 -41.22 6.03 11.43
C LEU F 25 -39.77 6.38 11.77
N SER F 26 -39.32 6.05 12.98
CA SER F 26 -37.96 6.36 13.36
C SER F 26 -36.96 5.55 12.57
N TRP F 27 -37.26 4.27 12.32
CA TRP F 27 -36.40 3.47 11.47
C TRP F 27 -36.28 4.09 10.08
N SER F 28 -37.40 4.52 9.51
CA SER F 28 -37.34 5.15 8.19
C SER F 28 -36.52 6.43 8.21
N ILE F 29 -36.71 7.27 9.23
CA ILE F 29 -35.95 8.51 9.30
C ILE F 29 -34.47 8.23 9.40
N GLY F 30 -34.08 7.27 10.24
CA GLY F 30 -32.67 6.97 10.39
C GLY F 30 -32.05 6.49 9.09
N TRP F 31 -32.69 5.51 8.45
CA TRP F 31 -32.11 4.99 7.22
C TRP F 31 -32.21 5.98 6.06
N THR F 32 -33.06 7.00 6.17
CA THR F 32 -33.04 8.04 5.16
C THR F 32 -31.91 9.02 5.39
N LEU F 33 -31.65 9.36 6.65
CA LEU F 33 -30.51 10.22 6.96
C LEU F 33 -29.21 9.55 6.57
N ARG F 34 -29.13 8.23 6.71
CA ARG F 34 -27.86 7.55 6.49
C ARG F 34 -27.50 7.49 5.01
N GLY F 35 -28.47 7.48 4.11
CA GLY F 35 -28.20 7.37 2.69
C GLY F 35 -28.25 8.65 1.89
N SER F 36 -28.51 9.78 2.53
CA SER F 36 -28.64 11.04 1.82
C SER F 36 -27.29 11.49 1.25
N PRO F 37 -27.30 12.42 0.29
CA PRO F 37 -26.03 12.86 -0.30
C PRO F 37 -25.11 13.60 0.66
N ILE F 38 -25.62 14.10 1.78
CA ILE F 38 -24.82 14.89 2.71
C ILE F 38 -23.67 14.04 3.26
N PRO F 39 -22.42 14.47 3.08
CA PRO F 39 -21.28 13.65 3.50
C PRO F 39 -20.84 13.90 4.94
N SER F 40 -21.68 14.56 5.73
CA SER F 40 -21.32 14.80 7.12
C SER F 40 -21.27 13.50 7.91
N SER F 41 -20.58 13.55 9.05
CA SER F 41 -20.49 12.37 9.91
C SER F 41 -21.42 12.43 11.10
N ARG F 42 -21.66 13.63 11.65
CA ARG F 42 -22.58 13.76 12.77
C ARG F 42 -23.96 13.24 12.41
N ILE F 43 -24.39 13.48 11.17
CA ILE F 43 -25.71 13.02 10.76
C ILE F 43 -25.74 11.51 10.59
N LYS F 44 -24.65 10.91 10.11
CA LYS F 44 -24.59 9.45 10.11
C LYS F 44 -24.68 8.90 11.52
N ARG F 45 -24.03 9.56 12.48
CA ARG F 45 -24.11 9.13 13.87
C ARG F 45 -25.54 9.22 14.38
N VAL F 46 -26.23 10.31 14.05
CA VAL F 46 -27.62 10.47 14.50
C VAL F 46 -28.50 9.38 13.90
N GLY F 47 -28.32 9.09 12.62
CA GLY F 47 -29.10 8.03 12.01
C GLY F 47 -28.85 6.67 12.64
N ASN F 48 -27.58 6.38 12.94
CA ASN F 48 -27.26 5.12 13.60
C ASN F 48 -27.93 5.03 14.96
N SER F 49 -27.84 6.09 15.75
CA SER F 49 -28.49 6.07 17.06
C SER F 49 -29.99 5.88 16.93
N LEU F 50 -30.60 6.53 15.94
CA LEU F 50 -32.04 6.39 15.75
C LEU F 50 -32.42 4.94 15.45
N ILE F 51 -31.76 4.33 14.47
CA ILE F 51 -32.18 2.99 14.08
C ILE F 51 -31.88 1.99 15.19
N GLU F 52 -30.78 2.19 15.90
CA GLU F 52 -30.43 1.27 16.97
C GLU F 52 -31.45 1.34 18.11
N ASP F 53 -31.78 2.56 18.55
CA ASP F 53 -32.78 2.71 19.60
C ASP F 53 -34.13 2.18 19.16
N SER F 54 -34.46 2.35 17.88
CA SER F 54 -35.72 1.84 17.38
C SER F 54 -35.80 0.33 17.53
N MET F 55 -34.78 -0.38 17.03
CA MET F 55 -34.77 -1.83 17.17
C MET F 55 -34.81 -2.24 18.64
N TRP F 56 -34.01 -1.58 19.47
CA TRP F 56 -33.95 -1.92 20.90
C TRP F 56 -35.32 -1.83 21.54
N ALA F 57 -35.99 -0.69 21.40
CA ALA F 57 -37.29 -0.52 22.05
C ALA F 57 -38.34 -1.45 21.45
N ALA F 58 -38.32 -1.63 20.13
CA ALA F 58 -39.29 -2.52 19.50
C ALA F 58 -39.16 -3.93 20.03
N LEU F 59 -37.93 -4.36 20.33
CA LEU F 59 -37.77 -5.66 20.97
C LEU F 59 -38.30 -5.62 22.40
N TRP F 60 -37.92 -4.58 23.16
CA TRP F 60 -38.13 -4.65 24.59
C TRP F 60 -39.58 -4.47 25.00
N LEU F 61 -40.44 -3.93 24.12
CA LEU F 61 -41.81 -3.68 24.53
C LEU F 61 -42.54 -4.98 24.90
N ALA F 62 -42.69 -5.90 23.93
CA ALA F 62 -43.37 -7.16 24.22
C ALA F 62 -42.58 -7.98 25.25
N LEU F 63 -41.26 -7.95 25.17
CA LEU F 63 -40.46 -8.59 26.20
C LEU F 63 -40.85 -8.11 27.58
N GLY F 64 -41.20 -6.85 27.74
CA GLY F 64 -41.59 -6.36 29.05
C GLY F 64 -42.96 -6.85 29.45
N THR F 65 -43.85 -6.90 28.48
CA THR F 65 -45.12 -7.58 28.71
C THR F 65 -44.92 -8.95 29.32
N THR F 66 -43.84 -9.65 28.96
CA THR F 66 -43.46 -10.89 29.62
C THR F 66 -42.68 -10.68 30.91
N VAL F 67 -41.86 -9.63 30.97
CA VAL F 67 -40.98 -9.36 32.10
C VAL F 67 -41.78 -9.24 33.38
N PHE F 68 -42.98 -8.67 33.31
CA PHE F 68 -43.72 -8.48 34.54
C PHE F 68 -44.19 -9.82 35.13
N ALA F 69 -44.60 -10.75 34.27
CA ALA F 69 -44.92 -12.09 34.76
C ALA F 69 -43.67 -12.78 35.30
N VAL F 70 -42.53 -12.57 34.65
CA VAL F 70 -41.29 -13.16 35.14
C VAL F 70 -40.97 -12.64 36.54
N ILE F 71 -41.17 -11.34 36.76
CA ILE F 71 -40.89 -10.75 38.07
C ILE F 71 -41.84 -11.29 39.11
N VAL F 72 -43.11 -11.49 38.74
CA VAL F 72 -44.05 -12.10 39.68
C VAL F 72 -43.58 -13.50 40.06
N ARG F 73 -43.10 -14.27 39.09
CA ARG F 73 -42.60 -15.60 39.42
C ARG F 73 -41.40 -15.55 40.34
N LEU F 74 -40.50 -14.60 40.11
CA LEU F 74 -39.34 -14.46 41.01
C LEU F 74 -39.78 -14.10 42.42
N ALA F 75 -40.79 -13.24 42.54
CA ALA F 75 -41.32 -12.91 43.86
C ALA F 75 -41.88 -14.15 44.53
N GLY F 76 -42.61 -14.97 43.79
CA GLY F 76 -43.11 -16.22 44.36
C GLY F 76 -41.99 -17.13 44.84
N ILE F 77 -40.93 -17.24 44.04
CA ILE F 77 -39.82 -18.11 44.42
C ILE F 77 -39.13 -17.61 45.67
N VAL F 78 -38.85 -16.31 45.75
CA VAL F 78 -38.16 -15.81 46.94
C VAL F 78 -39.05 -15.91 48.17
N ASN F 79 -40.37 -15.73 48.00
CA ASN F 79 -41.27 -15.92 49.13
C ASN F 79 -41.24 -17.36 49.62
N GLU F 80 -41.28 -18.30 48.69
CA GLU F 80 -41.24 -19.71 49.08
C GLU F 80 -39.92 -20.07 49.72
N VAL F 81 -38.83 -19.42 49.31
CA VAL F 81 -37.53 -19.74 49.89
C VAL F 81 -37.43 -19.20 51.31
N LEU F 82 -37.77 -17.93 51.51
CA LEU F 82 -37.54 -17.33 52.83
C LEU F 82 -38.48 -17.87 53.89
N LEU F 83 -39.68 -18.32 53.51
CA LEU F 83 -40.68 -18.76 54.46
C LEU F 83 -41.08 -20.21 54.25
N GLY F 84 -40.10 -21.06 54.00
CA GLY F 84 -40.34 -22.48 53.83
C GLY F 84 -41.23 -22.81 52.64
N ALA G 1 -1.16 51.18 46.79
CA ALA G 1 -2.07 51.59 45.74
C ALA G 1 -1.48 51.30 44.37
N ALA G 2 -0.26 51.80 44.14
CA ALA G 2 0.47 51.58 42.89
C ALA G 2 1.67 50.68 43.05
N ASP G 3 2.31 50.67 44.22
CA ASP G 3 3.42 49.76 44.44
C ASP G 3 2.98 48.31 44.32
N ILE G 4 1.72 48.02 44.65
CA ILE G 4 1.22 46.66 44.50
C ILE G 4 1.16 46.27 43.03
N VAL G 5 0.70 47.18 42.18
CA VAL G 5 0.69 46.92 40.75
C VAL G 5 2.12 46.78 40.24
N GLN G 6 3.03 47.60 40.74
CA GLN G 6 4.42 47.51 40.29
C GLN G 6 5.02 46.16 40.63
N MET G 7 4.80 45.68 41.86
CA MET G 7 5.37 44.40 42.24
C MET G 7 4.71 43.25 41.49
N VAL G 8 3.41 43.35 41.20
CA VAL G 8 2.78 42.32 40.38
C VAL G 8 3.41 42.29 39.00
N GLU G 9 3.69 43.46 38.43
CA GLU G 9 4.30 43.49 37.10
C GLU G 9 5.71 42.92 37.13
N ASP G 10 6.48 43.22 38.19
CA ASP G 10 7.82 42.64 38.29
C ASP G 10 7.74 41.12 38.38
N LEU G 11 6.79 40.61 39.17
CA LEU G 11 6.61 39.17 39.26
C LEU G 11 6.29 38.58 37.89
N THR G 12 5.41 39.24 37.13
CA THR G 12 5.09 38.75 35.81
C THR G 12 6.31 38.74 34.89
N GLY G 13 7.15 39.77 34.99
CA GLY G 13 8.34 39.80 34.16
C GLY G 13 9.29 38.67 34.46
N LYS G 14 9.59 38.46 35.74
CA LYS G 14 10.46 37.35 36.12
C LYS G 14 9.88 36.03 35.65
N LEU G 15 8.58 35.85 35.83
CA LEU G 15 7.94 34.61 35.40
C LEU G 15 8.05 34.43 33.90
N THR G 16 7.95 35.52 33.14
CA THR G 16 8.06 35.39 31.69
C THR G 16 9.46 34.96 31.27
N ALA G 17 10.49 35.53 31.90
CA ALA G 17 11.85 35.09 31.60
C ALA G 17 12.01 33.60 31.88
N LEU G 18 11.59 33.17 33.07
CA LEU G 18 11.67 31.76 33.39
C LEU G 18 10.88 30.92 32.40
N ALA G 19 9.76 31.44 31.90
CA ALA G 19 8.94 30.66 30.99
C ALA G 19 9.64 30.47 29.66
N TRP G 20 10.32 31.50 29.15
CA TRP G 20 11.07 31.32 27.92
C TRP G 20 12.15 30.26 28.11
N ALA G 21 12.86 30.31 29.24
CA ALA G 21 13.89 29.31 29.50
C ALA G 21 13.29 27.91 29.50
N LEU G 22 12.17 27.73 30.20
CA LEU G 22 11.55 26.40 30.29
C LEU G 22 11.02 25.95 28.95
N PHE G 23 10.53 26.86 28.12
CA PHE G 23 10.06 26.45 26.79
C PHE G 23 11.20 25.89 25.97
N LEU G 24 12.36 26.57 25.99
CA LEU G 24 13.49 26.03 25.27
C LEU G 24 13.91 24.68 25.82
N LEU G 25 13.88 24.53 27.15
CA LEU G 25 14.23 23.24 27.76
C LEU G 25 13.28 22.15 27.29
N SER G 26 11.99 22.45 27.22
CA SER G 26 11.02 21.44 26.79
C SER G 26 11.22 21.06 25.34
N TRP G 27 11.50 22.04 24.49
CA TRP G 27 11.81 21.74 23.10
C TRP G 27 13.00 20.80 23.00
N SER G 28 14.06 21.08 23.77
CA SER G 28 15.24 20.22 23.74
C SER G 28 14.91 18.81 24.22
N ILE G 29 14.15 18.70 25.30
CA ILE G 29 13.80 17.38 25.82
C ILE G 29 13.01 16.59 24.79
N GLY G 30 12.03 17.24 24.15
CA GLY G 30 11.23 16.53 23.17
C GLY G 30 12.06 16.03 22.00
N TRP G 31 12.88 16.91 21.43
CA TRP G 31 13.66 16.49 20.28
C TRP G 31 14.78 15.54 20.66
N THR G 32 15.14 15.46 21.94
CA THR G 32 16.09 14.44 22.36
C THR G 32 15.41 13.08 22.51
N LEU G 33 14.19 13.08 23.05
CA LEU G 33 13.44 11.84 23.14
C LEU G 33 13.15 11.28 21.76
N ARG G 34 12.90 12.16 20.80
CA ARG G 34 12.48 11.69 19.48
C ARG G 34 13.61 11.03 18.70
N GLY G 35 14.85 11.40 18.95
CA GLY G 35 15.98 10.86 18.21
C GLY G 35 16.77 9.78 18.90
N SER G 36 16.40 9.40 20.12
CA SER G 36 17.17 8.42 20.87
C SER G 36 17.06 7.04 20.24
N PRO G 37 17.96 6.12 20.59
CA PRO G 37 17.92 4.78 19.99
C PRO G 37 16.70 3.97 20.34
N ILE G 38 15.97 4.32 21.39
CA ILE G 38 14.82 3.54 21.84
C ILE G 38 13.75 3.50 20.76
N PRO G 39 13.35 2.32 20.29
CA PRO G 39 12.40 2.24 19.18
C PRO G 39 10.94 2.22 19.61
N SER G 40 10.66 2.59 20.86
CA SER G 40 9.29 2.61 21.33
C SER G 40 8.49 3.69 20.60
N SER G 41 7.17 3.56 20.65
CA SER G 41 6.30 4.55 20.02
C SER G 41 5.68 5.52 21.02
N ARG G 42 5.38 5.04 22.24
CA ARG G 42 4.83 5.93 23.25
C ARG G 42 5.76 7.09 23.54
N ILE G 43 7.06 6.84 23.52
CA ILE G 43 8.02 7.91 23.80
C ILE G 43 8.09 8.89 22.64
N LYS G 44 7.98 8.40 21.40
CA LYS G 44 7.87 9.33 20.28
C LYS G 44 6.63 10.21 20.42
N ARG G 45 5.52 9.62 20.87
CA ARG G 45 4.30 10.40 21.09
C ARG G 45 4.52 11.46 22.16
N VAL G 46 5.19 11.09 23.24
CA VAL G 46 5.45 12.06 24.30
C VAL G 46 6.32 13.20 23.80
N GLY G 47 7.36 12.88 23.03
CA GLY G 47 8.20 13.93 22.48
C GLY G 47 7.44 14.85 21.55
N ASN G 48 6.57 14.29 20.71
CA ASN G 48 5.77 15.12 19.83
C ASN G 48 4.88 16.06 20.62
N SER G 49 4.19 15.53 21.64
CA SER G 49 3.34 16.39 22.45
C SER G 49 4.15 17.49 23.12
N LEU G 50 5.34 17.16 23.61
CA LEU G 50 6.16 18.17 24.26
C LEU G 50 6.52 19.29 23.31
N ILE G 51 7.05 18.96 22.13
CA ILE G 51 7.51 20.02 21.24
C ILE G 51 6.34 20.82 20.71
N GLU G 52 5.20 20.17 20.48
CA GLU G 52 4.04 20.90 19.98
C GLU G 52 3.52 21.88 21.01
N ASP G 53 3.35 21.42 22.26
CA ASP G 53 2.90 22.33 23.30
C ASP G 53 3.89 23.46 23.53
N SER G 54 5.18 23.16 23.40
CA SER G 54 6.18 24.20 23.58
C SER G 54 6.00 25.31 22.55
N MET G 55 5.92 24.94 21.27
CA MET G 55 5.70 25.95 20.24
C MET G 55 4.41 26.71 20.46
N TRP G 56 3.33 25.98 20.79
CA TRP G 56 2.03 26.61 21.01
C TRP G 56 2.11 27.68 22.08
N ALA G 57 2.61 27.34 23.27
CA ALA G 57 2.64 28.30 24.36
C ALA G 57 3.61 29.43 24.06
N ALA G 58 4.76 29.13 23.46
CA ALA G 58 5.71 30.19 23.14
C ALA G 58 5.10 31.21 22.20
N LEU G 59 4.24 30.77 21.28
CA LEU G 59 3.52 31.72 20.46
C LEU G 59 2.51 32.49 21.29
N TRP G 60 1.73 31.79 22.11
CA TRP G 60 0.55 32.42 22.68
C TRP G 60 0.88 33.40 23.79
N LEU G 61 2.08 33.34 24.37
CA LEU G 61 2.39 34.23 25.48
C LEU G 61 2.32 35.71 25.06
N ALA G 62 3.17 36.12 24.13
CA ALA G 62 3.17 37.51 23.69
C ALA G 62 1.85 37.87 23.00
N LEU G 63 1.31 36.92 22.23
CA LEU G 63 -0.01 37.13 21.66
C LEU G 63 -1.02 37.50 22.72
N GLY G 64 -0.92 36.93 23.92
CA GLY G 64 -1.87 37.29 24.96
C GLY G 64 -1.63 38.66 25.52
N THR G 65 -0.34 38.99 25.66
CA THR G 65 0.00 40.38 25.96
C THR G 65 -0.72 41.36 25.04
N THR G 66 -0.94 40.97 23.79
CA THR G 66 -1.77 41.76 22.87
C THR G 66 -3.27 41.49 23.03
N VAL G 67 -3.63 40.25 23.35
CA VAL G 67 -5.03 39.83 23.45
C VAL G 67 -5.78 40.68 24.45
N PHE G 68 -5.12 41.09 25.53
CA PHE G 68 -5.86 41.85 26.53
C PHE G 68 -6.24 43.24 26.02
N ALA G 69 -5.34 43.88 25.26
CA ALA G 69 -5.70 45.14 24.63
C ALA G 69 -6.80 44.94 23.59
N VAL G 70 -6.74 43.83 22.85
CA VAL G 70 -7.80 43.53 21.88
C VAL G 70 -9.14 43.41 22.57
N ILE G 71 -9.17 42.74 23.73
CA ILE G 71 -10.42 42.55 24.46
C ILE G 71 -10.93 43.89 24.97
N VAL G 72 -10.02 44.76 25.42
CA VAL G 72 -10.46 46.09 25.84
C VAL G 72 -11.09 46.83 24.67
N ARG G 73 -10.51 46.73 23.48
CA ARG G 73 -11.09 47.38 22.32
C ARG G 73 -12.48 46.83 22.00
N LEU G 74 -12.64 45.51 22.11
CA LEU G 74 -13.95 44.91 21.86
C LEU G 74 -14.98 45.40 22.88
N ALA G 75 -14.56 45.55 24.13
CA ALA G 75 -15.46 46.09 25.14
C ALA G 75 -15.87 47.51 24.78
N GLY G 76 -14.92 48.32 24.33
CA GLY G 76 -15.27 49.68 23.90
C GLY G 76 -16.26 49.68 22.75
N ILE G 77 -16.06 48.78 21.77
CA ILE G 77 -16.95 48.74 20.61
C ILE G 77 -18.36 48.33 21.04
N VAL G 78 -18.48 47.29 21.87
CA VAL G 78 -19.82 46.87 22.25
C VAL G 78 -20.49 47.92 23.13
N ASN G 79 -19.73 48.63 23.95
CA ASN G 79 -20.32 49.71 24.73
C ASN G 79 -20.84 50.81 23.82
N GLU G 80 -20.05 51.19 22.81
CA GLU G 80 -20.50 52.22 21.89
C GLU G 80 -21.70 51.77 21.08
N VAL G 81 -21.81 50.48 20.79
CA VAL G 81 -22.95 49.98 20.03
C VAL G 81 -24.22 50.01 20.86
N LEU G 82 -24.17 49.45 22.07
CA LEU G 82 -25.40 49.29 22.84
C LEU G 82 -25.92 50.63 23.35
N LEU G 83 -25.07 51.61 23.58
CA LEU G 83 -25.47 52.88 24.16
C LEU G 83 -25.17 54.05 23.24
N GLY G 84 -25.46 53.88 21.95
CA GLY G 84 -25.28 54.95 20.99
C GLY G 84 -23.84 55.40 20.83
N ALA H 1 7.11 4.76 66.88
CA ALA H 1 7.68 5.98 66.34
C ALA H 1 8.60 5.68 65.16
N ALA H 2 9.57 4.79 65.38
CA ALA H 2 10.50 4.37 64.35
C ALA H 2 10.31 2.93 63.91
N ASP H 3 9.82 2.06 64.79
CA ASP H 3 9.52 0.69 64.38
C ASP H 3 8.46 0.65 63.30
N ILE H 4 7.55 1.62 63.29
CA ILE H 4 6.54 1.67 62.23
C ILE H 4 7.20 1.96 60.89
N VAL H 5 8.14 2.90 60.86
CA VAL H 5 8.87 3.17 59.62
C VAL H 5 9.68 1.95 59.22
N GLN H 6 10.26 1.26 60.18
CA GLN H 6 11.06 0.08 59.85
C GLN H 6 10.20 -1.01 59.21
N MET H 7 9.02 -1.26 59.79
CA MET H 7 8.18 -2.30 59.22
C MET H 7 7.61 -1.89 57.87
N VAL H 8 7.33 -0.60 57.67
CA VAL H 8 6.91 -0.15 56.34
C VAL H 8 8.02 -0.39 55.33
N GLU H 9 9.27 -0.13 55.71
CA GLU H 9 10.36 -0.35 54.78
C GLU H 9 10.56 -1.83 54.48
N ASP H 10 10.40 -2.68 55.49
CA ASP H 10 10.49 -4.13 55.24
C ASP H 10 9.41 -4.57 54.27
N LEU H 11 8.18 -4.07 54.46
CA LEU H 11 7.11 -4.40 53.55
C LEU H 11 7.44 -3.96 52.13
N THR H 12 8.00 -2.76 51.99
CA THR H 12 8.38 -2.29 50.66
C THR H 12 9.44 -3.18 50.04
N GLY H 13 10.41 -3.64 50.84
CA GLY H 13 11.44 -4.50 50.29
C GLY H 13 10.89 -5.83 49.79
N LYS H 14 10.06 -6.47 50.61
CA LYS H 14 9.45 -7.73 50.17
C LYS H 14 8.64 -7.51 48.90
N LEU H 15 7.87 -6.42 48.87
CA LEU H 15 7.06 -6.15 47.68
C LEU H 15 7.93 -5.93 46.46
N THR H 16 9.09 -5.30 46.63
CA THR H 16 9.97 -5.08 45.49
C THR H 16 10.52 -6.39 44.94
N ALA H 17 10.92 -7.31 45.84
CA ALA H 17 11.37 -8.61 45.37
C ALA H 17 10.28 -9.33 44.59
N LEU H 18 9.07 -9.38 45.16
CA LEU H 18 7.96 -9.98 44.44
C LEU H 18 7.71 -9.29 43.10
N ALA H 19 7.92 -7.98 43.04
CA ALA H 19 7.65 -7.25 41.81
C ALA H 19 8.64 -7.62 40.73
N TRP H 20 9.92 -7.78 41.09
CA TRP H 20 10.88 -8.23 40.09
C TRP H 20 10.50 -9.61 39.56
N ALA H 21 10.11 -10.51 40.46
CA ALA H 21 9.70 -11.84 40.02
C ALA H 21 8.52 -11.75 39.04
N LEU H 22 7.52 -10.97 39.39
CA LEU H 22 6.34 -10.85 38.54
C LEU H 22 6.66 -10.19 37.21
N PHE H 23 7.60 -9.24 37.19
CA PHE H 23 7.97 -8.61 35.93
C PHE H 23 8.58 -9.63 34.99
N LEU H 24 9.48 -10.47 35.52
CA LEU H 24 10.05 -11.51 34.66
C LEU H 24 8.98 -12.47 34.18
N LEU H 25 8.03 -12.82 35.05
CA LEU H 25 6.94 -13.70 34.64
C LEU H 25 6.13 -13.09 33.52
N SER H 26 5.84 -11.79 33.62
CA SER H 26 5.05 -11.14 32.58
C SER H 26 5.79 -11.08 31.26
N TRP H 27 7.10 -10.80 31.31
CA TRP H 27 7.90 -10.85 30.10
C TRP H 27 7.83 -12.22 29.44
N SER H 28 7.96 -13.28 30.24
CA SER H 28 7.89 -14.62 29.69
C SER H 28 6.52 -14.90 29.08
N ILE H 29 5.45 -14.51 29.76
CA ILE H 29 4.10 -14.75 29.24
C ILE H 29 3.91 -14.03 27.92
N GLY H 30 4.35 -12.77 27.84
CA GLY H 30 4.18 -12.03 26.61
C GLY H 30 4.92 -12.66 25.45
N TRP H 31 6.20 -12.98 25.66
CA TRP H 31 6.96 -13.55 24.56
C TRP H 31 6.56 -14.97 24.24
N THR H 32 5.83 -15.64 25.15
CA THR H 32 5.29 -16.94 24.80
C THR H 32 4.03 -16.81 23.97
N LEU H 33 3.18 -15.83 24.31
CA LEU H 33 1.99 -15.58 23.50
C LEU H 33 2.38 -15.15 22.10
N ARG H 34 3.47 -14.39 21.97
CA ARG H 34 3.82 -13.84 20.67
C ARG H 34 4.33 -14.89 19.70
N GLY H 35 4.92 -15.97 20.19
CA GLY H 35 5.49 -16.98 19.33
C GLY H 35 4.67 -18.24 19.14
N SER H 36 3.49 -18.33 19.76
CA SER H 36 2.68 -19.53 19.69
C SER H 36 2.13 -19.72 18.28
N PRO H 37 1.66 -20.93 17.95
CA PRO H 37 1.15 -21.18 16.61
C PRO H 37 -0.11 -20.41 16.26
N ILE H 38 -0.84 -19.90 17.24
CA ILE H 38 -2.10 -19.22 17.00
C ILE H 38 -1.87 -17.99 16.13
N PRO H 39 -2.53 -17.90 14.97
CA PRO H 39 -2.27 -16.78 14.06
C PRO H 39 -3.14 -15.56 14.31
N SER H 40 -3.81 -15.50 15.45
CA SER H 40 -4.64 -14.35 15.76
C SER H 40 -3.80 -13.09 15.92
N SER H 41 -4.45 -11.94 15.81
CA SER H 41 -3.76 -10.66 15.98
C SER H 41 -4.01 -10.03 17.34
N ARG H 42 -5.20 -10.22 17.90
CA ARG H 42 -5.48 -9.67 19.22
C ARG H 42 -4.51 -10.21 20.25
N ILE H 43 -4.14 -11.48 20.13
CA ILE H 43 -3.22 -12.07 21.10
C ILE H 43 -1.82 -11.53 20.91
N LYS H 44 -1.39 -11.27 19.67
CA LYS H 44 -0.12 -10.59 19.47
C LYS H 44 -0.14 -9.22 20.11
N ARG H 45 -1.26 -8.50 19.99
CA ARG H 45 -1.38 -7.20 20.63
C ARG H 45 -1.26 -7.31 22.14
N VAL H 46 -1.91 -8.31 22.73
CA VAL H 46 -1.85 -8.50 24.17
C VAL H 46 -0.42 -8.79 24.61
N GLY H 47 0.28 -9.65 23.86
CA GLY H 47 1.66 -9.94 24.20
C GLY H 47 2.55 -8.71 24.12
N ASN H 48 2.35 -7.91 23.08
CA ASN H 48 3.14 -6.68 22.96
C ASN H 48 2.89 -5.75 24.14
N SER H 49 1.62 -5.56 24.50
CA SER H 49 1.33 -4.69 25.64
C SER H 49 1.96 -5.24 26.91
N LEU H 50 1.91 -6.56 27.10
CA LEU H 50 2.51 -7.15 28.29
C LEU H 50 4.00 -6.86 28.37
N ILE H 51 4.73 -7.17 27.30
CA ILE H 51 6.19 -7.03 27.38
C ILE H 51 6.57 -5.56 27.49
N GLU H 52 5.82 -4.67 26.82
CA GLU H 52 6.14 -3.26 26.90
C GLU H 52 5.93 -2.72 28.30
N ASP H 53 4.78 -3.02 28.91
CA ASP H 53 4.52 -2.56 30.27
C ASP H 53 5.53 -3.16 31.24
N SER H 54 5.94 -4.40 31.00
CA SER H 54 6.94 -5.02 31.88
C SER H 54 8.24 -4.23 31.86
N MET H 55 8.77 -3.97 30.67
CA MET H 55 10.00 -3.18 30.59
C MET H 55 9.82 -1.81 31.21
N TRP H 56 8.70 -1.15 30.91
CA TRP H 56 8.45 0.19 31.44
C TRP H 56 8.51 0.21 32.96
N ALA H 57 7.74 -0.66 33.61
CA ALA H 57 7.70 -0.65 35.07
C ALA H 57 9.03 -1.09 35.66
N ALA H 58 9.69 -2.08 35.06
CA ALA H 58 10.97 -2.53 35.58
C ALA H 58 11.99 -1.40 35.55
N LEU H 59 11.93 -0.54 34.54
CA LEU H 59 12.79 0.64 34.56
C LEU H 59 12.36 1.60 35.64
N TRP H 60 11.06 1.89 35.73
CA TRP H 60 10.63 3.02 36.53
C TRP H 60 10.72 2.77 38.02
N LEU H 61 10.81 1.52 38.45
CA LEU H 61 10.81 1.25 39.90
C LEU H 61 12.02 1.91 40.58
N ALA H 62 13.23 1.47 40.21
CA ALA H 62 14.43 2.04 40.82
C ALA H 62 14.55 3.53 40.49
N LEU H 63 14.20 3.91 39.27
CA LEU H 63 14.16 5.32 38.93
C LEU H 63 13.32 6.10 39.92
N GLY H 64 12.24 5.54 40.43
CA GLY H 64 11.42 6.26 41.39
C GLY H 64 12.07 6.34 42.75
N THR H 65 12.73 5.25 43.11
CA THR H 65 13.59 5.31 44.30
C THR H 65 14.52 6.51 44.25
N THR H 66 14.98 6.90 43.06
CA THR H 66 15.74 8.14 42.88
C THR H 66 14.84 9.38 42.75
N VAL H 67 13.67 9.23 42.15
CA VAL H 67 12.76 10.34 41.87
C VAL H 67 12.40 11.06 43.15
N PHE H 68 12.25 10.32 44.24
CA PHE H 68 11.82 11.01 45.47
C PHE H 68 12.92 11.92 46.01
N ALA H 69 14.18 11.50 45.93
CA ALA H 69 15.26 12.40 46.29
C ALA H 69 15.33 13.59 45.35
N VAL H 70 15.08 13.36 44.05
CA VAL H 70 15.07 14.47 43.10
C VAL H 70 14.01 15.48 43.47
N ILE H 71 12.82 15.00 43.86
CA ILE H 71 11.74 15.90 44.22
C ILE H 71 12.08 16.68 45.48
N VAL H 72 12.75 16.02 46.44
CA VAL H 72 13.19 16.74 47.63
C VAL H 72 14.16 17.87 47.25
N ARG H 73 15.07 17.58 46.31
CA ARG H 73 16.00 18.62 45.88
C ARG H 73 15.28 19.77 45.21
N LEU H 74 14.26 19.46 44.39
CA LEU H 74 13.50 20.53 43.76
C LEU H 74 12.77 21.37 44.79
N ALA H 75 12.24 20.74 45.83
CA ALA H 75 11.59 21.49 46.90
C ALA H 75 12.59 22.42 47.57
N GLY H 76 13.80 21.92 47.83
CA GLY H 76 14.82 22.78 48.41
C GLY H 76 15.15 23.98 47.53
N ILE H 77 15.25 23.74 46.22
CA ILE H 77 15.58 24.82 45.29
C ILE H 77 14.48 25.88 45.27
N VAL H 78 13.22 25.45 45.18
CA VAL H 78 12.15 26.44 45.12
C VAL H 78 12.02 27.18 46.44
N ASN H 79 12.28 26.51 47.56
CA ASN H 79 12.27 27.21 48.83
C ASN H 79 13.36 28.26 48.89
N GLU H 80 14.55 27.92 48.43
CA GLU H 80 15.64 28.89 48.43
C GLU H 80 15.36 30.04 47.48
N VAL H 81 14.64 29.79 46.39
CA VAL H 81 14.34 30.85 45.44
C VAL H 81 13.31 31.81 46.02
N LEU H 82 12.20 31.28 46.53
CA LEU H 82 11.11 32.17 46.95
C LEU H 82 11.46 32.96 48.20
N LEU H 83 12.32 32.43 49.06
CA LEU H 83 12.62 33.07 50.34
C LEU H 83 14.10 33.42 50.46
N GLY H 84 14.68 33.94 49.39
CA GLY H 84 16.07 34.36 49.41
C GLY H 84 17.05 33.23 49.67
N ALA I 1 -32.82 -22.94 50.68
CA ALA I 1 -31.43 -22.93 51.13
C ALA I 1 -30.52 -23.58 50.09
N ALA I 2 -30.86 -24.80 49.69
CA ALA I 2 -30.10 -25.53 48.67
C ALA I 2 -30.86 -25.71 47.37
N ASP I 3 -32.19 -25.77 47.41
CA ASP I 3 -32.96 -25.83 46.19
C ASP I 3 -32.73 -24.61 45.31
N ILE I 4 -32.46 -23.46 45.92
CA ILE I 4 -32.18 -22.26 45.14
C ILE I 4 -30.87 -22.43 44.37
N VAL I 5 -29.85 -22.98 45.02
CA VAL I 5 -28.61 -23.24 44.32
C VAL I 5 -28.82 -24.27 43.22
N GLN I 6 -29.65 -25.29 43.50
CA GLN I 6 -29.89 -26.30 42.48
C GLN I 6 -30.57 -25.71 41.26
N MET I 7 -31.57 -24.85 41.46
CA MET I 7 -32.25 -24.28 40.31
C MET I 7 -31.35 -23.29 39.57
N VAL I 8 -30.49 -22.57 40.29
CA VAL I 8 -29.53 -21.72 39.59
C VAL I 8 -28.61 -22.55 38.72
N GLU I 9 -28.16 -23.70 39.23
CA GLU I 9 -27.27 -24.54 38.43
C GLU I 9 -27.99 -25.12 37.23
N ASP I 10 -29.26 -25.51 37.38
CA ASP I 10 -30.02 -25.99 36.23
C ASP I 10 -30.15 -24.90 35.17
N LEU I 11 -30.44 -23.67 35.61
CA LEU I 11 -30.52 -22.56 34.68
C LEU I 11 -29.20 -22.38 33.94
N THR I 12 -28.08 -22.46 34.66
CA THR I 12 -26.78 -22.32 34.02
C THR I 12 -26.55 -23.43 32.99
N GLY I 13 -26.97 -24.65 33.31
CA GLY I 13 -26.78 -25.74 32.36
C GLY I 13 -27.56 -25.55 31.08
N LYS I 14 -28.84 -25.21 31.21
CA LYS I 14 -29.64 -24.94 30.02
C LYS I 14 -29.04 -23.81 29.21
N LEU I 15 -28.61 -22.75 29.88
CA LEU I 15 -28.01 -21.63 29.17
C LEU I 15 -26.74 -22.05 28.44
N THR I 16 -25.96 -22.94 29.03
CA THR I 16 -24.74 -23.38 28.37
C THR I 16 -25.05 -24.18 27.11
N ALA I 17 -26.05 -25.06 27.18
CA ALA I 17 -26.44 -25.78 25.97
C ALA I 17 -26.86 -24.82 24.86
N LEU I 18 -27.74 -23.88 25.20
CA LEU I 18 -28.14 -22.88 24.22
C LEU I 18 -26.96 -22.10 23.69
N ALA I 19 -25.96 -21.84 24.55
CA ALA I 19 -24.82 -21.05 24.12
C ALA I 19 -23.98 -21.81 23.11
N TRP I 20 -23.79 -23.11 23.31
CA TRP I 20 -23.07 -23.89 22.31
C TRP I 20 -23.80 -23.86 20.97
N ALA I 21 -25.12 -24.02 21.01
CA ALA I 21 -25.89 -23.96 19.77
C ALA I 21 -25.70 -22.62 19.07
N LEU I 22 -25.80 -21.53 19.83
CA LEU I 22 -25.67 -20.21 19.23
C LEU I 22 -24.27 -19.95 18.70
N PHE I 23 -23.25 -20.49 19.37
CA PHE I 23 -21.89 -20.32 18.88
C PHE I 23 -21.73 -20.98 17.52
N LEU I 24 -22.24 -22.20 17.38
CA LEU I 24 -22.17 -22.84 16.07
C LEU I 24 -22.94 -22.04 15.02
N LEU I 25 -24.11 -21.51 15.40
CA LEU I 25 -24.88 -20.71 14.45
C LEU I 25 -24.09 -19.47 14.01
N SER I 26 -23.40 -18.82 14.95
CA SER I 26 -22.65 -17.63 14.60
C SER I 26 -21.48 -17.96 13.69
N TRP I 27 -20.79 -19.07 13.96
CA TRP I 27 -19.73 -19.52 13.07
C TRP I 27 -20.26 -19.73 11.66
N SER I 28 -21.41 -20.39 11.54
CA SER I 28 -21.99 -20.63 10.21
C SER I 28 -22.34 -19.32 9.53
N ILE I 29 -22.95 -18.39 10.26
CA ILE I 29 -23.33 -17.10 9.65
C ILE I 29 -22.10 -16.36 9.16
N GLY I 30 -21.04 -16.34 9.97
CA GLY I 30 -19.84 -15.63 9.56
C GLY I 30 -19.23 -16.23 8.31
N TRP I 31 -19.05 -17.55 8.29
CA TRP I 31 -18.42 -18.15 7.12
C TRP I 31 -19.34 -18.16 5.92
N THR I 32 -20.65 -17.95 6.10
CA THR I 32 -21.52 -17.79 4.95
C THR I 32 -21.41 -16.37 4.39
N LEU I 33 -21.33 -15.38 5.26
CA LEU I 33 -21.13 -14.01 4.80
C LEU I 33 -19.81 -13.87 4.07
N ARG I 34 -18.78 -14.59 4.52
CA ARG I 34 -17.46 -14.41 3.95
C ARG I 34 -17.34 -14.97 2.54
N GLY I 35 -18.12 -15.98 2.20
CA GLY I 35 -18.02 -16.61 0.90
C GLY I 35 -19.07 -16.23 -0.11
N SER I 36 -19.99 -15.34 0.24
CA SER I 36 -21.07 -14.97 -0.66
C SER I 36 -20.54 -14.17 -1.85
N PRO I 37 -21.34 -14.06 -2.92
CA PRO I 37 -20.86 -13.33 -4.11
C PRO I 37 -20.65 -11.84 -3.88
N ILE I 38 -21.22 -11.26 -2.84
CA ILE I 38 -21.12 -9.82 -2.61
C ILE I 38 -19.67 -9.41 -2.41
N PRO I 39 -19.15 -8.51 -3.23
CA PRO I 39 -17.73 -8.15 -3.14
C PRO I 39 -17.44 -7.02 -2.16
N SER I 40 -18.38 -6.69 -1.30
CA SER I 40 -18.15 -5.62 -0.33
C SER I 40 -17.07 -6.03 0.68
N SER I 41 -16.51 -5.03 1.35
CA SER I 41 -15.49 -5.29 2.35
C SER I 41 -16.02 -5.21 3.77
N ARG I 42 -16.98 -4.31 4.01
CA ARG I 42 -17.57 -4.21 5.35
C ARG I 42 -18.17 -5.53 5.78
N ILE I 43 -18.79 -6.24 4.84
CA ILE I 43 -19.42 -7.51 5.19
C ILE I 43 -18.37 -8.58 5.47
N LYS I 44 -17.25 -8.57 4.74
CA LYS I 44 -16.16 -9.46 5.10
C LYS I 44 -15.65 -9.16 6.51
N ARG I 45 -15.56 -7.88 6.86
CA ARG I 45 -15.14 -7.51 8.21
C ARG I 45 -16.11 -8.03 9.25
N VAL I 46 -17.41 -7.91 8.98
CA VAL I 46 -18.42 -8.38 9.92
C VAL I 46 -18.31 -9.89 10.09
N GLY I 47 -18.13 -10.62 9.00
CA GLY I 47 -17.97 -12.06 9.10
C GLY I 47 -16.74 -12.46 9.90
N ASN I 48 -15.63 -11.76 9.67
CA ASN I 48 -14.42 -12.04 10.44
C ASN I 48 -14.65 -11.82 11.93
N SER I 49 -15.27 -10.68 12.28
CA SER I 49 -15.52 -10.42 13.69
C SER I 49 -16.43 -11.49 14.29
N LEU I 50 -17.44 -11.92 13.53
CA LEU I 50 -18.35 -12.95 14.04
C LEU I 50 -17.59 -14.24 14.34
N ILE I 51 -16.83 -14.74 13.37
CA ILE I 51 -16.19 -16.04 13.59
C ILE I 51 -15.13 -15.94 14.68
N GLU I 52 -14.43 -14.81 14.75
CA GLU I 52 -13.41 -14.67 15.76
C GLU I 52 -14.01 -14.64 17.16
N ASP I 53 -15.06 -13.84 17.36
CA ASP I 53 -15.72 -13.80 18.66
C ASP I 53 -16.32 -15.16 19.01
N SER I 54 -16.82 -15.88 18.01
CA SER I 54 -17.38 -17.20 18.28
C SER I 54 -16.31 -18.13 18.84
N MET I 55 -15.18 -18.23 18.17
CA MET I 55 -14.11 -19.08 18.67
C MET I 55 -13.65 -18.63 20.06
N TRP I 56 -13.49 -17.32 20.24
CA TRP I 56 -13.03 -16.79 21.53
C TRP I 56 -13.95 -17.22 22.66
N ALA I 57 -15.25 -16.96 22.53
CA ALA I 57 -16.17 -17.29 23.60
C ALA I 57 -16.30 -18.78 23.80
N ALA I 58 -16.32 -19.56 22.71
CA ALA I 58 -16.41 -21.00 22.84
C ALA I 58 -15.23 -21.56 23.61
N LEU I 59 -14.05 -20.97 23.45
CA LEU I 59 -12.94 -21.38 24.28
C LEU I 59 -13.14 -20.95 25.72
N TRP I 60 -13.54 -19.69 25.93
CA TRP I 60 -13.46 -19.14 27.27
C TRP I 60 -14.54 -19.66 28.20
N LEU I 61 -15.60 -20.26 27.69
CA LEU I 61 -16.68 -20.71 28.57
C LEU I 61 -16.19 -21.78 29.55
N ALA I 62 -15.75 -22.93 29.04
CA ALA I 62 -15.26 -23.99 29.93
C ALA I 62 -14.03 -23.55 30.69
N LEU I 63 -13.16 -22.79 30.03
CA LEU I 63 -12.02 -22.22 30.73
C LEU I 63 -12.46 -21.44 31.95
N GLY I 64 -13.59 -20.76 31.90
CA GLY I 64 -14.05 -20.02 33.06
C GLY I 64 -14.58 -20.93 34.15
N THR I 65 -15.28 -21.98 33.71
CA THR I 65 -15.63 -23.04 34.66
C THR I 65 -14.42 -23.49 35.47
N THR I 66 -13.23 -23.48 34.87
CA THR I 66 -11.99 -23.73 35.59
C THR I 66 -11.45 -22.48 36.31
N VAL I 67 -11.64 -21.31 35.71
CA VAL I 67 -11.10 -20.06 36.23
C VAL I 67 -11.58 -19.81 37.64
N PHE I 68 -12.80 -20.19 37.95
CA PHE I 68 -13.30 -19.87 39.29
C PHE I 68 -12.60 -20.71 40.35
N ALA I 69 -12.30 -21.98 40.05
CA ALA I 69 -11.50 -22.77 40.96
C ALA I 69 -10.08 -22.21 41.08
N VAL I 70 -9.53 -21.74 39.96
CA VAL I 70 -8.20 -21.14 40.00
C VAL I 70 -8.19 -19.92 40.92
N ILE I 71 -9.24 -19.10 40.84
CA ILE I 71 -9.30 -17.90 41.68
C ILE I 71 -9.44 -18.28 43.14
N VAL I 72 -10.21 -19.33 43.43
CA VAL I 72 -10.30 -19.81 44.81
C VAL I 72 -8.92 -20.23 45.32
N ARG I 73 -8.15 -20.93 44.48
CA ARG I 73 -6.82 -21.33 44.89
C ARG I 73 -5.92 -20.12 45.15
N LEU I 74 -6.03 -19.10 44.30
CA LEU I 74 -5.23 -17.89 44.52
C LEU I 74 -5.61 -17.21 45.83
N ALA I 75 -6.90 -17.20 46.14
CA ALA I 75 -7.34 -16.63 47.41
C ALA I 75 -6.74 -17.41 48.58
N GLY I 76 -6.74 -18.74 48.48
CA GLY I 76 -6.12 -19.54 49.52
C GLY I 76 -4.64 -19.23 49.69
N ILE I 77 -3.94 -19.07 48.57
CA ILE I 77 -2.50 -18.80 48.64
C ILE I 77 -2.24 -17.45 49.28
N VAL I 78 -2.98 -16.41 48.87
CA VAL I 78 -2.72 -15.10 49.46
C VAL I 78 -3.11 -15.07 50.93
N ASN I 79 -4.15 -15.80 51.31
CA ASN I 79 -4.50 -15.88 52.73
C ASN I 79 -3.39 -16.56 53.52
N GLU I 80 -2.83 -17.64 52.99
CA GLU I 80 -1.75 -18.32 53.69
C GLU I 80 -0.50 -17.45 53.76
N VAL I 81 -0.29 -16.61 52.75
CA VAL I 81 0.90 -15.75 52.76
C VAL I 81 0.75 -14.65 53.79
N LEU I 82 -0.37 -13.93 53.78
CA LEU I 82 -0.49 -12.76 54.64
C LEU I 82 -0.61 -13.13 56.11
N LEU I 83 -1.14 -14.30 56.42
CA LEU I 83 -1.41 -14.68 57.81
C LEU I 83 -0.65 -15.95 58.19
N GLY I 84 0.60 -16.04 57.77
CA GLY I 84 1.44 -17.18 58.12
C GLY I 84 0.92 -18.51 57.58
N ALA J 1 -57.36 8.57 18.36
CA ALA J 1 -57.06 7.20 18.75
C ALA J 1 -56.46 6.42 17.60
N ALA J 2 -57.15 6.43 16.45
CA ALA J 2 -56.68 5.76 15.25
C ALA J 2 -56.28 6.72 14.15
N ASP J 3 -56.88 7.91 14.08
CA ASP J 3 -56.47 8.89 13.10
C ASP J 3 -55.02 9.30 13.30
N ILE J 4 -54.54 9.27 14.54
CA ILE J 4 -53.14 9.59 14.80
C ILE J 4 -52.23 8.54 14.17
N VAL J 5 -52.58 7.27 14.32
CA VAL J 5 -51.81 6.22 13.67
C VAL J 5 -51.88 6.35 12.16
N GLN J 6 -53.05 6.71 11.64
CA GLN J 6 -53.19 6.86 10.20
C GLN J 6 -52.29 7.97 9.68
N MET J 7 -52.27 9.12 10.36
CA MET J 7 -51.44 10.22 9.89
C MET J 7 -49.95 9.90 10.05
N VAL J 8 -49.58 9.17 11.10
CA VAL J 8 -48.19 8.74 11.22
C VAL J 8 -47.81 7.84 10.05
N GLU J 9 -48.70 6.94 9.66
CA GLU J 9 -48.39 6.06 8.53
C GLU J 9 -48.30 6.82 7.22
N ASP J 10 -49.17 7.82 7.02
CA ASP J 10 -49.07 8.64 5.82
C ASP J 10 -47.74 9.38 5.78
N LEU J 11 -47.33 9.93 6.93
CA LEU J 11 -46.04 10.60 7.00
C LEU J 11 -44.91 9.64 6.63
N THR J 12 -44.97 8.42 7.15
CA THR J 12 -43.93 7.43 6.83
C THR J 12 -43.93 7.12 5.33
N GLY J 13 -45.10 7.02 4.71
CA GLY J 13 -45.14 6.73 3.29
C GLY J 13 -44.52 7.83 2.45
N LYS J 14 -44.90 9.08 2.73
CA LYS J 14 -44.30 10.19 2.00
C LYS J 14 -42.79 10.22 2.20
N LEU J 15 -42.34 9.99 3.43
CA LEU J 15 -40.92 9.99 3.70
C LEU J 15 -40.21 8.88 2.93
N THR J 16 -40.86 7.73 2.79
CA THR J 16 -40.24 6.64 2.05
C THR J 16 -40.08 6.98 0.58
N ALA J 17 -41.11 7.59 -0.02
CA ALA J 17 -40.98 8.02 -1.41
C ALA J 17 -39.82 8.99 -1.58
N LEU J 18 -39.77 10.01 -0.73
CA LEU J 18 -38.66 10.95 -0.78
C LEU J 18 -37.32 10.24 -0.59
N ALA J 19 -37.29 9.21 0.24
CA ALA J 19 -36.04 8.52 0.51
C ALA J 19 -35.55 7.76 -0.71
N TRP J 20 -36.46 7.13 -1.43
CA TRP J 20 -36.04 6.47 -2.67
C TRP J 20 -35.48 7.47 -3.65
N ALA J 21 -36.15 8.62 -3.79
CA ALA J 21 -35.64 9.65 -4.69
C ALA J 21 -34.23 10.09 -4.29
N LEU J 22 -34.04 10.36 -2.99
CA LEU J 22 -32.73 10.81 -2.53
C LEU J 22 -31.67 9.74 -2.68
N PHE J 23 -32.02 8.47 -2.51
CA PHE J 23 -31.03 7.41 -2.71
C PHE J 23 -30.55 7.39 -4.15
N LEU J 24 -31.47 7.50 -5.10
CA LEU J 24 -31.04 7.56 -6.49
C LEU J 24 -30.16 8.77 -6.75
N LEU J 25 -30.53 9.91 -6.16
CA LEU J 25 -29.71 11.11 -6.34
C LEU J 25 -28.30 10.91 -5.79
N SER J 26 -28.19 10.26 -4.63
CA SER J 26 -26.87 10.05 -4.04
C SER J 26 -26.04 9.10 -4.89
N TRP J 27 -26.67 8.05 -5.42
CA TRP J 27 -25.96 7.15 -6.32
C TRP J 27 -25.42 7.92 -7.53
N SER J 28 -26.25 8.79 -8.11
CA SER J 28 -25.80 9.56 -9.26
C SER J 28 -24.65 10.49 -8.90
N ILE J 29 -24.75 11.16 -7.75
CA ILE J 29 -23.68 12.07 -7.33
C ILE J 29 -22.38 11.30 -7.15
N GLY J 30 -22.44 10.15 -6.50
CA GLY J 30 -21.23 9.39 -6.27
C GLY J 30 -20.57 8.95 -7.56
N TRP J 31 -21.36 8.37 -8.46
CA TRP J 31 -20.77 7.89 -9.70
C TRP J 31 -20.38 9.02 -10.63
N THR J 32 -20.89 10.23 -10.40
CA THR J 32 -20.40 11.37 -11.17
C THR J 32 -19.08 11.87 -10.62
N LEU J 33 -18.94 11.91 -9.30
CA LEU J 33 -17.67 12.28 -8.71
C LEU J 33 -16.57 11.30 -9.09
N ARG J 34 -16.92 10.02 -9.20
CA ARG J 34 -15.90 9.02 -9.44
C ARG J 34 -15.33 9.08 -10.86
N GLY J 35 -16.10 9.54 -11.82
CA GLY J 35 -15.64 9.58 -13.20
C GLY J 35 -15.17 10.91 -13.72
N SER J 36 -15.19 11.95 -12.90
CA SER J 36 -14.82 13.28 -13.35
C SER J 36 -13.33 13.36 -13.65
N PRO J 37 -12.90 14.38 -14.40
CA PRO J 37 -11.48 14.48 -14.75
C PRO J 37 -10.55 14.72 -13.58
N ILE J 38 -11.06 15.16 -12.44
CA ILE J 38 -10.22 15.49 -11.28
C ILE J 38 -9.49 14.25 -10.81
N PRO J 39 -8.16 14.27 -10.75
CA PRO J 39 -7.41 13.07 -10.40
C PRO J 39 -7.15 12.92 -8.90
N SER J 40 -7.87 13.67 -8.07
CA SER J 40 -7.69 13.56 -6.64
C SER J 40 -8.16 12.20 -6.14
N SER J 41 -7.69 11.83 -4.94
CA SER J 41 -8.08 10.56 -4.34
C SER J 41 -9.14 10.74 -3.26
N ARG J 42 -9.10 11.84 -2.52
CA ARG J 42 -10.11 12.07 -1.50
C ARG J 42 -11.51 12.10 -2.10
N ILE J 43 -11.63 12.66 -3.30
CA ILE J 43 -12.94 12.73 -3.93
C ILE J 43 -13.39 11.35 -4.41
N LYS J 44 -12.47 10.51 -4.89
CA LYS J 44 -12.84 9.14 -5.19
C LYS J 44 -13.33 8.43 -3.93
N ARG J 45 -12.67 8.68 -2.80
CA ARG J 45 -13.11 8.07 -1.54
C ARG J 45 -14.51 8.54 -1.17
N VAL J 46 -14.78 9.83 -1.34
CA VAL J 46 -16.11 10.35 -1.02
C VAL J 46 -17.16 9.72 -1.91
N GLY J 47 -16.87 9.59 -3.20
CA GLY J 47 -17.82 8.96 -4.10
C GLY J 47 -18.09 7.51 -3.73
N ASN J 48 -17.03 6.78 -3.37
CA ASN J 48 -17.21 5.39 -2.95
C ASN J 48 -18.09 5.31 -1.73
N SER J 49 -17.83 6.14 -0.72
CA SER J 49 -18.65 6.11 0.48
C SER J 49 -20.10 6.44 0.15
N LEU J 50 -20.32 7.42 -0.73
CA LEU J 50 -21.69 7.77 -1.10
C LEU J 50 -22.42 6.59 -1.72
N ILE J 51 -21.82 5.97 -2.74
CA ILE J 51 -22.56 4.92 -3.45
C ILE J 51 -22.75 3.71 -2.54
N GLU J 52 -21.77 3.42 -1.68
CA GLU J 52 -21.90 2.28 -0.79
C GLU J 52 -23.01 2.50 0.21
N ASP J 53 -23.03 3.67 0.87
CA ASP J 53 -24.10 3.95 1.81
C ASP J 53 -25.46 3.97 1.13
N SER J 54 -25.51 4.44 -0.12
CA SER J 54 -26.77 4.46 -0.84
C SER J 54 -27.31 3.05 -1.02
N MET J 55 -26.48 2.14 -1.53
CA MET J 55 -26.93 0.75 -1.69
C MET J 55 -27.32 0.14 -0.36
N TRP J 56 -26.51 0.37 0.68
CA TRP J 56 -26.79 -0.19 1.99
C TRP J 56 -28.17 0.22 2.49
N ALA J 57 -28.44 1.53 2.52
CA ALA J 57 -29.71 2.00 3.05
C ALA J 57 -30.87 1.57 2.17
N ALA J 58 -30.69 1.62 0.85
CA ALA J 58 -31.76 1.19 -0.04
C ALA J 58 -32.15 -0.25 0.19
N LEU J 59 -31.17 -1.09 0.52
CA LEU J 59 -31.52 -2.46 0.89
C LEU J 59 -32.23 -2.49 2.24
N TRP J 60 -31.70 -1.77 3.22
CA TRP J 60 -32.15 -2.00 4.59
C TRP J 60 -33.52 -1.42 4.87
N LEU J 61 -34.02 -0.50 4.04
CA LEU J 61 -35.31 0.11 4.33
C LEU J 61 -36.44 -0.94 4.36
N ALA J 62 -36.68 -1.58 3.22
CA ALA J 62 -37.75 -2.58 3.16
C ALA J 62 -37.44 -3.77 4.08
N LEU J 63 -36.16 -4.15 4.14
CA LEU J 63 -35.77 -5.18 5.09
C LEU J 63 -36.22 -4.83 6.49
N GLY J 64 -36.20 -3.56 6.88
CA GLY J 64 -36.64 -3.20 8.21
C GLY J 64 -38.14 -3.28 8.36
N THR J 65 -38.83 -2.87 7.30
CA THR J 65 -40.27 -3.13 7.26
C THR J 65 -40.59 -4.58 7.60
N THR J 66 -39.71 -5.52 7.21
CA THR J 66 -39.83 -6.91 7.63
C THR J 66 -39.25 -7.18 9.03
N VAL J 67 -38.17 -6.47 9.37
CA VAL J 67 -37.46 -6.70 10.62
C VAL J 67 -38.38 -6.53 11.81
N PHE J 68 -39.32 -5.60 11.73
CA PHE J 68 -40.17 -5.39 12.90
C PHE J 68 -41.10 -6.58 13.14
N ALA J 69 -41.63 -7.17 12.08
CA ALA J 69 -42.40 -8.39 12.24
C ALA J 69 -41.53 -9.53 12.75
N VAL J 70 -40.29 -9.60 12.28
CA VAL J 70 -39.37 -10.63 12.77
C VAL J 70 -39.15 -10.47 14.27
N ILE J 71 -38.98 -9.23 14.73
CA ILE J 71 -38.76 -8.99 16.15
C ILE J 71 -39.99 -9.36 16.96
N VAL J 72 -41.18 -9.07 16.42
CA VAL J 72 -42.40 -9.50 17.11
C VAL J 72 -42.44 -11.01 17.25
N ARG J 73 -42.06 -11.72 16.19
CA ARG J 73 -42.04 -13.18 16.28
C ARG J 73 -41.04 -13.67 17.33
N LEU J 74 -39.86 -13.03 17.39
CA LEU J 74 -38.89 -13.42 18.41
C LEU J 74 -39.43 -13.18 19.81
N ALA J 75 -40.13 -12.07 20.00
CA ALA J 75 -40.75 -11.81 21.29
C ALA J 75 -41.76 -12.89 21.64
N GLY J 76 -42.56 -13.31 20.67
CA GLY J 76 -43.50 -14.39 20.92
C GLY J 76 -42.80 -15.69 21.30
N ILE J 77 -41.70 -16.00 20.63
CA ILE J 77 -40.98 -17.24 20.92
C ILE J 77 -40.39 -17.20 22.32
N VAL J 78 -39.75 -16.08 22.70
CA VAL J 78 -39.15 -16.04 24.02
C VAL J 78 -40.22 -16.03 25.10
N ASN J 79 -41.37 -15.42 24.85
CA ASN J 79 -42.46 -15.49 25.82
C ASN J 79 -42.95 -16.92 25.98
N GLU J 80 -43.11 -17.64 24.88
CA GLU J 80 -43.56 -19.03 24.97
C GLU J 80 -42.52 -19.90 25.66
N VAL J 81 -41.24 -19.58 25.52
CA VAL J 81 -40.20 -20.38 26.15
C VAL J 81 -40.19 -20.15 27.65
N LEU J 82 -40.17 -18.89 28.08
CA LEU J 82 -39.99 -18.61 29.50
C LEU J 82 -41.21 -18.99 30.33
N LEU J 83 -42.39 -18.95 29.74
CA LEU J 83 -43.63 -19.19 30.47
C LEU J 83 -44.39 -20.39 29.92
N GLY J 84 -43.68 -21.46 29.61
CA GLY J 84 -44.32 -22.67 29.12
C GLY J 84 -45.05 -22.50 27.81
N ALA K 1 -26.06 49.17 15.16
CA ALA K 1 -27.11 48.36 14.54
C ALA K 1 -26.65 47.85 13.18
N ALA K 2 -26.22 48.78 12.32
CA ALA K 2 -25.72 48.43 11.00
C ALA K 2 -24.22 48.66 10.84
N ASP K 3 -23.65 49.61 11.58
CA ASP K 3 -22.20 49.81 11.53
C ASP K 3 -21.46 48.56 11.99
N ILE K 4 -22.07 47.80 12.91
CA ILE K 4 -21.43 46.57 13.36
C ILE K 4 -21.37 45.55 12.23
N VAL K 5 -22.45 45.42 11.46
CA VAL K 5 -22.42 44.54 10.31
C VAL K 5 -21.41 45.04 9.28
N GLN K 6 -21.34 46.35 9.10
CA GLN K 6 -20.39 46.89 8.13
C GLN K 6 -18.96 46.56 8.52
N MET K 7 -18.61 46.74 9.80
CA MET K 7 -17.25 46.46 10.21
C MET K 7 -16.95 44.96 10.18
N VAL K 8 -17.94 44.12 10.47
CA VAL K 8 -17.72 42.68 10.32
C VAL K 8 -17.44 42.34 8.86
N GLU K 9 -18.16 42.96 7.93
CA GLU K 9 -17.92 42.67 6.53
C GLU K 9 -16.55 43.17 6.08
N ASP K 10 -16.13 44.34 6.57
CA ASP K 10 -14.79 44.82 6.24
C ASP K 10 -13.72 43.85 6.75
N LEU K 11 -13.91 43.37 7.99
CA LEU K 11 -12.97 42.40 8.53
C LEU K 11 -12.92 41.15 7.65
N THR K 12 -14.08 40.67 7.21
CA THR K 12 -14.10 39.50 6.35
C THR K 12 -13.38 39.75 5.03
N GLY K 13 -13.54 40.95 4.47
CA GLY K 13 -12.86 41.26 3.22
C GLY K 13 -11.35 41.26 3.37
N LYS K 14 -10.85 41.94 4.40
CA LYS K 14 -9.41 41.94 4.64
C LYS K 14 -8.90 40.53 4.84
N LEU K 15 -9.63 39.73 5.62
CA LEU K 15 -9.22 38.36 5.87
C LEU K 15 -9.18 37.56 4.58
N THR K 16 -10.13 37.80 3.67
CA THR K 16 -10.13 37.06 2.41
C THR K 16 -8.92 37.42 1.55
N ALA K 17 -8.56 38.70 1.49
CA ALA K 17 -7.36 39.07 0.76
C ALA K 17 -6.14 38.37 1.33
N LEU K 18 -5.97 38.45 2.65
CA LEU K 18 -4.86 37.75 3.28
C LEU K 18 -4.89 36.26 2.99
N ALA K 19 -6.09 35.68 2.92
CA ALA K 19 -6.20 34.25 2.70
C ALA K 19 -5.74 33.86 1.30
N TRP K 20 -6.09 34.67 0.30
CA TRP K 20 -5.58 34.38 -1.04
C TRP K 20 -4.06 34.45 -1.07
N ALA K 21 -3.49 35.47 -0.42
CA ALA K 21 -2.03 35.56 -0.37
C ALA K 21 -1.42 34.32 0.27
N LEU K 22 -1.97 33.90 1.41
CA LEU K 22 -1.42 32.75 2.10
C LEU K 22 -1.59 31.46 1.31
N PHE K 23 -2.69 31.33 0.56
CA PHE K 23 -2.87 30.14 -0.25
C PHE K 23 -1.79 30.05 -1.31
N LEU K 24 -1.50 31.17 -1.98
CA LEU K 24 -0.42 31.15 -2.95
C LEU K 24 0.91 30.81 -2.29
N LEU K 25 1.15 31.36 -1.10
CA LEU K 25 2.40 31.06 -0.40
C LEU K 25 2.49 29.57 -0.08
N SER K 26 1.39 28.95 0.34
CA SER K 26 1.42 27.54 0.68
C SER K 26 1.65 26.69 -0.55
N TRP K 27 1.03 27.05 -1.67
CA TRP K 27 1.30 26.35 -2.93
C TRP K 27 2.78 26.41 -3.28
N SER K 28 3.38 27.59 -3.15
CA SER K 28 4.80 27.73 -3.47
C SER K 28 5.66 26.89 -2.53
N ILE K 29 5.35 26.90 -1.24
CA ILE K 29 6.13 26.12 -0.28
C ILE K 29 6.04 24.64 -0.61
N GLY K 30 4.84 24.16 -0.91
CA GLY K 30 4.69 22.75 -1.21
C GLY K 30 5.47 22.33 -2.43
N TRP K 31 5.32 23.08 -3.52
CA TRP K 31 6.02 22.70 -4.73
C TRP K 31 7.52 22.96 -4.64
N THR K 32 7.97 23.76 -3.68
CA THR K 32 9.41 23.88 -3.47
C THR K 32 9.94 22.70 -2.68
N LEU K 33 9.19 22.25 -1.67
CA LEU K 33 9.60 21.06 -0.93
C LEU K 33 9.63 19.84 -1.84
N ARG K 34 8.71 19.77 -2.79
CA ARG K 34 8.61 18.57 -3.62
C ARG K 34 9.77 18.43 -4.59
N GLY K 35 10.37 19.53 -5.03
CA GLY K 35 11.44 19.47 -6.00
C GLY K 35 12.84 19.61 -5.47
N SER K 36 13.02 19.75 -4.16
CA SER K 36 14.33 19.97 -3.59
C SER K 36 15.18 18.71 -3.72
N PRO K 37 16.50 18.84 -3.55
CA PRO K 37 17.37 17.66 -3.71
C PRO K 37 17.17 16.60 -2.65
N ILE K 38 16.55 16.92 -1.52
CA ILE K 38 16.39 15.97 -0.42
C ILE K 38 15.57 14.77 -0.88
N PRO K 39 16.10 13.55 -0.78
CA PRO K 39 15.39 12.38 -1.30
C PRO K 39 14.46 11.73 -0.29
N SER K 40 14.15 12.42 0.81
CA SER K 40 13.25 11.86 1.81
C SER K 40 11.85 11.71 1.25
N SER K 41 11.05 10.87 1.89
CA SER K 41 9.66 10.67 1.47
C SER K 41 8.67 11.41 2.34
N ARG K 42 8.95 11.54 3.63
CA ARG K 42 8.05 12.28 4.52
C ARG K 42 7.87 13.71 4.04
N ILE K 43 8.95 14.31 3.52
CA ILE K 43 8.85 15.69 3.06
C ILE K 43 8.05 15.78 1.76
N LYS K 44 8.17 14.79 0.88
CA LYS K 44 7.29 14.75 -0.27
C LYS K 44 5.83 14.65 0.15
N ARG K 45 5.56 13.84 1.18
CA ARG K 45 4.19 13.73 1.69
C ARG K 45 3.69 15.05 2.21
N VAL K 46 4.54 15.77 2.95
CA VAL K 46 4.15 17.06 3.50
C VAL K 46 3.86 18.05 2.38
N GLY K 47 4.70 18.06 1.35
CA GLY K 47 4.44 18.95 0.23
C GLY K 47 3.15 18.63 -0.48
N ASN K 48 2.87 17.34 -0.68
CA ASN K 48 1.61 16.95 -1.32
C ASN K 48 0.42 17.41 -0.49
N SER K 49 0.46 17.19 0.82
CA SER K 49 -0.64 17.63 1.67
C SER K 49 -0.81 19.13 1.60
N LEU K 50 0.29 19.88 1.58
CA LEU K 50 0.20 21.33 1.51
C LEU K 50 -0.49 21.78 0.23
N ILE K 51 -0.03 21.28 -0.92
CA ILE K 51 -0.59 21.79 -2.18
C ILE K 51 -2.04 21.34 -2.32
N GLU K 52 -2.36 20.13 -1.86
CA GLU K 52 -3.73 19.65 -1.97
C GLU K 52 -4.67 20.49 -1.13
N ASP K 53 -4.30 20.73 0.15
CA ASP K 53 -5.15 21.56 1.00
C ASP K 53 -5.28 22.97 0.46
N SER K 54 -4.19 23.49 -0.14
CA SER K 54 -4.25 24.82 -0.71
C SER K 54 -5.30 24.90 -1.81
N MET K 55 -5.23 23.98 -2.77
CA MET K 55 -6.24 23.98 -3.84
C MET K 55 -7.65 23.80 -3.29
N TRP K 56 -7.80 22.88 -2.33
CA TRP K 56 -9.11 22.61 -1.76
C TRP K 56 -9.71 23.87 -1.15
N ALA K 57 -8.98 24.53 -0.26
CA ALA K 57 -9.53 25.71 0.40
C ALA K 57 -9.73 26.86 -0.58
N ALA K 58 -8.81 27.04 -1.52
CA ALA K 58 -8.97 28.11 -2.50
C ALA K 58 -10.23 27.93 -3.30
N LEU K 59 -10.60 26.68 -3.60
CA LEU K 59 -11.88 26.46 -4.25
C LEU K 59 -13.03 26.76 -3.31
N TRP K 60 -12.95 26.26 -2.08
CA TRP K 60 -14.13 26.24 -1.24
C TRP K 60 -14.50 27.62 -0.69
N LEU K 61 -13.57 28.58 -0.70
CA LEU K 61 -13.88 29.88 -0.12
C LEU K 61 -15.05 30.56 -0.85
N ALA K 62 -14.87 30.87 -2.13
CA ALA K 62 -15.93 31.52 -2.88
C ALA K 62 -17.16 30.62 -2.99
N LEU K 63 -16.93 29.32 -3.16
CA LEU K 63 -18.05 28.39 -3.14
C LEU K 63 -18.88 28.55 -1.88
N GLY K 64 -18.26 28.86 -0.75
CA GLY K 64 -19.03 29.03 0.47
C GLY K 64 -19.81 30.34 0.48
N THR K 65 -19.16 31.37 -0.06
CA THR K 65 -19.90 32.60 -0.31
C THR K 65 -21.20 32.34 -1.05
N THR K 66 -21.22 31.34 -1.93
CA THR K 66 -22.46 30.88 -2.57
C THR K 66 -23.26 29.92 -1.70
N VAL K 67 -22.57 29.07 -0.93
CA VAL K 67 -23.20 28.04 -0.13
C VAL K 67 -24.22 28.63 0.83
N PHE K 68 -23.94 29.81 1.36
CA PHE K 68 -24.87 30.35 2.34
C PHE K 68 -26.19 30.76 1.68
N ALA K 69 -26.14 31.32 0.48
CA ALA K 69 -27.37 31.58 -0.25
C ALA K 69 -28.09 30.28 -0.61
N VAL K 70 -27.33 29.24 -0.96
CA VAL K 70 -27.96 27.96 -1.26
C VAL K 70 -28.69 27.42 -0.04
N ILE K 71 -28.09 27.56 1.14
CA ILE K 71 -28.72 27.08 2.36
C ILE K 71 -29.97 27.88 2.67
N VAL K 72 -29.93 29.19 2.43
CA VAL K 72 -31.14 29.98 2.61
C VAL K 72 -32.25 29.49 1.69
N ARG K 73 -31.91 29.18 0.44
CA ARG K 73 -32.93 28.68 -0.48
C ARG K 73 -33.50 27.33 0.01
N LEU K 74 -32.64 26.46 0.52
CA LEU K 74 -33.13 25.19 1.04
C LEU K 74 -34.06 25.40 2.23
N ALA K 75 -33.74 26.36 3.09
CA ALA K 75 -34.63 26.68 4.20
C ALA K 75 -35.98 27.15 3.69
N GLY K 76 -35.97 28.01 2.66
CA GLY K 76 -37.23 28.43 2.09
C GLY K 76 -38.04 27.28 1.53
N ILE K 77 -37.38 26.35 0.85
CA ILE K 77 -38.08 25.21 0.26
C ILE K 77 -38.69 24.34 1.34
N VAL K 78 -37.92 24.02 2.40
CA VAL K 78 -38.48 23.15 3.42
C VAL K 78 -39.59 23.85 4.19
N ASN K 79 -39.49 25.17 4.37
CA ASN K 79 -40.59 25.89 5.00
C ASN K 79 -41.85 25.83 4.15
N GLU K 80 -41.71 26.02 2.83
CA GLU K 80 -42.87 25.95 1.96
C GLU K 80 -43.45 24.55 1.92
N VAL K 81 -42.61 23.53 2.07
CA VAL K 81 -43.12 22.16 2.03
C VAL K 81 -43.91 21.84 3.30
N LEU K 82 -43.31 22.12 4.47
CA LEU K 82 -43.95 21.69 5.71
C LEU K 82 -45.22 22.47 6.02
N LEU K 83 -45.31 23.71 5.57
CA LEU K 83 -46.44 24.58 5.91
C LEU K 83 -47.21 25.03 4.67
N GLY K 84 -47.43 24.11 3.74
CA GLY K 84 -48.19 24.41 2.55
C GLY K 84 -47.56 25.47 1.67
N ALA L 1 15.55 34.56 41.34
CA ALA L 1 14.99 35.41 40.30
C ALA L 1 15.70 35.18 38.98
N ALA L 2 17.03 35.29 38.99
CA ALA L 2 17.85 35.04 37.82
C ALA L 2 18.71 33.78 37.91
N ASP L 3 19.09 33.38 39.12
CA ASP L 3 19.82 32.13 39.27
C ASP L 3 18.99 30.94 38.80
N ILE L 4 17.67 31.03 38.93
CA ILE L 4 16.82 29.94 38.44
C ILE L 4 16.91 29.85 36.93
N VAL L 5 16.88 30.98 36.23
CA VAL L 5 17.04 30.96 34.78
C VAL L 5 18.43 30.45 34.42
N GLN L 6 19.44 30.84 35.18
CA GLN L 6 20.79 30.38 34.88
C GLN L 6 20.89 28.87 35.00
N MET L 7 20.34 28.29 36.07
CA MET L 7 20.43 26.86 36.24
C MET L 7 19.59 26.11 35.20
N VAL L 8 18.45 26.68 34.80
CA VAL L 8 17.69 26.06 33.72
C VAL L 8 18.51 26.05 32.42
N GLU L 9 19.22 27.15 32.14
CA GLU L 9 20.03 27.19 30.94
C GLU L 9 21.19 26.19 31.00
N ASP L 10 21.81 26.05 32.18
CA ASP L 10 22.87 25.06 32.32
C ASP L 10 22.34 23.65 32.08
N LEU L 11 21.15 23.36 32.63
CA LEU L 11 20.54 22.07 32.40
C LEU L 11 20.30 21.83 30.91
N THR L 12 19.81 22.86 30.21
CA THR L 12 19.57 22.72 28.78
C THR L 12 20.87 22.47 28.03
N GLY L 13 21.96 23.13 28.44
CA GLY L 13 23.22 22.91 27.75
C GLY L 13 23.74 21.49 27.93
N LYS L 14 23.72 21.00 29.16
CA LYS L 14 24.15 19.61 29.39
C LYS L 14 23.29 18.65 28.60
N LEU L 15 21.97 18.87 28.59
CA LEU L 15 21.08 18.01 27.86
C LEU L 15 21.38 18.04 26.36
N THR L 16 21.75 19.20 25.83
CA THR L 16 22.07 19.28 24.41
C THR L 16 23.33 18.50 24.08
N ALA L 17 24.35 18.59 24.92
CA ALA L 17 25.55 17.79 24.68
C ALA L 17 25.22 16.30 24.67
N LEU L 18 24.49 15.85 25.69
CA LEU L 18 24.08 14.45 25.72
C LEU L 18 23.26 14.09 24.50
N ALA L 19 22.44 15.02 23.99
CA ALA L 19 21.60 14.72 22.85
C ALA L 19 22.43 14.53 21.59
N TRP L 20 23.46 15.34 21.39
CA TRP L 20 24.32 15.12 20.24
C TRP L 20 24.98 13.75 20.33
N ALA L 21 25.47 13.39 21.52
CA ALA L 21 26.09 12.08 21.67
C ALA L 21 25.11 10.97 21.32
N LEU L 22 23.89 11.06 21.84
CA LEU L 22 22.89 10.01 21.58
C LEU L 22 22.49 9.96 20.12
N PHE L 23 22.44 11.12 19.44
CA PHE L 23 22.11 11.10 18.02
C PHE L 23 23.16 10.34 17.24
N LEU L 24 24.43 10.59 17.53
CA LEU L 24 25.47 9.84 16.84
C LEU L 24 25.36 8.35 17.14
N LEU L 25 25.06 8.01 18.41
CA LEU L 25 24.90 6.60 18.76
C LEU L 25 23.77 5.96 17.97
N SER L 26 22.65 6.68 17.81
CA SER L 26 21.51 6.12 17.10
C SER L 26 21.84 5.94 15.62
N TRP L 27 22.54 6.89 15.03
CA TRP L 27 22.98 6.74 13.65
C TRP L 27 23.84 5.48 13.49
N SER L 28 24.78 5.28 14.42
CA SER L 28 25.63 4.10 14.33
C SER L 28 24.83 2.82 14.48
N ILE L 29 23.89 2.79 15.42
CA ILE L 29 23.08 1.59 15.61
C ILE L 29 22.27 1.28 14.36
N GLY L 30 21.66 2.30 13.76
CA GLY L 30 20.87 2.07 12.57
C GLY L 30 21.69 1.52 11.43
N TRP L 31 22.83 2.17 11.15
CA TRP L 31 23.63 1.70 10.03
C TRP L 31 24.33 0.39 10.33
N THR L 32 24.43 -0.01 11.60
CA THR L 32 24.94 -1.34 11.90
C THR L 32 23.88 -2.39 11.68
N LEU L 33 22.64 -2.10 12.07
CA LEU L 33 21.54 -3.02 11.82
C LEU L 33 21.33 -3.22 10.33
N ARG L 34 21.53 -2.16 9.54
CA ARG L 34 21.22 -2.25 8.12
C ARG L 34 22.22 -3.12 7.36
N GLY L 35 23.46 -3.22 7.82
CA GLY L 35 24.47 -3.96 7.11
C GLY L 35 24.79 -5.34 7.64
N SER L 36 24.11 -5.78 8.71
CA SER L 36 24.41 -7.06 9.32
C SER L 36 24.00 -8.21 8.41
N PRO L 37 24.51 -9.41 8.66
CA PRO L 37 24.18 -10.55 7.78
C PRO L 37 22.73 -10.96 7.82
N ILE L 38 21.97 -10.57 8.84
CA ILE L 38 20.58 -10.99 8.99
C ILE L 38 19.75 -10.50 7.80
N PRO L 39 19.10 -11.40 7.07
CA PRO L 39 18.37 -10.99 5.86
C PRO L 39 16.93 -10.59 6.12
N SER L 40 16.56 -10.37 7.37
CA SER L 40 15.19 -9.96 7.68
C SER L 40 14.90 -8.59 7.11
N SER L 41 13.61 -8.28 6.98
CA SER L 41 13.19 -6.97 6.48
C SER L 41 12.74 -6.04 7.58
N ARG L 42 12.11 -6.58 8.64
CA ARG L 42 11.66 -5.73 9.74
C ARG L 42 12.85 -5.00 10.35
N ILE L 43 14.00 -5.66 10.43
CA ILE L 43 15.16 -5.03 11.03
C ILE L 43 15.72 -3.94 10.12
N LYS L 44 15.69 -4.15 8.80
CA LYS L 44 16.05 -3.08 7.89
C LYS L 44 15.13 -1.88 8.08
N ARG L 45 13.83 -2.14 8.27
CA ARG L 45 12.89 -1.05 8.50
C ARG L 45 13.23 -0.30 9.79
N VAL L 46 13.56 -1.04 10.84
CA VAL L 46 13.91 -0.40 12.11
C VAL L 46 15.15 0.46 11.94
N GLY L 47 16.16 -0.05 11.24
CA GLY L 47 17.36 0.74 11.02
C GLY L 47 17.09 2.00 10.23
N ASN L 48 16.25 1.90 9.19
CA ASN L 48 15.89 3.08 8.42
C ASN L 48 15.20 4.11 9.29
N SER L 49 14.23 3.68 10.09
CA SER L 49 13.54 4.62 10.96
C SER L 49 14.51 5.28 11.94
N LEU L 50 15.45 4.51 12.48
CA LEU L 50 16.42 5.07 13.42
C LEU L 50 17.25 6.16 12.75
N ILE L 51 17.85 5.85 11.61
CA ILE L 51 18.75 6.84 11.00
C ILE L 51 17.98 8.05 10.53
N GLU L 52 16.76 7.86 10.04
CA GLU L 52 15.97 8.99 9.57
C GLU L 52 15.60 9.91 10.73
N ASP L 53 15.09 9.34 11.82
CA ASP L 53 14.75 10.16 12.98
C ASP L 53 15.98 10.85 13.55
N SER L 54 17.13 10.18 13.50
CA SER L 54 18.35 10.80 14.00
C SER L 54 18.68 12.05 13.21
N MET L 55 18.72 11.94 11.88
CA MET L 55 19.00 13.12 11.07
C MET L 55 17.97 14.21 11.30
N TRP L 56 16.69 13.83 11.35
CA TRP L 56 15.62 14.80 11.54
C TRP L 56 15.82 15.61 12.81
N ALA L 57 15.99 14.92 13.94
CA ALA L 57 16.12 15.63 15.21
C ALA L 57 17.41 16.43 15.27
N ALA L 58 18.51 15.86 14.75
CA ALA L 58 19.78 16.59 14.77
C ALA L 58 19.66 17.89 13.99
N LEU L 59 18.89 17.91 12.91
CA LEU L 59 18.64 19.18 12.23
C LEU L 59 17.78 20.08 13.08
N TRP L 60 16.70 19.55 13.63
CA TRP L 60 15.68 20.43 14.20
C TRP L 60 16.09 21.05 15.52
N LEU L 61 17.10 20.51 16.20
CA LEU L 61 17.47 21.06 17.51
C LEU L 61 17.91 22.53 17.39
N ALA L 62 19.00 22.77 16.67
CA ALA L 62 19.48 24.16 16.53
C ALA L 62 18.47 25.02 15.79
N LEU L 63 17.81 24.44 14.78
CA LEU L 63 16.74 25.15 14.13
C LEU L 63 15.72 25.66 15.12
N GLY L 64 15.43 24.92 16.18
CA GLY L 64 14.47 25.38 17.15
C GLY L 64 15.01 26.50 18.02
N THR L 65 16.30 26.36 18.36
CA THR L 65 16.98 27.49 18.98
C THR L 65 16.76 28.78 18.21
N THR L 66 16.65 28.70 16.88
CA THR L 66 16.27 29.85 16.06
C THR L 66 14.75 30.07 16.01
N VAL L 67 13.98 28.97 16.02
CA VAL L 67 12.53 29.02 15.87
C VAL L 67 11.91 29.91 16.93
N PHE L 68 12.45 29.90 18.14
CA PHE L 68 11.82 30.68 19.19
C PHE L 68 11.98 32.18 18.93
N ALA L 69 13.14 32.60 18.43
CA ALA L 69 13.29 34.00 18.04
C ALA L 69 12.37 34.34 16.87
N VAL L 70 12.21 33.40 15.93
CA VAL L 70 11.31 33.63 14.80
C VAL L 70 9.88 33.84 15.30
N ILE L 71 9.46 33.04 16.28
CA ILE L 71 8.11 33.16 16.81
C ILE L 71 7.94 34.48 17.53
N VAL L 72 8.97 34.93 18.25
CA VAL L 72 8.90 36.25 18.88
C VAL L 72 8.72 37.33 17.83
N ARG L 73 9.45 37.23 16.72
CA ARG L 73 9.29 38.23 15.66
C ARG L 73 7.88 38.21 15.08
N LEU L 74 7.31 37.01 14.89
CA LEU L 74 5.95 36.93 14.38
C LEU L 74 4.96 37.56 15.35
N ALA L 75 5.17 37.36 16.65
CA ALA L 75 4.32 38.00 17.64
C ALA L 75 4.42 39.51 17.55
N GLY L 76 5.64 40.02 17.38
CA GLY L 76 5.79 41.46 17.20
C GLY L 76 5.05 41.98 15.97
N ILE L 77 5.15 41.23 14.86
CA ILE L 77 4.49 41.67 13.64
C ILE L 77 2.97 41.68 13.79
N VAL L 78 2.41 40.63 14.37
CA VAL L 78 0.96 40.60 14.51
C VAL L 78 0.48 41.66 15.50
N ASN L 79 1.28 41.94 16.54
CA ASN L 79 0.92 43.02 17.45
C ASN L 79 0.91 44.36 16.74
N GLU L 80 1.93 44.61 15.92
CA GLU L 80 1.98 45.87 15.19
C GLU L 80 0.85 45.98 14.18
N VAL L 81 0.42 44.85 13.62
CA VAL L 81 -0.66 44.88 12.64
C VAL L 81 -1.99 45.19 13.31
N LEU L 82 -2.32 44.46 14.38
CA LEU L 82 -3.65 44.59 14.96
C LEU L 82 -3.84 45.92 15.68
N LEU L 83 -2.77 46.52 16.19
CA LEU L 83 -2.88 47.74 16.98
C LEU L 83 -2.09 48.88 16.36
N GLY L 84 -2.19 49.02 15.04
CA GLY L 84 -1.53 50.12 14.35
C GLY L 84 -0.02 50.09 14.46
N ALA M 1 6.46 -14.61 52.30
CA ALA M 1 7.44 -13.56 52.08
C ALA M 1 8.41 -13.95 50.96
N ALA M 2 9.02 -15.13 51.10
CA ALA M 2 9.94 -15.66 50.10
C ALA M 2 9.39 -16.87 49.35
N ASP M 3 8.53 -17.66 49.99
CA ASP M 3 7.92 -18.78 49.29
C ASP M 3 7.09 -18.30 48.11
N ILE M 4 6.52 -17.10 48.21
CA ILE M 4 5.75 -16.57 47.08
C ILE M 4 6.66 -16.28 45.91
N VAL M 5 7.84 -15.71 46.16
CA VAL M 5 8.79 -15.50 45.09
C VAL M 5 9.27 -16.83 44.52
N GLN M 6 9.47 -17.81 45.39
CA GLN M 6 9.91 -19.12 44.91
C GLN M 6 8.88 -19.74 43.98
N MET M 7 7.60 -19.70 44.36
CA MET M 7 6.59 -20.30 43.51
C MET M 7 6.39 -19.51 42.23
N VAL M 8 6.55 -18.18 42.27
CA VAL M 8 6.50 -17.42 41.02
C VAL M 8 7.64 -17.85 40.10
N GLU M 9 8.83 -18.06 40.65
CA GLU M 9 9.94 -18.47 39.81
C GLU M 9 9.72 -19.87 39.23
N ASP M 10 9.16 -20.79 40.03
CA ASP M 10 8.86 -22.11 39.50
C ASP M 10 7.86 -22.02 38.36
N LEU M 11 6.83 -21.19 38.53
CA LEU M 11 5.86 -21.00 37.46
C LEU M 11 6.54 -20.48 36.20
N THR M 12 7.44 -19.52 36.35
CA THR M 12 8.15 -18.98 35.20
C THR M 12 8.99 -20.05 34.52
N GLY M 13 9.62 -20.92 35.30
CA GLY M 13 10.43 -21.97 34.70
C GLY M 13 9.61 -22.95 33.90
N LYS M 14 8.50 -23.42 34.47
CA LYS M 14 7.62 -24.32 33.73
C LYS M 14 7.11 -23.66 32.46
N LEU M 15 6.72 -22.39 32.56
CA LEU M 15 6.25 -21.67 31.39
C LEU M 15 7.32 -21.56 30.32
N THR M 16 8.58 -21.37 30.73
CA THR M 16 9.65 -21.28 29.76
C THR M 16 9.85 -22.59 29.02
N ALA M 17 9.82 -23.71 29.75
CA ALA M 17 9.94 -25.00 29.08
C ALA M 17 8.83 -25.18 28.05
N LEU M 18 7.58 -24.93 28.47
CA LEU M 18 6.47 -25.02 27.53
C LEU M 18 6.66 -24.09 26.35
N ALA M 19 7.24 -22.92 26.58
CA ALA M 19 7.40 -21.96 25.50
C ALA M 19 8.41 -22.45 24.47
N TRP M 20 9.50 -23.06 24.92
CA TRP M 20 10.43 -23.63 23.95
C TRP M 20 9.76 -24.71 23.12
N ALA M 21 8.97 -25.57 23.77
CA ALA M 21 8.26 -26.61 23.02
C ALA M 21 7.34 -25.99 21.98
N LEU M 22 6.56 -24.98 22.38
CA LEU M 22 5.63 -24.37 21.45
C LEU M 22 6.34 -23.64 20.32
N PHE M 23 7.51 -23.04 20.59
CA PHE M 23 8.24 -22.38 19.52
C PHE M 23 8.67 -23.39 18.47
N LEU M 24 9.19 -24.54 18.90
CA LEU M 24 9.55 -25.55 17.93
C LEU M 24 8.32 -26.02 17.15
N LEU M 25 7.19 -26.18 17.83
CA LEU M 25 5.97 -26.59 17.14
C LEU M 25 5.57 -25.56 16.09
N SER M 26 5.67 -24.28 16.41
CA SER M 26 5.28 -23.25 15.46
C SER M 26 6.21 -23.22 14.26
N TRP M 27 7.51 -23.40 14.50
CA TRP M 27 8.46 -23.50 13.39
C TRP M 27 8.08 -24.65 12.47
N SER M 28 7.76 -25.81 13.04
CA SER M 28 7.38 -26.96 12.22
C SER M 28 6.11 -26.69 11.43
N ILE M 29 5.11 -26.08 12.06
CA ILE M 29 3.86 -25.78 11.37
C ILE M 29 4.11 -24.84 10.21
N GLY M 30 4.90 -23.79 10.43
CA GLY M 30 5.16 -22.84 9.37
C GLY M 30 5.86 -23.48 8.19
N TRP M 31 6.94 -24.23 8.46
CA TRP M 31 7.65 -24.82 7.35
C TRP M 31 6.90 -25.98 6.72
N THR M 32 5.88 -26.52 7.38
CA THR M 32 5.03 -27.50 6.73
C THR M 32 4.02 -26.83 5.82
N LEU M 33 3.45 -25.71 6.26
CA LEU M 33 2.54 -24.95 5.40
C LEU M 33 3.26 -24.44 4.17
N ARG M 34 4.53 -24.07 4.31
CA ARG M 34 5.22 -23.46 3.19
C ARG M 34 5.55 -24.46 2.09
N GLY M 35 5.72 -25.73 2.40
CA GLY M 35 6.08 -26.72 1.41
C GLY M 35 4.97 -27.59 0.89
N SER M 36 3.74 -27.39 1.35
CA SER M 36 2.63 -28.24 0.96
C SER M 36 2.28 -28.02 -0.51
N PRO M 37 1.53 -28.95 -1.12
CA PRO M 37 1.19 -28.80 -2.54
C PRO M 37 0.28 -27.62 -2.84
N ILE M 38 -0.40 -27.07 -1.86
CA ILE M 38 -1.35 -25.98 -2.08
C ILE M 38 -0.63 -24.76 -2.66
N PRO M 39 -1.03 -24.28 -3.84
CA PRO M 39 -0.31 -23.17 -4.47
C PRO M 39 -0.82 -21.79 -4.07
N SER M 40 -1.61 -21.71 -3.00
CA SER M 40 -2.09 -20.41 -2.56
C SER M 40 -0.94 -19.54 -2.06
N SER M 41 -1.20 -18.24 -2.00
CA SER M 41 -0.20 -17.30 -1.51
C SER M 41 -0.47 -16.85 -0.08
N ARG M 42 -1.74 -16.72 0.31
CA ARG M 42 -2.05 -16.34 1.68
C ARG M 42 -1.46 -17.32 2.67
N ILE M 43 -1.47 -18.61 2.32
CA ILE M 43 -0.94 -19.60 3.24
C ILE M 43 0.58 -19.53 3.31
N LYS M 44 1.25 -19.23 2.21
CA LYS M 44 2.68 -18.97 2.27
C LYS M 44 2.97 -17.78 3.18
N ARG M 45 2.15 -16.74 3.10
CA ARG M 45 2.33 -15.58 3.96
C ARG M 45 2.16 -15.96 5.43
N VAL M 46 1.15 -16.78 5.73
CA VAL M 46 0.93 -17.22 7.10
C VAL M 46 2.11 -18.02 7.61
N GLY M 47 2.63 -18.93 6.79
CA GLY M 47 3.79 -19.70 7.19
C GLY M 47 5.01 -18.83 7.45
N ASN M 48 5.24 -17.84 6.59
CA ASN M 48 6.35 -16.93 6.80
C ASN M 48 6.21 -16.18 8.11
N SER M 49 5.02 -15.64 8.38
CA SER M 49 4.81 -14.93 9.63
C SER M 49 5.04 -15.85 10.82
N LEU M 50 4.58 -17.09 10.73
CA LEU M 50 4.76 -18.02 11.84
C LEU M 50 6.24 -18.25 12.12
N ILE M 51 7.02 -18.61 11.09
CA ILE M 51 8.41 -18.95 11.35
C ILE M 51 9.19 -17.73 11.79
N GLU M 52 8.86 -16.55 11.24
CA GLU M 52 9.57 -15.34 11.63
C GLU M 52 9.30 -14.99 13.09
N ASP M 53 8.04 -15.00 13.50
CA ASP M 53 7.72 -14.72 14.89
C ASP M 53 8.33 -15.75 15.82
N SER M 54 8.39 -17.01 15.38
CA SER M 54 9.00 -18.04 16.21
C SER M 54 10.46 -17.73 16.49
N MET M 55 11.22 -17.46 15.43
CA MET M 55 12.63 -17.11 15.63
C MET M 55 12.78 -15.87 16.50
N TRP M 56 11.97 -14.85 16.23
CA TRP M 56 12.05 -13.60 16.99
C TRP M 56 11.86 -13.86 18.48
N ALA M 57 10.77 -14.52 18.86
CA ALA M 57 10.50 -14.74 20.28
C ALA M 57 11.53 -15.66 20.91
N ALA M 58 11.94 -16.70 20.18
CA ALA M 58 12.94 -17.62 20.73
C ALA M 58 14.23 -16.89 21.04
N LEU M 59 14.60 -15.90 20.22
CA LEU M 59 15.75 -15.09 20.56
C LEU M 59 15.46 -14.22 21.77
N TRP M 60 14.32 -13.55 21.78
CA TRP M 60 14.12 -12.49 22.74
C TRP M 60 13.88 -12.98 24.16
N LEU M 61 13.52 -14.26 24.34
CA LEU M 61 13.23 -14.73 25.68
C LEU M 61 14.45 -14.63 26.61
N ALA M 62 15.52 -15.35 26.28
CA ALA M 62 16.71 -15.30 27.12
C ALA M 62 17.33 -13.91 27.11
N LEU M 63 17.30 -13.24 25.96
CA LEU M 63 17.74 -11.87 25.91
C LEU M 63 17.03 -11.02 26.95
N GLY M 64 15.76 -11.28 27.22
CA GLY M 64 15.05 -10.50 28.21
C GLY M 64 15.48 -10.85 29.62
N THR M 65 15.70 -12.14 29.83
CA THR M 65 16.34 -12.55 31.08
C THR M 65 17.59 -11.72 31.38
N THR M 66 18.32 -11.31 30.34
CA THR M 66 19.43 -10.37 30.49
C THR M 66 18.97 -8.91 30.53
N VAL M 67 17.93 -8.58 29.78
CA VAL M 67 17.45 -7.21 29.65
C VAL M 67 17.12 -6.62 31.01
N PHE M 68 16.58 -7.44 31.91
CA PHE M 68 16.18 -6.86 33.19
C PHE M 68 17.40 -6.43 34.02
N ALA M 69 18.47 -7.22 33.98
CA ALA M 69 19.71 -6.80 34.63
C ALA M 69 20.28 -5.56 33.96
N VAL M 70 20.18 -5.49 32.62
CA VAL M 70 20.65 -4.30 31.92
C VAL M 70 19.89 -3.06 32.38
N ILE M 71 18.58 -3.19 32.54
CA ILE M 71 17.77 -2.06 32.97
C ILE M 71 18.12 -1.65 34.38
N VAL M 72 18.39 -2.63 35.25
CA VAL M 72 18.83 -2.29 36.60
C VAL M 72 20.14 -1.50 36.55
N ARG M 73 21.07 -1.90 35.69
CA ARG M 73 22.32 -1.17 35.57
C ARG M 73 22.08 0.25 35.08
N LEU M 74 21.17 0.42 34.12
CA LEU M 74 20.87 1.77 33.63
C LEU M 74 20.27 2.62 34.73
N ALA M 75 19.42 2.03 35.56
CA ALA M 75 18.86 2.77 36.69
C ALA M 75 19.96 3.21 37.64
N GLY M 76 20.92 2.31 37.92
CA GLY M 76 22.04 2.69 38.76
C GLY M 76 22.84 3.84 38.17
N ILE M 77 23.08 3.80 36.86
CA ILE M 77 23.87 4.85 36.22
C ILE M 77 23.14 6.19 36.29
N VAL M 78 21.85 6.21 35.99
CA VAL M 78 21.14 7.48 36.01
C VAL M 78 21.03 8.01 37.44
N ASN M 79 20.89 7.11 38.43
CA ASN M 79 20.89 7.57 39.81
C ASN M 79 22.22 8.19 40.18
N GLU M 80 23.32 7.56 39.79
CA GLU M 80 24.63 8.11 40.10
C GLU M 80 24.86 9.43 39.38
N VAL M 81 24.28 9.60 38.19
CA VAL M 81 24.46 10.85 37.45
C VAL M 81 23.70 11.98 38.10
N LEU M 82 22.41 11.76 38.39
CA LEU M 82 21.58 12.87 38.86
C LEU M 82 21.94 13.30 40.28
N LEU M 83 22.45 12.40 41.10
CA LEU M 83 22.72 12.69 42.50
C LEU M 83 24.20 12.51 42.84
N GLY M 84 25.07 12.99 41.97
CA GLY M 84 26.50 12.92 42.21
C GLY M 84 27.05 11.51 42.33
N ALA N 1 -36.77 -24.96 26.83
CA ALA N 1 -35.53 -25.47 27.41
C ALA N 1 -34.70 -26.20 26.37
N ALA N 2 -35.32 -27.18 25.69
CA ALA N 2 -34.66 -27.93 24.63
C ALA N 2 -35.22 -27.64 23.25
N ASP N 3 -36.49 -27.27 23.15
CA ASP N 3 -37.05 -26.90 21.85
C ASP N 3 -36.32 -25.69 21.28
N ILE N 4 -35.82 -24.81 22.13
CA ILE N 4 -35.08 -23.65 21.65
C ILE N 4 -33.77 -24.10 21.00
N VAL N 5 -33.08 -25.05 21.61
CA VAL N 5 -31.87 -25.59 21.01
C VAL N 5 -32.21 -26.29 19.71
N GLN N 6 -33.32 -27.02 19.69
CA GLN N 6 -33.70 -27.73 18.47
C GLN N 6 -33.96 -26.76 17.33
N MET N 7 -34.68 -25.67 17.59
CA MET N 7 -34.97 -24.73 16.52
C MET N 7 -33.71 -23.97 16.10
N VAL N 8 -32.80 -23.70 17.03
CA VAL N 8 -31.53 -23.09 16.62
C VAL N 8 -30.77 -24.03 15.70
N GLU N 9 -30.77 -25.33 16.01
CA GLU N 9 -30.06 -26.28 15.15
C GLU N 9 -30.72 -26.39 13.78
N ASP N 10 -32.05 -26.37 13.73
CA ASP N 10 -32.72 -26.39 12.43
C ASP N 10 -32.35 -25.16 11.61
N LEU N 11 -32.33 -23.99 12.25
CA LEU N 11 -31.92 -22.78 11.56
C LEU N 11 -30.51 -22.92 11.02
N THR N 12 -29.60 -23.47 11.82
CA THR N 12 -28.23 -23.65 11.34
C THR N 12 -28.18 -24.60 10.15
N GLY N 13 -28.99 -25.65 10.16
CA GLY N 13 -28.98 -26.58 9.04
C GLY N 13 -29.45 -25.94 7.76
N LYS N 14 -30.58 -25.22 7.83
CA LYS N 14 -31.07 -24.53 6.64
C LYS N 14 -30.03 -23.54 6.13
N LEU N 15 -29.41 -22.79 7.05
CA LEU N 15 -28.40 -21.83 6.65
C LEU N 15 -27.22 -22.52 5.98
N THR N 16 -26.85 -23.70 6.45
CA THR N 16 -25.72 -24.40 5.84
C THR N 16 -26.05 -24.83 4.42
N ALA N 17 -27.25 -25.34 4.20
CA ALA N 17 -27.65 -25.70 2.83
C ALA N 17 -27.58 -24.48 1.92
N LEU N 18 -28.19 -23.37 2.35
CA LEU N 18 -28.10 -22.15 1.57
C LEU N 18 -26.67 -21.73 1.32
N ALA N 19 -25.80 -21.95 2.30
CA ALA N 19 -24.42 -21.51 2.16
C ALA N 19 -23.69 -22.33 1.11
N TRP N 20 -23.93 -23.64 1.06
CA TRP N 20 -23.32 -24.43 0.00
C TRP N 20 -23.79 -23.95 -1.36
N ALA N 21 -25.09 -23.69 -1.50
CA ALA N 21 -25.59 -23.18 -2.77
C ALA N 21 -24.91 -21.88 -3.15
N LEU N 22 -24.80 -20.94 -2.22
CA LEU N 22 -24.19 -19.66 -2.51
C LEU N 22 -22.70 -19.80 -2.83
N PHE N 23 -22.01 -20.73 -2.19
CA PHE N 23 -20.60 -20.93 -2.50
C PHE N 23 -20.43 -21.37 -3.94
N LEU N 24 -21.25 -22.32 -4.38
CA LEU N 24 -21.17 -22.73 -5.77
C LEU N 24 -21.48 -21.58 -6.70
N LEU N 25 -22.49 -20.76 -6.35
CA LEU N 25 -22.81 -19.61 -7.18
C LEU N 25 -21.64 -18.65 -7.28
N SER N 26 -20.95 -18.41 -6.17
CA SER N 26 -19.83 -17.49 -6.19
C SER N 26 -18.68 -18.02 -7.02
N TRP N 27 -18.42 -19.32 -6.92
CA TRP N 27 -17.41 -19.95 -7.76
C TRP N 27 -17.73 -19.75 -9.24
N SER N 28 -19.01 -19.97 -9.60
CA SER N 28 -19.40 -19.80 -10.99
C SER N 28 -19.24 -18.35 -11.44
N ILE N 29 -19.64 -17.39 -10.60
CA ILE N 29 -19.52 -15.98 -10.96
C ILE N 29 -18.06 -15.61 -11.17
N GLY N 30 -17.18 -16.06 -10.27
CA GLY N 30 -15.78 -15.72 -10.41
C GLY N 30 -15.18 -16.27 -11.68
N TRP N 31 -15.41 -17.56 -11.94
CA TRP N 31 -14.81 -18.13 -13.14
C TRP N 31 -15.48 -17.65 -14.42
N THR N 32 -16.68 -17.07 -14.32
CA THR N 32 -17.26 -16.44 -15.50
C THR N 32 -16.66 -15.08 -15.76
N LEU N 33 -16.42 -14.31 -14.69
CA LEU N 33 -15.75 -13.03 -14.85
C LEU N 33 -14.35 -13.20 -15.39
N ARG N 34 -13.68 -14.28 -14.99
CA ARG N 34 -12.28 -14.44 -15.37
C ARG N 34 -12.11 -14.77 -16.85
N GLY N 35 -13.09 -15.42 -17.47
CA GLY N 35 -12.98 -15.83 -18.85
C GLY N 35 -13.69 -14.97 -19.86
N SER N 36 -14.34 -13.90 -19.44
CA SER N 36 -15.11 -13.05 -20.34
C SER N 36 -14.19 -12.29 -21.29
N PRO N 37 -14.72 -11.76 -22.39
CA PRO N 37 -13.86 -11.04 -23.35
C PRO N 37 -13.26 -9.77 -22.81
N ILE N 38 -13.80 -9.20 -21.74
CA ILE N 38 -13.31 -7.93 -21.21
C ILE N 38 -11.85 -8.05 -20.78
N PRO N 39 -10.96 -7.22 -21.34
CA PRO N 39 -9.54 -7.37 -21.03
C PRO N 39 -9.07 -6.57 -19.82
N SER N 40 -10.01 -6.09 -19.01
CA SER N 40 -9.63 -5.33 -17.83
C SER N 40 -8.90 -6.22 -16.82
N SER N 41 -8.17 -5.59 -15.91
CA SER N 41 -7.45 -6.32 -14.88
C SER N 41 -8.16 -6.29 -13.53
N ARG N 42 -8.83 -5.19 -13.21
CA ARG N 42 -9.56 -5.11 -11.96
C ARG N 42 -10.61 -6.22 -11.87
N ILE N 43 -11.25 -6.54 -12.98
CA ILE N 43 -12.27 -7.57 -12.96
C ILE N 43 -11.64 -8.95 -12.80
N LYS N 44 -10.48 -9.19 -13.40
CA LYS N 44 -9.76 -10.44 -13.11
C LYS N 44 -9.43 -10.54 -11.63
N ARG N 45 -9.02 -9.43 -11.02
CA ARG N 45 -8.72 -9.44 -9.60
C ARG N 45 -9.97 -9.78 -8.78
N VAL N 46 -11.11 -9.19 -9.15
CA VAL N 46 -12.35 -9.47 -8.43
C VAL N 46 -12.72 -10.94 -8.56
N GLY N 47 -12.59 -11.50 -9.76
CA GLY N 47 -12.89 -12.91 -9.94
C GLY N 47 -11.98 -13.81 -9.12
N ASN N 48 -10.69 -13.48 -9.07
CA ASN N 48 -9.76 -14.25 -8.26
C ASN N 48 -10.15 -14.20 -6.79
N SER N 49 -10.44 -13.01 -6.28
CA SER N 49 -10.84 -12.91 -4.88
C SER N 49 -12.10 -13.71 -4.62
N LEU N 50 -13.06 -13.67 -5.53
CA LEU N 50 -14.29 -14.42 -5.35
C LEU N 50 -14.02 -15.91 -5.24
N ILE N 51 -13.30 -16.47 -6.20
CA ILE N 51 -13.12 -17.92 -6.20
C ILE N 51 -12.26 -18.35 -5.01
N GLU N 52 -11.29 -17.53 -4.64
CA GLU N 52 -10.44 -17.88 -3.51
C GLU N 52 -11.23 -17.90 -2.21
N ASP N 53 -12.01 -16.84 -1.96
CA ASP N 53 -12.82 -16.81 -0.76
C ASP N 53 -13.85 -17.93 -0.75
N SER N 54 -14.38 -18.28 -1.91
CA SER N 54 -15.33 -19.38 -1.98
C SER N 54 -14.71 -20.67 -1.51
N MET N 55 -13.55 -21.03 -2.08
CA MET N 55 -12.87 -22.25 -1.65
C MET N 55 -12.54 -22.20 -0.16
N TRP N 56 -12.02 -21.06 0.31
CA TRP N 56 -11.64 -20.92 1.71
C TRP N 56 -12.82 -21.21 2.63
N ALA N 57 -13.94 -20.52 2.41
CA ALA N 57 -15.09 -20.70 3.31
C ALA N 57 -15.67 -22.10 3.19
N ALA N 58 -15.74 -22.63 1.96
CA ALA N 58 -16.29 -23.97 1.79
C ALA N 58 -15.47 -24.99 2.55
N LEU N 59 -14.15 -24.80 2.62
CA LEU N 59 -13.35 -25.68 3.47
C LEU N 59 -13.66 -25.44 4.94
N TRP N 60 -13.69 -24.18 5.35
CA TRP N 60 -13.67 -23.90 6.78
C TRP N 60 -14.98 -24.19 7.47
N LEU N 61 -16.08 -24.32 6.73
CA LEU N 61 -17.36 -24.53 7.39
C LEU N 61 -17.39 -25.85 8.19
N ALA N 62 -17.23 -26.98 7.49
CA ALA N 62 -17.23 -28.26 8.20
C ALA N 62 -16.06 -28.38 9.15
N LEU N 63 -14.90 -27.84 8.75
CA LEU N 63 -13.77 -27.78 9.68
C LEU N 63 -14.16 -27.13 10.97
N GLY N 64 -15.02 -26.11 10.95
CA GLY N 64 -15.41 -25.46 12.19
C GLY N 64 -16.36 -26.31 13.00
N THR N 65 -17.25 -26.99 12.29
CA THR N 65 -18.04 -28.02 12.96
C THR N 65 -17.18 -28.96 13.78
N THR N 66 -15.95 -29.24 13.32
CA THR N 66 -14.97 -29.99 14.11
C THR N 66 -14.21 -29.11 15.11
N VAL N 67 -13.95 -27.87 14.74
CA VAL N 67 -13.16 -26.95 15.56
C VAL N 67 -13.75 -26.80 16.93
N PHE N 68 -15.08 -26.80 17.03
CA PHE N 68 -15.66 -26.57 18.35
C PHE N 68 -15.41 -27.74 19.29
N ALA N 69 -15.47 -28.97 18.77
CA ALA N 69 -15.10 -30.12 19.58
C ALA N 69 -13.61 -30.08 19.94
N VAL N 70 -12.78 -29.63 19.01
CA VAL N 70 -11.35 -29.51 19.31
C VAL N 70 -11.13 -28.52 20.45
N ILE N 71 -11.85 -27.41 20.43
CA ILE N 71 -11.69 -26.40 21.48
C ILE N 71 -12.18 -26.95 22.81
N VAL N 72 -13.25 -27.73 22.81
CA VAL N 72 -13.70 -28.36 24.04
C VAL N 72 -12.61 -29.28 24.59
N ARG N 73 -11.96 -30.04 23.71
CA ARG N 73 -10.89 -30.93 24.17
C ARG N 73 -9.73 -30.12 24.76
N LEU N 74 -9.38 -29.00 24.13
CA LEU N 74 -8.31 -28.17 24.67
C LEU N 74 -8.68 -27.61 26.04
N ALA N 75 -9.94 -27.23 26.22
CA ALA N 75 -10.39 -26.78 27.53
C ALA N 75 -10.25 -27.88 28.57
N GLY N 76 -10.62 -29.10 28.20
CA GLY N 76 -10.45 -30.21 29.12
C GLY N 76 -8.99 -30.43 29.48
N ILE N 77 -8.09 -30.34 28.50
CA ILE N 77 -6.67 -30.54 28.77
C ILE N 77 -6.13 -29.47 29.70
N VAL N 78 -6.45 -28.21 29.44
CA VAL N 78 -5.91 -27.16 30.29
C VAL N 78 -6.50 -27.24 31.69
N ASN N 79 -7.77 -27.66 31.82
CA ASN N 79 -8.34 -27.84 33.14
C ASN N 79 -7.62 -28.95 33.90
N GLU N 80 -7.35 -30.06 33.22
CA GLU N 80 -6.64 -31.16 33.87
C GLU N 80 -5.21 -30.76 34.23
N VAL N 81 -4.60 -29.88 33.46
CA VAL N 81 -3.23 -29.47 33.75
C VAL N 81 -3.20 -28.56 34.97
N LEU N 82 -4.04 -27.52 34.98
CA LEU N 82 -3.95 -26.53 36.05
C LEU N 82 -4.40 -27.07 37.40
N LEU N 83 -5.31 -28.04 37.41
CA LEU N 83 -5.89 -28.54 38.65
C LEU N 83 -5.62 -30.02 38.84
N GLY N 84 -4.40 -30.45 38.54
CA GLY N 84 -4.01 -31.84 38.74
C GLY N 84 -4.80 -32.82 37.89
N ALA O 1 -45.29 17.49 -0.70
CA ALA O 1 -45.48 16.05 -0.56
C ALA O 1 -44.97 15.32 -1.79
N ALA O 2 -45.43 15.74 -2.97
CA ALA O 2 -45.00 15.16 -4.23
C ALA O 2 -44.16 16.10 -5.08
N ASP O 3 -44.37 17.42 -4.94
CA ASP O 3 -43.54 18.37 -5.67
C ASP O 3 -42.08 18.24 -5.24
N ILE O 4 -41.84 17.85 -3.98
CA ILE O 4 -40.47 17.67 -3.53
C ILE O 4 -39.81 16.50 -4.26
N VAL O 5 -40.55 15.40 -4.42
CA VAL O 5 -40.03 14.28 -5.19
C VAL O 5 -39.82 14.68 -6.64
N GLN O 6 -40.73 15.48 -7.19
CA GLN O 6 -40.58 15.89 -8.57
C GLN O 6 -39.32 16.72 -8.76
N MET O 7 -39.07 17.68 -7.86
CA MET O 7 -37.88 18.50 -8.02
C MET O 7 -36.61 17.71 -7.77
N VAL O 8 -36.65 16.72 -6.86
CA VAL O 8 -35.48 15.87 -6.70
C VAL O 8 -35.20 15.11 -7.98
N GLU O 9 -36.25 14.60 -8.63
CA GLU O 9 -36.04 13.87 -9.88
C GLU O 9 -35.51 14.77 -10.99
N ASP O 10 -36.01 16.01 -11.06
CA ASP O 10 -35.48 16.94 -12.06
C ASP O 10 -34.00 17.21 -11.81
N LEU O 11 -33.62 17.40 -10.55
CA LEU O 11 -32.23 17.59 -10.22
C LEU O 11 -31.39 16.39 -10.65
N THR O 12 -31.89 15.19 -10.40
CA THR O 12 -31.15 13.99 -10.82
C THR O 12 -31.01 13.95 -12.33
N GLY O 13 -32.04 14.33 -13.07
CA GLY O 13 -31.94 14.31 -14.52
C GLY O 13 -30.90 15.28 -15.04
N LYS O 14 -30.92 16.51 -14.56
CA LYS O 14 -29.92 17.48 -14.97
C LYS O 14 -28.53 16.98 -14.63
N LEU O 15 -28.36 16.43 -13.43
CA LEU O 15 -27.06 15.91 -13.02
C LEU O 15 -26.60 14.78 -13.93
N THR O 16 -27.54 13.94 -14.37
CA THR O 16 -27.16 12.84 -15.25
C THR O 16 -26.67 13.36 -16.61
N ALA O 17 -27.36 14.35 -17.16
CA ALA O 17 -26.89 14.93 -18.42
C ALA O 17 -25.48 15.49 -18.26
N LEU O 18 -25.27 16.29 -17.22
CA LEU O 18 -23.93 16.82 -16.96
C LEU O 18 -22.92 15.70 -16.80
N ALA O 19 -23.33 14.59 -16.19
CA ALA O 19 -22.39 13.50 -15.94
C ALA O 19 -21.96 12.83 -17.23
N TRP O 20 -22.89 12.65 -18.16
CA TRP O 20 -22.50 12.10 -19.47
C TRP O 20 -21.51 13.02 -20.16
N ALA O 21 -21.79 14.33 -20.12
CA ALA O 21 -20.85 15.27 -20.73
C ALA O 21 -19.46 15.16 -20.11
N LEU O 22 -19.40 15.13 -18.78
CA LEU O 22 -18.11 15.06 -18.10
C LEU O 22 -17.40 13.75 -18.36
N PHE O 23 -18.14 12.65 -18.50
CA PHE O 23 -17.50 11.38 -18.81
C PHE O 23 -16.82 11.43 -20.15
N LEU O 24 -17.50 11.99 -21.16
CA LEU O 24 -16.86 12.12 -22.46
C LEU O 24 -15.64 13.03 -22.37
N LEU O 25 -15.73 14.12 -21.60
CA LEU O 25 -14.57 15.00 -21.44
C LEU O 25 -13.40 14.26 -20.81
N SER O 26 -13.67 13.43 -19.80
CA SER O 26 -12.59 12.71 -19.15
C SER O 26 -11.95 11.70 -20.08
N TRP O 27 -12.76 11.00 -20.87
CA TRP O 27 -12.22 10.09 -21.88
C TRP O 27 -11.30 10.83 -22.83
N SER O 28 -11.72 12.00 -23.30
CA SER O 28 -10.89 12.77 -24.22
C SER O 28 -9.59 13.20 -23.56
N ILE O 29 -9.66 13.67 -22.32
CA ILE O 29 -8.45 14.10 -21.62
C ILE O 29 -7.48 12.95 -21.46
N GLY O 30 -7.99 11.78 -21.07
CA GLY O 30 -7.11 10.64 -20.88
C GLY O 30 -6.42 10.23 -22.16
N TRP O 31 -7.20 10.09 -23.24
CA TRP O 31 -6.57 9.65 -24.48
C TRP O 31 -5.73 10.75 -25.12
N THR O 32 -5.88 12.00 -24.70
CA THR O 32 -4.97 13.03 -25.16
C THR O 32 -3.66 12.98 -24.40
N LEU O 33 -3.73 12.75 -23.08
CA LEU O 33 -2.51 12.60 -22.30
C LEU O 33 -1.71 11.39 -22.77
N ARG O 34 -2.40 10.32 -23.17
CA ARG O 34 -1.70 9.10 -23.51
C ARG O 34 -0.91 9.21 -24.81
N GLY O 35 -1.35 10.05 -25.74
CA GLY O 35 -0.69 10.15 -27.03
C GLY O 35 0.23 11.34 -27.21
N SER O 36 0.39 12.17 -26.20
CA SER O 36 1.21 13.37 -26.32
C SER O 36 2.68 13.01 -26.47
N PRO O 37 3.51 13.95 -26.93
CA PRO O 37 4.93 13.64 -27.12
C PRO O 37 5.69 13.37 -25.83
N ILE O 38 5.16 13.77 -24.68
CA ILE O 38 5.86 13.61 -23.41
C ILE O 38 6.11 12.13 -23.12
N PRO O 39 7.36 11.72 -22.94
CA PRO O 39 7.65 10.29 -22.76
C PRO O 39 7.61 9.84 -21.31
N SER O 40 7.03 10.64 -20.42
CA SER O 40 6.93 10.24 -19.03
C SER O 40 6.02 9.04 -18.86
N SER O 41 6.15 8.35 -17.73
CA SER O 41 5.31 7.20 -17.44
C SER O 41 4.18 7.52 -16.47
N ARG O 42 4.44 8.41 -15.51
CA ARG O 42 3.39 8.79 -14.57
C ARG O 42 2.18 9.36 -15.29
N ILE O 43 2.42 10.12 -16.36
CA ILE O 43 1.31 10.71 -17.08
C ILE O 43 0.56 9.65 -17.88
N LYS O 44 1.24 8.65 -18.43
CA LYS O 44 0.54 7.54 -19.03
C LYS O 44 -0.33 6.82 -18.01
N ARG O 45 0.18 6.66 -16.79
CA ARG O 45 -0.61 6.03 -15.74
C ARG O 45 -1.85 6.85 -15.42
N VAL O 46 -1.70 8.17 -15.35
CA VAL O 46 -2.84 9.04 -15.05
C VAL O 46 -3.88 8.94 -16.16
N GLY O 47 -3.43 8.94 -17.42
CA GLY O 47 -4.37 8.79 -18.51
C GLY O 47 -5.11 7.47 -18.48
N ASN O 48 -4.40 6.38 -18.17
CA ASN O 48 -5.05 5.08 -18.07
C ASN O 48 -6.10 5.09 -16.98
N SER O 49 -5.76 5.62 -15.81
CA SER O 49 -6.73 5.66 -14.72
C SER O 49 -7.95 6.49 -15.12
N LEU O 50 -7.73 7.61 -15.81
CA LEU O 50 -8.85 8.45 -16.23
C LEU O 50 -9.79 7.69 -17.15
N ILE O 51 -9.25 7.08 -18.21
CA ILE O 51 -10.13 6.45 -19.18
C ILE O 51 -10.82 5.23 -18.57
N GLU O 52 -10.12 4.51 -17.69
CA GLU O 52 -10.72 3.34 -17.08
C GLU O 52 -11.87 3.74 -16.16
N ASP O 53 -11.65 4.72 -15.30
CA ASP O 53 -12.72 5.18 -14.42
C ASP O 53 -13.89 5.74 -15.21
N SER O 54 -13.59 6.41 -16.34
CA SER O 54 -14.67 6.94 -17.17
C SER O 54 -15.56 5.83 -17.68
N MET O 55 -14.96 4.81 -18.29
CA MET O 55 -15.77 3.68 -18.77
C MET O 55 -16.54 3.02 -17.63
N TRP O 56 -15.88 2.81 -16.50
CA TRP O 56 -16.51 2.16 -15.36
C TRP O 56 -17.77 2.90 -14.92
N ALA O 57 -17.63 4.19 -14.66
CA ALA O 57 -18.78 4.96 -14.17
C ALA O 57 -19.86 5.08 -15.23
N ALA O 58 -19.47 5.28 -16.50
CA ALA O 58 -20.46 5.38 -17.56
C ALA O 58 -21.28 4.12 -17.66
N LEU O 59 -20.67 2.96 -17.42
CA LEU O 59 -21.46 1.74 -17.36
C LEU O 59 -22.35 1.72 -16.14
N TRP O 60 -21.80 2.06 -14.98
CA TRP O 60 -22.50 1.77 -13.74
C TRP O 60 -23.67 2.71 -13.49
N LEU O 61 -23.74 3.84 -14.16
CA LEU O 61 -24.82 4.79 -13.87
C LEU O 61 -26.19 4.18 -14.18
N ALA O 62 -26.44 3.84 -15.45
CA ALA O 62 -27.73 3.26 -15.81
C ALA O 62 -27.93 1.91 -15.14
N LEU O 63 -26.85 1.13 -15.03
CA LEU O 63 -26.94 -0.11 -14.27
C LEU O 63 -27.48 0.12 -12.87
N GLY O 64 -27.15 1.25 -12.24
CA GLY O 64 -27.67 1.51 -10.91
C GLY O 64 -29.13 1.89 -10.93
N THR O 65 -29.49 2.66 -11.95
CA THR O 65 -30.92 2.89 -12.18
C THR O 65 -31.70 1.59 -12.19
N THR O 66 -31.10 0.50 -12.67
CA THR O 66 -31.69 -0.84 -12.55
C THR O 66 -31.44 -1.51 -11.20
N VAL O 67 -30.27 -1.24 -10.61
CA VAL O 67 -29.86 -1.88 -9.36
C VAL O 67 -30.87 -1.62 -8.26
N PHE O 68 -31.48 -0.45 -8.25
CA PHE O 68 -32.39 -0.17 -7.15
C PHE O 68 -33.66 -1.01 -7.26
N ALA O 69 -34.17 -1.22 -8.46
CA ALA O 69 -35.29 -2.14 -8.64
C ALA O 69 -34.88 -3.57 -8.28
N VAL O 70 -33.66 -3.96 -8.62
CA VAL O 70 -33.18 -5.29 -8.26
C VAL O 70 -33.17 -5.46 -6.75
N ILE O 71 -32.71 -4.43 -6.03
CA ILE O 71 -32.65 -4.52 -4.58
C ILE O 71 -34.05 -4.59 -3.99
N VAL O 72 -35.00 -3.85 -4.57
CA VAL O 72 -36.38 -3.97 -4.12
C VAL O 72 -36.89 -5.38 -4.30
N ARG O 73 -36.58 -6.01 -5.43
CA ARG O 73 -37.01 -7.38 -5.64
C ARG O 73 -36.38 -8.33 -4.63
N LEU O 74 -35.10 -8.12 -4.31
CA LEU O 74 -34.46 -8.96 -3.30
C LEU O 74 -35.11 -8.80 -1.94
N ALA O 75 -35.49 -7.57 -1.60
CA ALA O 75 -36.19 -7.34 -0.35
C ALA O 75 -37.51 -8.09 -0.33
N GLY O 76 -38.25 -8.04 -1.45
CA GLY O 76 -39.49 -8.80 -1.52
C GLY O 76 -39.27 -10.29 -1.33
N ILE O 77 -38.22 -10.82 -1.96
CA ILE O 77 -37.95 -12.26 -1.85
C ILE O 77 -37.61 -12.64 -0.41
N VAL O 78 -36.74 -11.87 0.24
CA VAL O 78 -36.37 -12.24 1.60
C VAL O 78 -37.56 -12.07 2.55
N ASN O 79 -38.42 -11.09 2.30
CA ASN O 79 -39.61 -10.95 3.12
C ASN O 79 -40.52 -12.16 2.95
N GLU O 80 -40.72 -12.60 1.70
CA GLU O 80 -41.56 -13.76 1.48
C GLU O 80 -40.96 -15.02 2.06
N VAL O 81 -39.63 -15.11 2.12
CA VAL O 81 -38.99 -16.29 2.67
C VAL O 81 -39.15 -16.33 4.19
N LEU O 82 -38.82 -15.23 4.87
CA LEU O 82 -38.80 -15.27 6.33
C LEU O 82 -40.19 -15.36 6.92
N LEU O 83 -41.21 -14.85 6.24
CA LEU O 83 -42.55 -14.80 6.79
C LEU O 83 -43.54 -15.57 5.93
N GLY O 84 -43.15 -16.75 5.47
CA GLY O 84 -44.02 -17.60 4.69
C GLY O 84 -44.46 -16.98 3.37
N ALA P 1 -3.15 45.99 7.42
CA ALA P 1 -4.27 45.67 6.55
C ALA P 1 -3.78 45.25 5.17
N ALA P 2 -2.96 46.10 4.55
CA ALA P 2 -2.38 45.83 3.25
C ALA P 2 -0.88 45.57 3.30
N ASP P 3 -0.17 46.17 4.25
CA ASP P 3 1.25 45.88 4.39
C ASP P 3 1.49 44.41 4.68
N ILE P 4 0.56 43.75 5.37
CA ILE P 4 0.71 42.33 5.64
C ILE P 4 0.64 41.53 4.34
N VAL P 5 -0.29 41.88 3.45
CA VAL P 5 -0.35 41.23 2.15
C VAL P 5 0.91 41.52 1.36
N GLN P 6 1.41 42.74 1.44
CA GLN P 6 2.62 43.09 0.70
C GLN P 6 3.81 42.26 1.16
N MET P 7 3.98 42.12 2.48
CA MET P 7 5.11 41.35 2.97
C MET P 7 4.94 39.86 2.67
N VAL P 8 3.71 39.35 2.68
CA VAL P 8 3.51 37.97 2.29
C VAL P 8 3.91 37.77 0.83
N GLU P 9 3.57 38.73 -0.03
CA GLU P 9 3.93 38.60 -1.44
C GLU P 9 5.44 38.69 -1.62
N ASP P 10 6.11 39.56 -0.89
CA ASP P 10 7.57 39.63 -0.97
C ASP P 10 8.20 38.31 -0.55
N LEU P 11 7.68 37.72 0.53
CA LEU P 11 8.18 36.42 0.96
C LEU P 11 7.99 35.37 -0.12
N THR P 12 6.82 35.37 -0.77
CA THR P 12 6.59 34.42 -1.84
C THR P 12 7.56 34.62 -3.00
N GLY P 13 7.86 35.88 -3.32
CA GLY P 13 8.79 36.14 -4.42
C GLY P 13 10.18 35.63 -4.13
N LYS P 14 10.70 35.94 -2.93
CA LYS P 14 12.01 35.44 -2.55
C LYS P 14 12.03 33.92 -2.57
N LEU P 15 10.98 33.30 -2.04
CA LEU P 15 10.92 31.85 -2.02
C LEU P 15 10.91 31.28 -3.44
N THR P 16 10.24 31.96 -4.37
CA THR P 16 10.21 31.46 -5.74
C THR P 16 11.60 31.53 -6.39
N ALA P 17 12.33 32.61 -6.16
CA ALA P 17 13.69 32.68 -6.68
C ALA P 17 14.54 31.54 -6.14
N LEU P 18 14.51 31.36 -4.82
CA LEU P 18 15.24 30.25 -4.23
C LEU P 18 14.81 28.91 -4.79
N ALA P 19 13.52 28.78 -5.11
CA ALA P 19 13.02 27.50 -5.61
C ALA P 19 13.56 27.22 -7.00
N TRP P 20 13.63 28.23 -7.86
CA TRP P 20 14.23 28.01 -9.17
C TRP P 20 15.69 27.58 -9.03
N ALA P 21 16.43 28.24 -8.14
CA ALA P 21 17.82 27.86 -7.92
C ALA P 21 17.92 26.40 -7.47
N LEU P 22 17.10 26.01 -6.51
CA LEU P 22 17.15 24.65 -6.00
C LEU P 22 16.73 23.63 -7.04
N PHE P 23 15.78 23.98 -7.90
CA PHE P 23 15.38 23.05 -8.95
C PHE P 23 16.54 22.78 -9.89
N LEU P 24 17.25 23.82 -10.29
CA LEU P 24 18.43 23.60 -11.14
C LEU P 24 19.46 22.75 -10.42
N LEU P 25 19.67 23.01 -9.12
CA LEU P 25 20.63 22.20 -8.37
C LEU P 25 20.22 20.74 -8.35
N SER P 26 18.94 20.47 -8.16
CA SER P 26 18.48 19.08 -8.11
C SER P 26 18.64 18.39 -9.45
N TRP P 27 18.35 19.11 -10.54
CA TRP P 27 18.59 18.56 -11.86
C TRP P 27 20.06 18.19 -12.06
N SER P 28 20.95 19.08 -11.63
CA SER P 28 22.38 18.79 -11.77
C SER P 28 22.78 17.59 -10.93
N ILE P 29 22.29 17.50 -9.70
CA ILE P 29 22.64 16.37 -8.84
C ILE P 29 22.16 15.07 -9.45
N GLY P 30 20.93 15.05 -9.97
CA GLY P 30 20.41 13.83 -10.55
C GLY P 30 21.22 13.38 -11.75
N TRP P 31 21.48 14.31 -12.68
CA TRP P 31 22.22 13.89 -13.87
C TRP P 31 23.68 13.64 -13.57
N THR P 32 24.20 14.09 -12.43
CA THR P 32 25.55 13.71 -12.04
C THR P 32 25.57 12.31 -11.46
N LEU P 33 24.57 11.98 -10.64
CA LEU P 33 24.48 10.62 -10.11
C LEU P 33 24.29 9.61 -11.23
N ARG P 34 23.55 10.00 -12.27
CA ARG P 34 23.23 9.03 -13.31
C ARG P 34 24.43 8.67 -14.18
N GLY P 35 25.39 9.56 -14.32
CA GLY P 35 26.54 9.31 -15.18
C GLY P 35 27.82 8.91 -14.49
N SER P 36 27.81 8.79 -13.17
CA SER P 36 29.01 8.47 -12.43
C SER P 36 29.46 7.03 -12.71
N PRO P 37 30.72 6.70 -12.40
CA PRO P 37 31.20 5.35 -12.68
C PRO P 37 30.53 4.26 -11.87
N ILE P 38 29.87 4.59 -10.77
CA ILE P 38 29.25 3.59 -9.91
C ILE P 38 28.19 2.81 -10.67
N PRO P 39 28.31 1.48 -10.76
CA PRO P 39 27.37 0.70 -11.56
C PRO P 39 26.13 0.24 -10.79
N SER P 40 25.88 0.81 -9.63
CA SER P 40 24.71 0.43 -8.86
C SER P 40 23.43 0.83 -9.58
N SER P 41 22.31 0.21 -9.19
CA SER P 41 21.03 0.53 -9.79
C SER P 41 20.18 1.43 -8.89
N ARG P 42 20.28 1.25 -7.57
CA ARG P 42 19.51 2.10 -6.66
C ARG P 42 19.85 3.56 -6.87
N ILE P 43 21.12 3.86 -7.14
CA ILE P 43 21.51 5.25 -7.34
C ILE P 43 21.00 5.78 -8.66
N LYS P 44 20.96 4.96 -9.71
CA LYS P 44 20.30 5.38 -10.94
C LYS P 44 18.83 5.70 -10.69
N ARG P 45 18.17 4.87 -9.88
CA ARG P 45 16.77 5.13 -9.54
C ARG P 45 16.62 6.46 -8.81
N VAL P 46 17.51 6.73 -7.87
CA VAL P 46 17.45 7.99 -7.13
C VAL P 46 17.65 9.17 -8.05
N GLY P 47 18.60 9.07 -8.97
CA GLY P 47 18.82 10.15 -9.92
C GLY P 47 17.61 10.38 -10.81
N ASN P 48 16.99 9.29 -11.28
CA ASN P 48 15.80 9.44 -12.09
C ASN P 48 14.68 10.13 -11.33
N SER P 49 14.45 9.71 -10.08
CA SER P 49 13.40 10.35 -9.29
C SER P 49 13.71 11.82 -9.09
N LEU P 50 14.97 12.16 -8.84
CA LEU P 50 15.33 13.56 -8.64
C LEU P 50 15.02 14.39 -9.87
N ILE P 51 15.50 13.96 -11.04
CA ILE P 51 15.32 14.80 -12.23
C ILE P 51 13.85 14.87 -12.61
N GLU P 52 13.11 13.79 -12.42
CA GLU P 52 11.69 13.80 -12.77
C GLU P 52 10.92 14.76 -11.87
N ASP P 53 11.13 14.67 -10.56
CA ASP P 53 10.45 15.58 -9.64
C ASP P 53 10.85 17.03 -9.91
N SER P 54 12.11 17.25 -10.29
CA SER P 54 12.55 18.60 -10.58
C SER P 54 11.77 19.18 -11.75
N MET P 55 11.70 18.45 -12.86
CA MET P 55 10.93 18.94 -14.00
C MET P 55 9.47 19.14 -13.63
N TRP P 56 8.89 18.19 -12.91
CA TRP P 56 7.48 18.27 -12.52
C TRP P 56 7.19 19.56 -11.75
N ALA P 57 7.95 19.80 -10.68
CA ALA P 57 7.69 20.97 -9.86
C ALA P 57 7.99 22.26 -10.61
N ALA P 58 9.07 22.28 -11.40
CA ALA P 58 9.40 23.47 -12.16
C ALA P 58 8.28 23.84 -13.12
N LEU P 59 7.61 22.84 -13.69
CA LEU P 59 6.44 23.14 -14.50
C LEU P 59 5.30 23.65 -13.63
N TRP P 60 5.03 22.97 -12.52
CA TRP P 60 3.77 23.22 -11.83
C TRP P 60 3.77 24.53 -11.06
N LEU P 61 4.92 25.13 -10.80
CA LEU P 61 4.93 26.35 -10.00
C LEU P 61 4.16 27.49 -10.70
N ALA P 62 4.62 27.90 -11.88
CA ALA P 62 3.93 28.98 -12.59
C ALA P 62 2.53 28.55 -13.00
N LEU P 63 2.38 27.30 -13.39
CA LEU P 63 1.04 26.78 -13.66
C LEU P 63 0.11 27.01 -12.49
N GLY P 64 0.60 26.93 -11.26
CA GLY P 64 -0.26 27.15 -10.12
C GLY P 64 -0.60 28.62 -9.94
N THR P 65 0.40 29.46 -10.19
CA THR P 65 0.13 30.88 -10.28
C THR P 65 -1.06 31.17 -11.19
N THR P 66 -1.24 30.38 -12.24
CA THR P 66 -2.44 30.46 -13.08
C THR P 66 -3.63 29.68 -12.50
N VAL P 67 -3.35 28.56 -11.84
CA VAL P 67 -4.39 27.67 -11.33
C VAL P 67 -5.31 28.41 -10.38
N PHE P 68 -4.77 29.34 -9.60
CA PHE P 68 -5.65 29.99 -8.64
C PHE P 68 -6.66 30.90 -9.34
N ALA P 69 -6.26 31.59 -10.40
CA ALA P 69 -7.22 32.35 -11.19
C ALA P 69 -8.23 31.43 -11.86
N VAL P 70 -7.77 30.27 -12.33
CA VAL P 70 -8.70 29.31 -12.93
C VAL P 70 -9.75 28.87 -11.92
N ILE P 71 -9.32 28.62 -10.69
CA ILE P 71 -10.26 28.18 -9.65
C ILE P 71 -11.25 29.30 -9.33
N VAL P 72 -10.78 30.54 -9.30
CA VAL P 72 -11.70 31.66 -9.10
C VAL P 72 -12.75 31.69 -10.20
N ARG P 73 -12.32 31.47 -11.44
CA ARG P 73 -13.28 31.48 -12.54
C ARG P 73 -14.29 30.34 -12.39
N LEU P 74 -13.83 29.17 -11.97
CA LEU P 74 -14.76 28.05 -11.76
C LEU P 74 -15.76 28.37 -10.66
N ALA P 75 -15.31 29.03 -9.60
CA ALA P 75 -16.22 29.45 -8.55
C ALA P 75 -17.27 30.42 -9.09
N GLY P 76 -16.85 31.36 -9.92
CA GLY P 76 -17.81 32.26 -10.53
C GLY P 76 -18.83 31.53 -11.38
N ILE P 77 -18.38 30.55 -12.16
CA ILE P 77 -19.29 29.81 -13.03
C ILE P 77 -20.30 29.01 -12.21
N VAL P 78 -19.84 28.32 -11.17
CA VAL P 78 -20.79 27.53 -10.39
C VAL P 78 -21.75 28.44 -9.62
N ASN P 79 -21.28 29.61 -9.18
CA ASN P 79 -22.20 30.54 -8.53
C ASN P 79 -23.26 31.02 -9.50
N GLU P 80 -22.86 31.35 -10.73
CA GLU P 80 -23.83 31.80 -11.71
C GLU P 80 -24.80 30.69 -12.09
N VAL P 81 -24.34 29.43 -12.06
CA VAL P 81 -25.23 28.33 -12.40
C VAL P 81 -26.25 28.09 -11.32
N LEU P 82 -25.81 27.99 -10.07
CA LEU P 82 -26.73 27.60 -9.01
C LEU P 82 -27.74 28.69 -8.68
N LEU P 83 -27.39 29.95 -8.89
CA LEU P 83 -28.24 31.06 -8.50
C LEU P 83 -28.62 31.92 -9.70
N GLY P 84 -28.97 31.28 -10.81
CA GLY P 84 -29.39 32.00 -12.00
C GLY P 84 -28.35 32.92 -12.59
N ALA Q 1 27.37 14.61 34.32
CA ALA Q 1 27.27 15.75 33.43
C ALA Q 1 28.07 15.51 32.16
N ALA Q 2 29.35 15.19 32.32
CA ALA Q 2 30.24 14.89 31.20
C ALA Q 2 30.66 13.44 31.13
N ASP Q 3 30.72 12.74 32.27
CA ASP Q 3 31.02 11.32 32.23
C ASP Q 3 29.98 10.55 31.45
N ILE Q 4 28.73 11.02 31.46
CA ILE Q 4 27.68 10.35 30.69
C ILE Q 4 27.96 10.48 29.20
N VAL Q 5 28.39 11.66 28.75
CA VAL Q 5 28.76 11.83 27.35
C VAL Q 5 29.97 10.97 27.02
N GLN Q 6 30.93 10.89 27.95
CA GLN Q 6 32.11 10.08 27.69
C GLN Q 6 31.75 8.61 27.52
N MET Q 7 30.89 8.09 28.38
CA MET Q 7 30.54 6.68 28.27
C MET Q 7 29.68 6.43 27.03
N VAL Q 8 28.84 7.38 26.64
CA VAL Q 8 28.10 7.22 25.39
C VAL Q 8 29.08 7.16 24.21
N GLU Q 9 30.10 8.00 24.22
CA GLU Q 9 31.06 7.97 23.13
C GLU Q 9 31.86 6.67 23.11
N ASP Q 10 32.23 6.15 24.28
CA ASP Q 10 32.92 4.87 24.32
C ASP Q 10 32.05 3.76 23.76
N LEU Q 11 30.76 3.77 24.12
CA LEU Q 11 29.83 2.79 23.57
C LEU Q 11 29.77 2.90 22.06
N THR Q 12 29.70 4.11 21.53
CA THR Q 12 29.66 4.29 20.09
C THR Q 12 30.93 3.76 19.43
N GLY Q 13 32.09 3.98 20.06
CA GLY Q 13 33.33 3.49 19.48
C GLY Q 13 33.37 1.97 19.41
N LYS Q 14 33.03 1.32 20.52
CA LYS Q 14 32.99 -0.15 20.51
C LYS Q 14 32.02 -0.65 19.45
N LEU Q 15 30.85 -0.03 19.36
CA LEU Q 15 29.86 -0.44 18.37
C LEU Q 15 30.40 -0.27 16.97
N THR Q 16 31.16 0.79 16.72
CA THR Q 16 31.70 1.00 15.38
C THR Q 16 32.70 -0.08 15.02
N ALA Q 17 33.57 -0.45 15.96
CA ALA Q 17 34.50 -1.54 15.68
C ALA Q 17 33.76 -2.82 15.34
N LEU Q 18 32.78 -3.18 16.16
CA LEU Q 18 31.98 -4.36 15.88
C LEU Q 18 31.29 -4.25 14.53
N ALA Q 19 30.88 -3.05 14.15
CA ALA Q 19 30.17 -2.87 12.89
C ALA Q 19 31.08 -3.11 11.71
N TRP Q 20 32.32 -2.64 11.78
CA TRP Q 20 33.25 -2.94 10.70
C TRP Q 20 33.47 -4.43 10.57
N ALA Q 21 33.64 -5.12 11.70
CA ALA Q 21 33.82 -6.57 11.65
C ALA Q 21 32.62 -7.24 10.99
N LEU Q 22 31.41 -6.86 11.40
CA LEU Q 22 30.21 -7.48 10.83
C LEU Q 22 30.05 -7.15 9.36
N PHE Q 23 30.44 -5.97 8.93
CA PHE Q 23 30.34 -5.64 7.51
C PHE Q 23 31.23 -6.55 6.69
N LEU Q 24 32.46 -6.76 7.15
CA LEU Q 24 33.33 -7.69 6.43
C LEU Q 24 32.74 -9.09 6.42
N LEU Q 25 32.17 -9.52 7.55
CA LEU Q 25 31.55 -10.84 7.59
C LEU Q 25 30.41 -10.96 6.59
N SER Q 26 29.59 -9.91 6.47
CA SER Q 26 28.47 -9.95 5.55
C SER Q 26 28.94 -9.99 4.11
N TRP Q 27 29.98 -9.22 3.79
CA TRP Q 27 30.56 -9.29 2.46
C TRP Q 27 31.04 -10.70 2.14
N SER Q 28 31.72 -11.34 3.09
CA SER Q 28 32.20 -12.70 2.86
C SER Q 28 31.03 -13.67 2.66
N ILE Q 29 30.00 -13.55 3.48
CA ILE Q 29 28.85 -14.44 3.35
C ILE Q 29 28.20 -14.28 1.98
N GLY Q 30 28.01 -13.04 1.55
CA GLY Q 30 27.37 -12.81 0.26
C GLY Q 30 28.17 -13.40 -0.88
N TRP Q 31 29.47 -13.11 -0.91
CA TRP Q 31 30.26 -13.61 -2.02
C TRP Q 31 30.50 -15.11 -1.93
N THR Q 32 30.28 -15.72 -0.77
CA THR Q 32 30.33 -17.17 -0.69
C THR Q 32 29.05 -17.79 -1.22
N LEU Q 33 27.90 -17.19 -0.90
CA LEU Q 33 26.64 -17.67 -1.44
C LEU Q 33 26.62 -17.55 -2.94
N ARG Q 34 27.23 -16.49 -3.47
CA ARG Q 34 27.13 -16.25 -4.90
C ARG Q 34 27.94 -17.24 -5.73
N GLY Q 35 29.01 -17.80 -5.18
CA GLY Q 35 29.86 -18.71 -5.92
C GLY Q 35 29.67 -20.18 -5.64
N SER Q 36 28.75 -20.54 -4.77
CA SER Q 36 28.56 -21.93 -4.39
C SER Q 36 27.98 -22.73 -5.56
N PRO Q 37 28.07 -24.07 -5.51
CA PRO Q 37 27.57 -24.88 -6.62
C PRO Q 37 26.06 -24.81 -6.80
N ILE Q 38 25.31 -24.37 -5.80
CA ILE Q 38 23.85 -24.36 -5.89
C ILE Q 38 23.39 -23.45 -7.02
N PRO Q 39 22.63 -23.96 -7.98
CA PRO Q 39 22.25 -23.15 -9.15
C PRO Q 39 20.96 -22.37 -8.96
N SER Q 40 20.49 -22.25 -7.71
CA SER Q 40 19.27 -21.49 -7.47
C SER Q 40 19.48 -20.01 -7.78
N SER Q 41 18.36 -19.30 -7.97
CA SER Q 41 18.44 -17.87 -8.24
C SER Q 41 18.09 -17.03 -7.01
N ARG Q 42 17.19 -17.50 -6.16
CA ARG Q 42 16.85 -16.75 -4.96
C ARG Q 42 18.08 -16.54 -4.10
N ILE Q 43 18.96 -17.54 -4.03
CA ILE Q 43 20.15 -17.40 -3.21
C ILE Q 43 21.15 -16.43 -3.84
N LYS Q 44 21.25 -16.39 -5.16
CA LYS Q 44 22.05 -15.35 -5.80
C LYS Q 44 21.49 -13.98 -5.46
N ARG Q 45 20.17 -13.83 -5.46
CA ARG Q 45 19.56 -12.56 -5.11
C ARG Q 45 19.89 -12.18 -3.67
N VAL Q 46 19.84 -13.14 -2.75
CA VAL Q 46 20.16 -12.86 -1.36
C VAL Q 46 21.61 -12.42 -1.23
N GLY Q 47 22.52 -13.10 -1.91
CA GLY Q 47 23.91 -12.70 -1.85
C GLY Q 47 24.14 -11.31 -2.40
N ASN Q 48 23.48 -10.98 -3.51
CA ASN Q 48 23.60 -9.63 -4.06
C ASN Q 48 23.13 -8.59 -3.08
N SER Q 49 21.95 -8.81 -2.47
CA SER Q 49 21.44 -7.86 -1.50
C SER Q 49 22.40 -7.70 -0.33
N LEU Q 50 22.98 -8.81 0.14
CA LEU Q 50 23.91 -8.74 1.25
C LEU Q 50 25.11 -7.89 0.91
N ILE Q 51 25.77 -8.16 -0.21
CA ILE Q 51 27.00 -7.44 -0.51
C ILE Q 51 26.70 -5.97 -0.80
N GLU Q 52 25.57 -5.69 -1.43
CA GLU Q 52 25.22 -4.32 -1.74
C GLU Q 52 24.96 -3.53 -0.47
N ASP Q 53 24.15 -4.07 0.44
CA ASP Q 53 23.89 -3.38 1.69
C ASP Q 53 25.16 -3.22 2.50
N SER Q 54 26.06 -4.20 2.44
CA SER Q 54 27.32 -4.09 3.16
C SER Q 54 28.12 -2.89 2.68
N MET Q 55 28.32 -2.80 1.36
CA MET Q 55 29.06 -1.65 0.83
C MET Q 55 28.37 -0.34 1.18
N TRP Q 56 27.04 -0.30 1.03
CA TRP Q 56 26.29 0.91 1.31
C TRP Q 56 26.51 1.40 2.74
N ALA Q 57 26.30 0.52 3.71
CA ALA Q 57 26.43 0.94 5.11
C ALA Q 57 27.88 1.27 5.45
N ALA Q 58 28.83 0.48 4.93
CA ALA Q 58 30.23 0.76 5.21
C ALA Q 58 30.62 2.13 4.72
N LEU Q 59 30.06 2.57 3.59
CA LEU Q 59 30.31 3.94 3.15
C LEU Q 59 29.62 4.93 4.08
N TRP Q 60 28.36 4.68 4.41
CA TRP Q 60 27.57 5.72 5.04
C TRP Q 60 27.93 5.97 6.49
N LEU Q 61 28.62 5.04 7.14
CA LEU Q 61 28.92 5.23 8.56
C LEU Q 61 29.79 6.48 8.80
N ALA Q 62 31.01 6.48 8.24
CA ALA Q 62 31.89 7.64 8.43
C ALA Q 62 31.30 8.89 7.78
N LEU Q 63 30.66 8.71 6.63
CA LEU Q 63 29.95 9.84 6.02
C LEU Q 63 28.98 10.46 6.99
N GLY Q 64 28.34 9.68 7.84
CA GLY Q 64 27.41 10.26 8.80
C GLY Q 64 28.12 11.00 9.91
N THR Q 65 29.24 10.40 10.34
CA THR Q 65 30.11 11.16 11.24
C THR Q 65 30.39 12.55 10.73
N THR Q 66 30.48 12.72 9.41
CA THR Q 66 30.57 14.05 8.81
C THR Q 66 29.21 14.75 8.64
N VAL Q 67 28.17 13.96 8.36
CA VAL Q 67 26.84 14.50 8.09
C VAL Q 67 26.35 15.34 9.24
N PHE Q 68 26.68 14.96 10.47
CA PHE Q 68 26.14 15.73 11.58
C PHE Q 68 26.76 17.12 11.66
N ALA Q 69 28.05 17.23 11.37
CA ALA Q 69 28.66 18.56 11.28
C ALA Q 69 28.08 19.34 10.11
N VAL Q 70 27.80 18.68 8.99
CA VAL Q 70 27.19 19.36 7.85
C VAL Q 70 25.82 19.92 8.24
N ILE Q 71 25.04 19.15 8.99
CA ILE Q 71 23.73 19.60 9.41
C ILE Q 71 23.84 20.78 10.36
N VAL Q 72 24.83 20.75 11.25
CA VAL Q 72 25.05 21.90 12.12
C VAL Q 72 25.36 23.14 11.30
N ARG Q 73 26.18 22.99 10.27
CA ARG Q 73 26.49 24.15 9.42
C ARG Q 73 25.24 24.67 8.71
N LEU Q 74 24.39 23.76 8.24
CA LEU Q 74 23.16 24.19 7.59
C LEU Q 74 22.25 24.94 8.57
N ALA Q 75 22.20 24.47 9.81
CA ALA Q 75 21.42 25.18 10.82
C ALA Q 75 21.97 26.58 11.04
N GLY Q 76 23.30 26.71 11.10
CA GLY Q 76 23.88 28.03 11.23
C GLY Q 76 23.53 28.93 10.07
N ILE Q 77 23.57 28.41 8.84
CA ILE Q 77 23.27 29.20 7.67
C ILE Q 77 21.81 29.67 7.69
N VAL Q 78 20.88 28.77 7.99
CA VAL Q 78 19.48 29.18 7.97
C VAL Q 78 19.20 30.15 9.10
N ASN Q 79 19.87 30.00 10.25
CA ASN Q 79 19.69 30.98 11.32
C ASN Q 79 20.19 32.35 10.89
N GLU Q 80 21.35 32.39 10.25
CA GLU Q 80 21.88 33.68 9.79
C GLU Q 80 21.01 34.29 8.71
N VAL Q 81 20.34 33.46 7.90
CA VAL Q 81 19.49 33.99 6.85
C VAL Q 81 18.23 34.59 7.44
N LEU Q 82 17.53 33.83 8.30
CA LEU Q 82 16.23 34.29 8.76
C LEU Q 82 16.32 35.48 9.71
N LEU Q 83 17.43 35.62 10.43
CA LEU Q 83 17.56 36.65 11.45
C LEU Q 83 18.73 37.59 11.15
N GLY Q 84 18.88 37.96 9.88
CA GLY Q 84 19.93 38.88 9.49
C GLY Q 84 21.34 38.37 9.73
N ALA R 1 2.41 -30.12 34.09
CA ALA R 1 3.69 -29.43 34.19
C ALA R 1 4.66 -29.92 33.13
N ALA R 2 4.86 -31.24 33.08
CA ALA R 2 5.73 -31.87 32.10
C ALA R 2 4.98 -32.70 31.07
N ASP R 3 3.83 -33.26 31.44
CA ASP R 3 3.03 -34.00 30.47
C ASP R 3 2.57 -33.09 29.34
N ILE R 4 2.38 -31.80 29.61
CA ILE R 4 2.00 -30.88 28.56
C ILE R 4 3.14 -30.72 27.55
N VAL R 5 4.37 -30.60 28.04
CA VAL R 5 5.51 -30.54 27.13
C VAL R 5 5.64 -31.84 26.36
N GLN R 6 5.40 -32.97 27.03
CA GLN R 6 5.51 -34.24 26.34
C GLN R 6 4.50 -34.35 25.20
N MET R 7 3.25 -33.95 25.45
CA MET R 7 2.25 -34.06 24.40
C MET R 7 2.51 -33.05 23.28
N VAL R 8 3.05 -31.88 23.61
CA VAL R 8 3.42 -30.95 22.55
C VAL R 8 4.51 -31.55 21.68
N GLU R 9 5.48 -32.23 22.29
CA GLU R 9 6.54 -32.84 21.50
C GLU R 9 6.02 -33.99 20.64
N ASP R 10 5.10 -34.78 21.17
CA ASP R 10 4.50 -35.84 20.36
C ASP R 10 3.76 -35.25 19.16
N LEU R 11 3.01 -34.17 19.38
CA LEU R 11 2.33 -33.50 18.28
C LEU R 11 3.32 -33.03 17.24
N THR R 12 4.44 -32.44 17.68
CA THR R 12 5.45 -31.99 16.73
C THR R 12 6.03 -33.16 15.94
N GLY R 13 6.25 -34.30 16.59
CA GLY R 13 6.78 -35.44 15.87
C GLY R 13 5.85 -35.96 14.81
N LYS R 14 4.57 -36.13 15.16
CA LYS R 14 3.60 -36.56 14.16
C LYS R 14 3.53 -35.59 13.01
N LEU R 15 3.52 -34.29 13.33
CA LEU R 15 3.46 -33.28 12.28
C LEU R 15 4.68 -33.35 11.38
N THR R 16 5.85 -33.64 11.94
CA THR R 16 7.05 -33.74 11.12
C THR R 16 6.97 -34.91 10.15
N ALA R 17 6.49 -36.06 10.63
CA ALA R 17 6.32 -37.20 9.72
C ALA R 17 5.38 -36.84 8.58
N LEU R 18 4.22 -36.27 8.91
CA LEU R 18 3.30 -35.85 7.87
C LEU R 18 3.94 -34.85 6.93
N ALA R 19 4.81 -33.99 7.44
CA ALA R 19 5.42 -32.97 6.61
C ALA R 19 6.38 -33.59 5.60
N TRP R 20 7.15 -34.59 6.02
CA TRP R 20 8.02 -35.26 5.06
C TRP R 20 7.19 -35.91 3.96
N ALA R 21 6.10 -36.57 4.35
CA ALA R 21 5.24 -37.18 3.34
C ALA R 21 4.72 -36.14 2.35
N LEU R 22 4.23 -35.02 2.86
CA LEU R 22 3.68 -33.99 1.99
C LEU R 22 4.75 -33.36 1.12
N PHE R 23 5.98 -33.23 1.61
CA PHE R 23 7.03 -32.68 0.79
C PHE R 23 7.31 -33.58 -0.40
N LEU R 24 7.38 -34.88 -0.16
CA LEU R 24 7.58 -35.79 -1.29
C LEU R 24 6.41 -35.72 -2.26
N LEU R 25 5.19 -35.61 -1.75
CA LEU R 25 4.03 -35.49 -2.63
C LEU R 25 4.12 -34.23 -3.48
N SER R 26 4.55 -33.12 -2.89
CA SER R 26 4.64 -31.87 -3.65
C SER R 26 5.71 -31.96 -4.72
N TRP R 27 6.85 -32.58 -4.40
CA TRP R 27 7.88 -32.80 -5.40
C TRP R 27 7.34 -33.61 -6.57
N SER R 28 6.60 -34.67 -6.27
CA SER R 28 6.04 -35.49 -7.34
C SER R 28 5.05 -34.69 -8.19
N ILE R 29 4.18 -33.91 -7.54
CA ILE R 29 3.20 -33.12 -8.29
C ILE R 29 3.91 -32.13 -9.20
N GLY R 30 4.93 -31.45 -8.69
CA GLY R 30 5.62 -30.48 -9.51
C GLY R 30 6.28 -31.11 -10.72
N TRP R 31 7.03 -32.19 -10.50
CA TRP R 31 7.71 -32.81 -11.63
C TRP R 31 6.75 -33.53 -12.56
N THR R 32 5.52 -33.81 -12.12
CA THR R 32 4.54 -34.35 -13.05
C THR R 32 3.93 -33.25 -13.89
N LEU R 33 3.67 -32.09 -13.29
CA LEU R 33 3.17 -30.96 -14.07
C LEU R 33 4.20 -30.52 -15.10
N ARG R 34 5.48 -30.61 -14.76
CA ARG R 34 6.50 -30.08 -15.65
C ARG R 34 6.68 -30.93 -16.90
N GLY R 35 6.41 -32.23 -16.83
CA GLY R 35 6.62 -33.11 -17.95
C GLY R 35 5.39 -33.48 -18.75
N SER R 36 4.22 -32.98 -18.38
CA SER R 36 2.99 -33.35 -19.06
C SER R 36 2.95 -32.78 -20.48
N PRO R 37 2.07 -33.31 -21.33
CA PRO R 37 2.03 -32.83 -22.73
C PRO R 37 1.58 -31.40 -22.87
N ILE R 38 0.93 -30.81 -21.87
CA ILE R 38 0.39 -29.46 -21.97
C ILE R 38 1.52 -28.46 -22.21
N PRO R 39 1.48 -27.70 -23.29
CA PRO R 39 2.60 -26.79 -23.62
C PRO R 39 2.47 -25.41 -23.00
N SER R 40 1.58 -25.25 -22.02
CA SER R 40 1.44 -23.95 -21.37
C SER R 40 2.69 -23.59 -20.59
N SER R 41 2.84 -22.30 -20.30
CA SER R 41 3.98 -21.83 -19.52
C SER R 41 3.64 -21.55 -18.07
N ARG R 42 2.41 -21.09 -17.80
CA ARG R 42 2.01 -20.84 -16.42
C ARG R 42 2.11 -22.12 -15.59
N ILE R 43 1.78 -23.26 -16.18
CA ILE R 43 1.83 -24.50 -15.44
C ILE R 43 3.27 -24.94 -15.20
N LYS R 44 4.18 -24.69 -16.15
CA LYS R 44 5.58 -24.92 -15.89
C LYS R 44 6.07 -24.06 -14.73
N ARG R 45 5.61 -22.81 -14.69
CA ARG R 45 5.98 -21.92 -13.59
C ARG R 45 5.48 -22.46 -12.26
N VAL R 46 4.24 -22.95 -12.24
CA VAL R 46 3.68 -23.49 -11.01
C VAL R 46 4.47 -24.71 -10.56
N GLY R 47 4.83 -25.59 -11.49
CA GLY R 47 5.62 -26.75 -11.13
C GLY R 47 6.99 -26.37 -10.58
N ASN R 48 7.63 -25.39 -11.20
CA ASN R 48 8.92 -24.93 -10.69
C ASN R 48 8.80 -24.39 -9.28
N SER R 49 7.79 -23.56 -9.03
CA SER R 49 7.61 -23.02 -7.69
C SER R 49 7.37 -24.14 -6.69
N LEU R 50 6.57 -25.13 -7.07
CA LEU R 50 6.30 -26.25 -6.17
C LEU R 50 7.57 -26.98 -5.79
N ILE R 51 8.36 -27.39 -6.79
CA ILE R 51 9.53 -28.21 -6.47
C ILE R 51 10.56 -27.39 -5.71
N GLU R 52 10.68 -26.10 -6.03
CA GLU R 52 11.65 -25.26 -5.33
C GLU R 52 11.27 -25.08 -3.88
N ASP R 53 10.00 -24.75 -3.61
CA ASP R 53 9.56 -24.61 -2.22
C ASP R 53 9.68 -25.92 -1.47
N SER R 54 9.43 -27.04 -2.15
CA SER R 54 9.57 -28.33 -1.48
C SER R 54 10.99 -28.56 -1.01
N MET R 55 11.97 -28.38 -1.90
CA MET R 55 13.36 -28.55 -1.50
C MET R 55 13.72 -27.58 -0.38
N TRP R 56 13.31 -26.31 -0.51
CA TRP R 56 13.64 -25.30 0.49
C TRP R 56 13.15 -25.71 1.87
N ALA R 57 11.86 -26.04 1.99
CA ALA R 57 11.32 -26.38 3.30
C ALA R 57 11.92 -27.69 3.83
N ALA R 58 12.10 -28.68 2.95
CA ALA R 58 12.69 -29.93 3.40
C ALA R 58 14.07 -29.72 3.98
N LEU R 59 14.84 -28.79 3.42
CA LEU R 59 16.11 -28.46 4.04
C LEU R 59 15.91 -27.75 5.36
N TRP R 60 15.02 -26.76 5.39
CA TRP R 60 15.01 -25.86 6.53
C TRP R 60 14.40 -26.47 7.77
N LEU R 61 13.65 -27.56 7.66
CA LEU R 61 13.01 -28.13 8.84
C LEU R 61 14.04 -28.58 9.89
N ALA R 62 14.89 -29.55 9.53
CA ALA R 62 15.90 -30.02 10.47
C ALA R 62 16.89 -28.92 10.82
N LEU R 63 17.25 -28.11 9.83
CA LEU R 63 18.08 -26.96 10.11
C LEU R 63 17.50 -26.10 11.22
N GLY R 64 16.18 -25.98 11.30
CA GLY R 64 15.58 -25.18 12.35
C GLY R 64 15.65 -25.87 13.70
N THR R 65 15.45 -27.19 13.65
CA THR R 65 15.74 -27.97 14.86
C THR R 65 17.11 -27.65 15.44
N THR R 66 18.08 -27.35 14.58
CA THR R 66 19.38 -26.84 15.04
C THR R 66 19.38 -25.34 15.33
N VAL R 67 18.62 -24.57 14.57
CA VAL R 67 18.60 -23.11 14.67
C VAL R 67 18.23 -22.68 16.07
N PHE R 68 17.35 -23.41 16.73
CA PHE R 68 16.94 -22.95 18.06
C PHE R 68 18.08 -23.08 19.06
N ALA R 69 18.86 -24.16 18.98
CA ALA R 69 20.04 -24.26 19.82
C ALA R 69 21.05 -23.19 19.48
N VAL R 70 21.20 -22.87 18.19
CA VAL R 70 22.12 -21.80 17.80
C VAL R 70 21.69 -20.47 18.40
N ILE R 71 20.39 -20.20 18.40
CA ILE R 71 19.89 -18.95 18.97
C ILE R 71 20.12 -18.91 20.48
N VAL R 72 19.95 -20.05 21.15
CA VAL R 72 20.25 -20.10 22.57
C VAL R 72 21.71 -19.77 22.82
N ARG R 73 22.61 -20.31 21.98
CA ARG R 73 24.03 -20.01 22.15
C ARG R 73 24.30 -18.53 21.93
N LEU R 74 23.66 -17.92 20.94
CA LEU R 74 23.84 -16.49 20.71
C LEU R 74 23.36 -15.67 21.90
N ALA R 75 22.25 -16.08 22.50
CA ALA R 75 21.77 -15.41 23.69
C ALA R 75 22.78 -15.51 24.82
N GLY R 76 23.37 -16.68 24.99
CA GLY R 76 24.41 -16.83 26.01
C GLY R 76 25.59 -15.92 25.75
N ILE R 77 26.02 -15.82 24.49
CA ILE R 77 27.18 -14.99 24.16
C ILE R 77 26.87 -13.53 24.42
N VAL R 78 25.71 -13.04 24.00
CA VAL R 78 25.42 -11.62 24.22
C VAL R 78 25.24 -11.33 25.71
N ASN R 79 24.69 -12.28 26.47
CA ASN R 79 24.60 -12.07 27.90
C ASN R 79 25.98 -11.98 28.54
N GLU R 80 26.89 -12.86 28.14
CA GLU R 80 28.24 -12.82 28.69
C GLU R 80 28.97 -11.55 28.27
N VAL R 81 28.65 -11.01 27.09
CA VAL R 81 29.33 -9.79 26.64
C VAL R 81 28.83 -8.59 27.43
N LEU R 82 27.51 -8.42 27.53
CA LEU R 82 26.98 -7.21 28.13
C LEU R 82 27.23 -7.15 29.63
N LEU R 83 27.31 -8.29 30.30
CA LEU R 83 27.42 -8.32 31.75
C LEU R 83 28.70 -9.01 32.20
N GLY R 84 29.81 -8.72 31.53
CA GLY R 84 31.09 -9.28 31.90
C GLY R 84 31.16 -10.78 31.79
N ALA S 1 -37.34 -21.83 2.70
CA ALA S 1 -36.43 -22.80 3.28
C ALA S 1 -35.69 -23.57 2.21
N ALA S 2 -36.44 -24.17 1.29
CA ALA S 2 -35.88 -24.91 0.17
C ALA S 2 -36.08 -24.24 -1.18
N ASP S 3 -37.16 -23.46 -1.34
CA ASP S 3 -37.36 -22.73 -2.57
C ASP S 3 -36.22 -21.73 -2.81
N ILE S 4 -35.63 -21.21 -1.73
CA ILE S 4 -34.52 -20.29 -1.90
C ILE S 4 -33.31 -21.03 -2.48
N VAL S 5 -33.03 -22.24 -2.00
CA VAL S 5 -31.96 -23.03 -2.59
C VAL S 5 -32.27 -23.38 -4.03
N GLN S 6 -33.54 -23.68 -4.32
CA GLN S 6 -33.90 -24.02 -5.69
C GLN S 6 -33.66 -22.85 -6.63
N MET S 7 -34.08 -21.64 -6.22
CA MET S 7 -33.88 -20.49 -7.09
C MET S 7 -32.41 -20.13 -7.22
N VAL S 8 -31.62 -20.32 -6.16
CA VAL S 8 -30.18 -20.09 -6.30
C VAL S 8 -29.60 -21.06 -7.31
N GLU S 9 -30.03 -22.32 -7.28
CA GLU S 9 -29.50 -23.29 -8.24
C GLU S 9 -29.93 -22.96 -9.67
N ASP S 10 -31.16 -22.50 -9.85
CA ASP S 10 -31.59 -22.10 -11.18
C ASP S 10 -30.75 -20.94 -11.70
N LEU S 11 -30.49 -19.97 -10.81
CA LEU S 11 -29.63 -18.85 -11.20
C LEU S 11 -28.25 -19.34 -11.60
N THR S 12 -27.68 -20.28 -10.85
CA THR S 12 -26.37 -20.81 -11.20
C THR S 12 -26.41 -21.52 -12.55
N GLY S 13 -27.48 -22.25 -12.84
CA GLY S 13 -27.57 -22.93 -14.12
C GLY S 13 -27.61 -21.96 -15.30
N LYS S 14 -28.48 -20.95 -15.20
CA LYS S 14 -28.53 -19.95 -16.26
C LYS S 14 -27.18 -19.27 -16.44
N LEU S 15 -26.53 -18.93 -15.33
CA LEU S 15 -25.23 -18.29 -15.41
C LEU S 15 -24.21 -19.19 -16.08
N THR S 16 -24.28 -20.50 -15.82
CA THR S 16 -23.33 -21.42 -16.44
C THR S 16 -23.53 -21.49 -17.95
N ALA S 17 -24.79 -21.53 -18.40
CA ALA S 17 -25.03 -21.52 -19.84
C ALA S 17 -24.46 -20.25 -20.48
N LEU S 18 -24.77 -19.10 -19.89
CA LEU S 18 -24.21 -17.86 -20.40
C LEU S 18 -22.70 -17.88 -20.39
N ALA S 19 -22.10 -18.53 -19.39
CA ALA S 19 -20.64 -18.54 -19.29
C ALA S 19 -20.03 -19.37 -20.40
N TRP S 20 -20.64 -20.50 -20.75
CA TRP S 20 -20.12 -21.26 -21.88
C TRP S 20 -20.20 -20.44 -23.16
N ALA S 21 -21.32 -19.75 -23.37
CA ALA S 21 -21.44 -18.91 -24.56
C ALA S 21 -20.34 -17.85 -24.60
N LEU S 22 -20.12 -17.17 -23.47
CA LEU S 22 -19.11 -16.12 -23.43
C LEU S 22 -17.71 -16.67 -23.61
N PHE S 23 -17.43 -17.87 -23.11
CA PHE S 23 -16.11 -18.45 -23.29
C PHE S 23 -15.85 -18.69 -24.78
N LEU S 24 -16.84 -19.24 -25.49
CA LEU S 24 -16.65 -19.43 -26.92
C LEU S 24 -16.45 -18.09 -27.62
N LEU S 25 -17.21 -17.07 -27.21
CA LEU S 25 -17.04 -15.75 -27.82
C LEU S 25 -15.64 -15.21 -27.59
N SER S 26 -15.10 -15.39 -26.39
CA SER S 26 -13.77 -14.89 -26.10
C SER S 26 -12.72 -15.63 -26.90
N TRP S 27 -12.86 -16.95 -27.04
CA TRP S 27 -11.95 -17.71 -27.89
C TRP S 27 -11.97 -17.18 -29.31
N SER S 28 -13.16 -16.92 -29.85
CA SER S 28 -13.25 -16.40 -31.21
C SER S 28 -12.60 -15.03 -31.33
N ILE S 29 -12.85 -14.14 -30.35
CA ILE S 29 -12.25 -12.81 -30.41
C ILE S 29 -10.73 -12.89 -30.37
N GLY S 30 -10.19 -13.74 -29.50
CA GLY S 30 -8.75 -13.86 -29.42
C GLY S 30 -8.13 -14.35 -30.71
N TRP S 31 -8.68 -15.44 -31.25
CA TRP S 31 -8.09 -15.97 -32.47
C TRP S 31 -8.38 -15.10 -33.68
N THR S 32 -9.34 -14.18 -33.60
CA THR S 32 -9.51 -13.22 -34.68
C THR S 32 -8.50 -12.10 -34.58
N LEU S 33 -8.22 -11.63 -33.35
CA LEU S 33 -7.19 -10.63 -33.17
C LEU S 33 -5.83 -11.16 -33.60
N ARG S 34 -5.58 -12.44 -33.35
CA ARG S 34 -4.25 -12.97 -33.61
C ARG S 34 -3.95 -13.10 -35.10
N GLY S 35 -4.97 -13.28 -35.94
CA GLY S 35 -4.74 -13.48 -37.36
C GLY S 35 -4.99 -12.27 -38.24
N SER S 36 -5.36 -11.13 -37.67
CA SER S 36 -5.69 -9.96 -38.46
C SER S 36 -4.44 -9.40 -39.12
N PRO S 37 -4.61 -8.54 -40.14
CA PRO S 37 -3.43 -8.00 -40.84
C PRO S 37 -2.58 -7.08 -39.99
N ILE S 38 -3.09 -6.56 -38.88
CA ILE S 38 -2.35 -5.61 -38.05
C ILE S 38 -1.07 -6.26 -37.51
N PRO S 39 0.10 -5.70 -37.79
CA PRO S 39 1.35 -6.33 -37.37
C PRO S 39 1.82 -5.94 -35.99
N SER S 40 0.95 -5.32 -35.19
CA SER S 40 1.33 -4.93 -33.84
C SER S 40 1.60 -6.16 -32.98
N SER S 41 2.31 -5.95 -31.88
CA SER S 41 2.61 -7.03 -30.95
C SER S 41 1.72 -7.00 -29.71
N ARG S 42 1.36 -5.80 -29.24
CA ARG S 42 0.49 -5.71 -28.08
C ARG S 42 -0.83 -6.41 -28.33
N ILE S 43 -1.35 -6.33 -29.55
CA ILE S 43 -2.61 -6.97 -29.85
C ILE S 43 -2.46 -8.48 -29.92
N LYS S 44 -1.32 -8.98 -30.41
CA LYS S 44 -1.07 -10.42 -30.32
C LYS S 44 -1.03 -10.87 -28.87
N ARG S 45 -0.42 -10.06 -28.00
CA ARG S 45 -0.38 -10.39 -26.59
C ARG S 45 -1.78 -10.44 -26.00
N VAL S 46 -2.63 -9.47 -26.35
CA VAL S 46 -3.99 -9.45 -25.84
C VAL S 46 -4.75 -10.68 -26.32
N GLY S 47 -4.60 -11.05 -27.59
CA GLY S 47 -5.27 -12.24 -28.07
C GLY S 47 -4.81 -13.50 -27.37
N ASN S 48 -3.51 -13.62 -27.12
CA ASN S 48 -3.00 -14.77 -26.39
C ASN S 48 -3.58 -14.84 -24.99
N SER S 49 -3.60 -13.71 -24.28
CA SER S 49 -4.16 -13.72 -22.94
C SER S 49 -5.63 -14.11 -22.98
N LEU S 50 -6.38 -13.61 -23.97
CA LEU S 50 -7.79 -13.95 -24.07
C LEU S 50 -7.99 -15.44 -24.24
N ILE S 51 -7.32 -16.05 -25.22
CA ILE S 51 -7.58 -17.45 -25.50
C ILE S 51 -7.10 -18.32 -24.34
N GLU S 52 -5.99 -17.93 -23.71
CA GLU S 52 -5.48 -18.72 -22.60
C GLU S 52 -6.45 -18.68 -21.41
N ASP S 53 -6.91 -17.49 -21.04
CA ASP S 53 -7.87 -17.40 -19.94
C ASP S 53 -9.16 -18.12 -20.27
N SER S 54 -9.57 -18.08 -21.54
CA SER S 54 -10.78 -18.79 -21.93
C SER S 54 -10.66 -20.28 -21.68
N MET S 55 -9.58 -20.88 -22.17
CA MET S 55 -9.37 -22.32 -21.94
C MET S 55 -9.29 -22.61 -20.44
N TRP S 56 -8.54 -21.79 -19.71
CA TRP S 56 -8.38 -22.02 -18.27
C TRP S 56 -9.71 -22.06 -17.56
N ALA S 57 -10.53 -21.02 -17.74
CA ALA S 57 -11.81 -20.96 -17.03
C ALA S 57 -12.76 -22.06 -17.50
N ALA S 58 -12.78 -22.33 -18.81
CA ALA S 58 -13.65 -23.38 -19.31
C ALA S 58 -13.31 -24.72 -18.69
N LEU S 59 -12.04 -24.98 -18.44
CA LEU S 59 -11.68 -26.19 -17.72
C LEU S 59 -12.13 -26.11 -16.27
N TRP S 60 -11.85 -24.99 -15.61
CA TRP S 60 -11.99 -24.97 -14.16
C TRP S 60 -13.43 -24.93 -13.69
N LEU S 61 -14.38 -24.58 -14.54
CA LEU S 61 -15.77 -24.48 -14.09
C LEU S 61 -16.30 -25.82 -13.59
N ALA S 62 -16.36 -26.82 -14.48
CA ALA S 62 -16.86 -28.13 -14.07
C ALA S 62 -15.95 -28.77 -13.03
N LEU S 63 -14.64 -28.58 -13.19
CA LEU S 63 -13.72 -29.04 -12.17
C LEU S 63 -14.09 -28.51 -10.80
N GLY S 64 -14.61 -27.28 -10.71
CA GLY S 64 -14.98 -26.75 -9.41
C GLY S 64 -16.25 -27.38 -8.89
N THR S 65 -17.19 -27.61 -9.83
CA THR S 65 -18.35 -28.42 -9.46
C THR S 65 -17.94 -29.72 -8.77
N THR S 66 -16.80 -30.29 -9.15
CA THR S 66 -16.23 -31.44 -8.43
C THR S 66 -15.42 -31.03 -7.20
N VAL S 67 -14.74 -29.88 -7.27
CA VAL S 67 -13.86 -29.42 -6.21
C VAL S 67 -14.60 -29.30 -4.90
N PHE S 68 -15.86 -28.90 -4.94
CA PHE S 68 -16.56 -28.71 -3.67
C PHE S 68 -16.82 -30.05 -2.98
N ALA S 69 -17.16 -31.08 -3.74
CA ALA S 69 -17.27 -32.41 -3.15
C ALA S 69 -15.93 -32.90 -2.63
N VAL S 70 -14.85 -32.61 -3.36
CA VAL S 70 -13.52 -33.00 -2.89
C VAL S 70 -13.21 -32.33 -1.56
N ILE S 71 -13.56 -31.06 -1.42
CA ILE S 71 -13.29 -30.34 -0.18
C ILE S 71 -14.12 -30.92 0.96
N VAL S 72 -15.37 -31.30 0.67
CA VAL S 72 -16.17 -31.95 1.71
C VAL S 72 -15.52 -33.25 2.16
N ARG S 73 -14.98 -34.03 1.21
CA ARG S 73 -14.31 -35.26 1.60
C ARG S 73 -13.08 -34.98 2.45
N LEU S 74 -12.32 -33.94 2.11
CA LEU S 74 -11.15 -33.60 2.92
C LEU S 74 -11.56 -33.19 4.32
N ALA S 75 -12.67 -32.46 4.45
CA ALA S 75 -13.17 -32.10 5.77
C ALA S 75 -13.53 -33.34 6.56
N GLY S 76 -14.18 -34.30 5.92
CA GLY S 76 -14.49 -35.55 6.60
C GLY S 76 -13.25 -36.28 7.07
N ILE S 77 -12.22 -36.32 6.22
CA ILE S 77 -10.99 -37.02 6.59
C ILE S 77 -10.31 -36.34 7.77
N VAL S 78 -10.20 -35.02 7.74
CA VAL S 78 -9.51 -34.36 8.86
C VAL S 78 -10.33 -34.46 10.13
N ASN S 79 -11.67 -34.47 10.03
CA ASN S 79 -12.48 -34.67 11.22
C ASN S 79 -12.25 -36.06 11.80
N GLU S 80 -12.21 -37.08 10.94
CA GLU S 80 -11.98 -38.43 11.43
C GLU S 80 -10.57 -38.58 12.01
N VAL S 81 -9.61 -37.83 11.50
CA VAL S 81 -8.24 -37.94 12.01
C VAL S 81 -8.15 -37.29 13.39
N LEU S 82 -8.64 -36.06 13.53
CA LEU S 82 -8.43 -35.33 14.78
C LEU S 82 -9.24 -35.91 15.93
N LEU S 83 -10.38 -36.53 15.64
CA LEU S 83 -11.28 -37.01 16.69
C LEU S 83 -11.49 -38.52 16.60
N GLY S 84 -10.42 -39.26 16.35
CA GLY S 84 -10.50 -40.71 16.29
C GLY S 84 -11.39 -41.23 15.19
N ALA T 1 -28.29 24.98 -16.28
CA ALA T 1 -28.92 23.69 -16.46
C ALA T 1 -28.45 23.03 -17.76
N ALA T 2 -28.57 23.75 -18.87
CA ALA T 2 -28.13 23.27 -20.17
C ALA T 2 -26.93 24.03 -20.71
N ASP T 3 -26.76 25.30 -20.34
CA ASP T 3 -25.57 26.03 -20.76
C ASP T 3 -24.31 25.38 -20.23
N ILE T 4 -24.39 24.74 -19.06
CA ILE T 4 -23.22 24.06 -18.51
C ILE T 4 -22.84 22.87 -19.39
N VAL T 5 -23.83 22.11 -19.84
CA VAL T 5 -23.55 21.01 -20.76
C VAL T 5 -23.00 21.56 -22.07
N GLN T 6 -23.54 22.68 -22.54
CA GLN T 6 -23.05 23.24 -23.79
C GLN T 6 -21.59 23.64 -23.68
N MET T 7 -21.22 24.31 -22.59
CA MET T 7 -19.84 24.73 -22.45
C MET T 7 -18.91 23.54 -22.24
N VAL T 8 -19.37 22.49 -21.56
CA VAL T 8 -18.55 21.29 -21.45
C VAL T 8 -18.31 20.69 -22.83
N GLU T 9 -19.34 20.67 -23.67
CA GLU T 9 -19.17 20.11 -25.01
C GLU T 9 -18.22 20.97 -25.85
N ASP T 10 -18.32 22.29 -25.73
CA ASP T 10 -17.38 23.16 -26.45
C ASP T 10 -15.95 22.89 -26.00
N LEU T 11 -15.75 22.74 -24.70
CA LEU T 11 -14.42 22.43 -24.19
C LEU T 11 -13.91 21.11 -24.77
N THR T 12 -14.79 20.10 -24.82
CA THR T 12 -14.37 18.82 -25.39
C THR T 12 -14.01 18.96 -26.87
N GLY T 13 -14.75 19.78 -27.61
CA GLY T 13 -14.43 19.96 -29.02
C GLY T 13 -13.07 20.60 -29.23
N LYS T 14 -12.81 21.69 -28.50
CA LYS T 14 -11.52 22.35 -28.61
C LYS T 14 -10.40 21.38 -28.24
N LEU T 15 -10.60 20.62 -27.16
CA LEU T 15 -9.59 19.66 -26.73
C LEU T 15 -9.35 18.61 -27.80
N THR T 16 -10.41 18.18 -28.50
CA THR T 16 -10.23 17.17 -29.54
C THR T 16 -9.41 17.72 -30.70
N ALA T 17 -9.67 18.95 -31.11
CA ALA T 17 -8.86 19.55 -32.17
C ALA T 17 -7.39 19.60 -31.77
N LEU T 18 -7.13 20.11 -30.56
CA LEU T 18 -5.75 20.14 -30.07
C LEU T 18 -5.15 18.73 -30.03
N ALA T 19 -5.97 17.73 -29.70
CA ALA T 19 -5.44 16.37 -29.58
C ALA T 19 -5.03 15.83 -30.94
N TRP T 20 -5.81 16.11 -31.98
CA TRP T 20 -5.39 15.68 -33.31
C TRP T 20 -4.07 16.33 -33.70
N ALA T 21 -3.95 17.63 -33.42
CA ALA T 21 -2.70 18.31 -33.74
C ALA T 21 -1.52 17.67 -33.01
N LEU T 22 -1.69 17.41 -31.72
CA LEU T 22 -0.60 16.82 -30.93
C LEU T 22 -0.28 15.41 -31.38
N PHE T 23 -1.28 14.63 -31.81
CA PHE T 23 -1.00 13.30 -32.30
C PHE T 23 -0.12 13.35 -33.54
N LEU T 24 -0.45 14.25 -34.47
CA LEU T 24 0.41 14.37 -35.64
C LEU T 24 1.82 14.80 -35.25
N LEU T 25 1.92 15.73 -34.28
CA LEU T 25 3.24 16.16 -33.84
C LEU T 25 4.04 15.00 -33.25
N SER T 26 3.38 14.15 -32.46
CA SER T 26 4.08 13.02 -31.86
C SER T 26 4.52 12.02 -32.91
N TRP T 27 3.69 11.77 -33.90
CA TRP T 27 4.08 10.90 -35.01
C TRP T 27 5.33 11.44 -35.70
N SER T 28 5.35 12.76 -35.96
CA SER T 28 6.51 13.36 -36.62
C SER T 28 7.75 13.23 -35.75
N ILE T 29 7.63 13.50 -34.45
CA ILE T 29 8.78 13.40 -33.56
C ILE T 29 9.32 11.98 -33.54
N GLY T 30 8.44 11.00 -33.44
CA GLY T 30 8.90 9.62 -33.40
C GLY T 30 9.64 9.22 -34.67
N TRP T 31 9.04 9.51 -35.82
CA TRP T 31 9.70 9.11 -37.06
C TRP T 31 10.92 9.95 -37.37
N THR T 32 11.07 11.11 -36.72
CA THR T 32 12.32 11.86 -36.87
C THR T 32 13.42 11.27 -36.01
N LEU T 33 13.06 10.86 -34.78
CA LEU T 33 14.04 10.20 -33.92
C LEU T 33 14.51 8.91 -34.54
N ARG T 34 13.61 8.19 -35.22
CA ARG T 34 13.97 6.88 -35.73
C ARG T 34 14.95 6.93 -36.89
N GLY T 35 14.93 8.00 -37.67
CA GLY T 35 15.79 8.10 -38.84
C GLY T 35 17.04 8.94 -38.68
N SER T 36 17.28 9.51 -37.51
CA SER T 36 18.42 10.39 -37.31
C SER T 36 19.73 9.60 -37.36
N PRO T 37 20.86 10.29 -37.54
CA PRO T 37 22.14 9.57 -37.63
C PRO T 37 22.56 8.87 -36.36
N ILE T 38 22.00 9.23 -35.22
CA ILE T 38 22.40 8.65 -33.93
C ILE T 38 22.15 7.16 -33.93
N PRO T 39 23.18 6.33 -33.70
CA PRO T 39 23.01 4.88 -33.78
C PRO T 39 22.60 4.23 -32.47
N SER T 40 22.15 5.03 -31.50
CA SER T 40 21.71 4.46 -30.24
C SER T 40 20.47 3.61 -30.42
N SER T 41 20.21 2.74 -29.44
CA SER T 41 19.03 1.89 -29.48
C SER T 41 17.92 2.39 -28.58
N ARG T 42 18.26 2.98 -27.44
CA ARG T 42 17.24 3.52 -26.55
C ARG T 42 16.38 4.56 -27.27
N ILE T 43 17.00 5.36 -28.12
CA ILE T 43 16.24 6.38 -28.83
C ILE T 43 15.35 5.77 -29.90
N LYS T 44 15.79 4.70 -30.57
CA LYS T 44 14.89 3.98 -31.46
C LYS T 44 13.70 3.43 -30.69
N ARG T 45 13.94 2.91 -29.48
CA ARG T 45 12.85 2.42 -28.66
C ARG T 45 11.87 3.53 -28.31
N VAL T 46 12.39 4.69 -27.96
CA VAL T 46 11.52 5.83 -27.62
C VAL T 46 10.68 6.24 -28.82
N GLY T 47 11.30 6.30 -30.00
CA GLY T 47 10.55 6.64 -31.19
C GLY T 47 9.46 5.64 -31.51
N ASN T 48 9.77 4.35 -31.36
CA ASN T 48 8.76 3.32 -31.58
C ASN T 48 7.60 3.49 -30.63
N SER T 49 7.88 3.69 -29.34
CA SER T 49 6.80 3.86 -28.38
C SER T 49 5.96 5.08 -28.72
N LEU T 50 6.61 6.17 -29.14
CA LEU T 50 5.87 7.37 -29.50
C LEU T 50 4.91 7.11 -30.64
N ILE T 51 5.41 6.55 -31.75
CA ILE T 51 4.55 6.40 -32.91
C ILE T 51 3.44 5.38 -32.64
N GLU T 52 3.75 4.34 -31.85
CA GLU T 52 2.74 3.34 -31.56
C GLU T 52 1.62 3.93 -30.70
N ASP T 53 1.99 4.65 -29.64
CA ASP T 53 0.97 5.27 -28.79
C ASP T 53 0.16 6.30 -29.58
N SER T 54 0.82 7.01 -30.51
CA SER T 54 0.10 7.98 -31.31
C SER T 54 -0.99 7.31 -32.13
N MET T 55 -0.63 6.27 -32.87
CA MET T 55 -1.65 5.55 -33.66
C MET T 55 -2.74 4.99 -32.75
N TRP T 56 -2.36 4.40 -31.63
CA TRP T 56 -3.33 3.81 -30.72
C TRP T 56 -4.37 4.84 -30.27
N ALA T 57 -3.90 5.97 -29.73
CA ALA T 57 -4.84 6.97 -29.23
C ALA T 57 -5.65 7.59 -30.34
N ALA T 58 -5.02 7.85 -31.49
CA ALA T 58 -5.76 8.44 -32.61
C ALA T 58 -6.88 7.54 -33.04
N LEU T 59 -6.69 6.22 -32.99
CA LEU T 59 -7.80 5.32 -33.26
C LEU T 59 -8.84 5.40 -32.16
N TRP T 60 -8.41 5.35 -30.90
CA TRP T 60 -9.36 5.10 -29.83
C TRP T 60 -10.22 6.31 -29.51
N LEU T 61 -9.84 7.51 -29.94
CA LEU T 61 -10.63 8.69 -29.59
C LEU T 61 -12.06 8.61 -30.15
N ALA T 62 -12.18 8.58 -31.48
CA ALA T 62 -13.51 8.50 -32.09
C ALA T 62 -14.21 7.19 -31.72
N LEU T 63 -13.45 6.10 -31.66
CA LEU T 63 -14.01 4.86 -31.18
C LEU T 63 -14.67 5.02 -29.83
N GLY T 64 -14.13 5.86 -28.96
CA GLY T 64 -14.75 6.05 -27.65
C GLY T 64 -16.01 6.88 -27.75
N THR T 65 -15.97 7.88 -28.62
CA THR T 65 -17.21 8.59 -28.95
C THR T 65 -18.33 7.62 -29.30
N THR T 66 -18.00 6.49 -29.93
CA THR T 66 -18.97 5.41 -30.15
C THR T 66 -19.15 4.50 -28.94
N VAL T 67 -18.06 4.27 -28.19
CA VAL T 67 -18.06 3.34 -27.06
C VAL T 67 -19.12 3.73 -26.05
N PHE T 68 -19.34 5.02 -25.85
CA PHE T 68 -20.30 5.40 -24.82
C PHE T 68 -21.73 5.04 -25.22
N ALA T 69 -22.07 5.19 -26.50
CA ALA T 69 -23.37 4.72 -26.96
C ALA T 69 -23.47 3.20 -26.86
N VAL T 70 -22.37 2.51 -27.16
CA VAL T 70 -22.38 1.04 -27.03
C VAL T 70 -22.65 0.63 -25.58
N ILE T 71 -22.04 1.34 -24.63
CA ILE T 71 -22.23 1.01 -23.22
C ILE T 71 -23.67 1.29 -22.81
N VAL T 72 -24.26 2.38 -23.33
CA VAL T 72 -25.66 2.64 -23.04
C VAL T 72 -26.54 1.51 -23.56
N ARG T 73 -26.24 1.00 -24.75
CA ARG T 73 -27.02 -0.10 -25.29
C ARG T 73 -26.87 -1.35 -24.43
N LEU T 74 -25.65 -1.62 -23.95
CA LEU T 74 -25.45 -2.77 -23.07
C LEU T 74 -26.23 -2.63 -21.78
N ALA T 75 -26.29 -1.41 -21.24
CA ALA T 75 -27.09 -1.17 -20.04
C ALA T 75 -28.55 -1.45 -20.31
N GLY T 76 -29.05 -1.00 -21.46
CA GLY T 76 -30.43 -1.29 -21.82
C GLY T 76 -30.69 -2.79 -21.92
N ILE T 77 -29.77 -3.53 -22.52
CA ILE T 77 -29.95 -4.97 -22.67
C ILE T 77 -29.97 -5.67 -21.33
N VAL T 78 -29.04 -5.33 -20.44
CA VAL T 78 -29.02 -6.01 -19.15
C VAL T 78 -30.23 -5.63 -18.32
N ASN T 79 -30.72 -4.39 -18.44
CA ASN T 79 -31.93 -4.02 -17.74
C ASN T 79 -33.12 -4.83 -18.25
N GLU T 80 -33.23 -4.98 -19.57
CA GLU T 80 -34.33 -5.75 -20.11
C GLU T 80 -34.23 -7.22 -19.74
N VAL T 81 -33.01 -7.73 -19.56
CA VAL T 81 -32.85 -9.14 -19.19
C VAL T 81 -33.25 -9.35 -17.75
N LEU T 82 -32.73 -8.55 -16.83
CA LEU T 82 -32.95 -8.82 -15.41
C LEU T 82 -34.38 -8.55 -15.00
N LEU T 83 -35.09 -7.65 -15.66
CA LEU T 83 -36.42 -7.25 -15.25
C LEU T 83 -37.44 -7.52 -16.35
N GLY T 84 -37.34 -8.68 -16.99
CA GLY T 84 -38.29 -9.06 -18.02
C GLY T 84 -38.31 -8.14 -19.22
N ALA U 1 18.50 36.67 1.76
CA ALA U 1 17.49 36.87 0.72
C ALA U 1 18.05 36.55 -0.66
N ALA U 2 19.18 37.18 -0.99
CA ALA U 2 19.87 36.95 -2.26
C ALA U 2 21.20 36.23 -2.11
N ASP U 3 21.87 36.39 -0.98
CA ASP U 3 23.10 35.65 -0.75
C ASP U 3 22.85 34.15 -0.75
N ILE U 4 21.67 33.73 -0.31
CA ILE U 4 21.34 32.31 -0.33
C ILE U 4 21.26 31.80 -1.76
N VAL U 5 20.63 32.57 -2.65
CA VAL U 5 20.59 32.19 -4.05
C VAL U 5 22.00 32.18 -4.64
N GLN U 6 22.82 33.15 -4.25
CA GLN U 6 24.17 33.21 -4.78
C GLN U 6 24.97 31.97 -4.37
N MET U 7 24.87 31.58 -3.10
CA MET U 7 25.64 30.42 -2.67
C MET U 7 25.08 29.13 -3.27
N VAL U 8 23.77 29.05 -3.50
CA VAL U 8 23.24 27.89 -4.20
C VAL U 8 23.80 27.81 -5.61
N GLU U 9 23.90 28.95 -6.29
CA GLU U 9 24.43 28.95 -7.64
C GLU U 9 25.91 28.58 -7.65
N ASP U 10 26.69 29.06 -6.67
CA ASP U 10 28.09 28.67 -6.60
C ASP U 10 28.21 27.16 -6.39
N LEU U 11 27.38 26.60 -5.51
CA LEU U 11 27.39 25.16 -5.31
C LEU U 11 27.09 24.43 -6.60
N THR U 12 26.10 24.90 -7.36
CA THR U 12 25.77 24.26 -8.63
C THR U 12 26.93 24.34 -9.61
N GLY U 13 27.63 25.46 -9.63
CA GLY U 13 28.77 25.58 -10.54
C GLY U 13 29.88 24.61 -10.21
N LYS U 14 30.26 24.54 -8.94
CA LYS U 14 31.28 23.59 -8.54
C LYS U 14 30.87 22.17 -8.86
N LEU U 15 29.60 21.84 -8.59
CA LEU U 15 29.11 20.51 -8.88
C LEU U 15 29.17 20.21 -10.37
N THR U 16 28.90 21.21 -11.21
CA THR U 16 28.95 20.99 -12.65
C THR U 16 30.37 20.70 -13.11
N ALA U 17 31.35 21.45 -12.59
CA ALA U 17 32.74 21.16 -12.94
C ALA U 17 33.11 19.73 -12.56
N LEU U 18 32.81 19.35 -11.32
CA LEU U 18 33.08 17.98 -10.89
C LEU U 18 32.36 16.98 -11.78
N ALA U 19 31.16 17.31 -12.24
CA ALA U 19 30.39 16.37 -13.04
C ALA U 19 31.05 16.15 -14.40
N TRP U 20 31.56 17.21 -15.01
CA TRP U 20 32.28 17.02 -16.27
C TRP U 20 33.49 16.13 -16.07
N ALA U 21 34.24 16.37 -14.99
CA ALA U 21 35.40 15.52 -14.72
C ALA U 21 35.00 14.06 -14.56
N LEU U 22 33.94 13.81 -13.79
CA LEU U 22 33.51 12.43 -13.57
C LEU U 22 32.98 11.79 -14.84
N PHE U 23 32.33 12.56 -15.71
CA PHE U 23 31.85 12.00 -16.97
C PHE U 23 33.02 11.52 -17.81
N LEU U 24 34.07 12.34 -17.91
CA LEU U 24 35.24 11.89 -18.66
C LEU U 24 35.86 10.65 -18.02
N LEU U 25 35.91 10.62 -16.69
CA LEU U 25 36.45 9.43 -16.02
C LEU U 25 35.63 8.18 -16.34
N SER U 26 34.31 8.31 -16.36
CA SER U 26 33.46 7.17 -16.65
C SER U 26 33.63 6.69 -18.07
N TRP U 27 33.75 7.63 -19.02
CA TRP U 27 34.02 7.26 -20.40
C TRP U 27 35.32 6.48 -20.49
N SER U 28 36.37 6.94 -19.82
CA SER U 28 37.65 6.25 -19.85
C SER U 28 37.54 4.84 -19.25
N ILE U 29 36.84 4.73 -18.11
CA ILE U 29 36.69 3.41 -17.47
C ILE U 29 35.96 2.45 -18.40
N GLY U 30 34.88 2.92 -19.02
CA GLY U 30 34.13 2.04 -19.90
C GLY U 30 34.95 1.56 -21.08
N TRP U 31 35.62 2.49 -21.76
CA TRP U 31 36.39 2.07 -22.92
C TRP U 31 37.65 1.30 -22.53
N THR U 32 38.08 1.37 -21.27
CA THR U 32 39.17 0.52 -20.84
C THR U 32 38.69 -0.89 -20.55
N LEU U 33 37.51 -1.01 -19.93
CA LEU U 33 36.93 -2.32 -19.71
C LEU U 33 36.64 -3.03 -21.03
N ARG U 34 36.23 -2.26 -22.04
CA ARG U 34 35.81 -2.89 -23.29
C ARG U 34 36.98 -3.48 -24.07
N GLY U 35 38.18 -2.92 -23.93
CA GLY U 35 39.32 -3.37 -24.69
C GLY U 35 40.29 -4.29 -23.97
N SER U 36 40.03 -4.62 -22.71
CA SER U 36 40.95 -5.41 -21.93
C SER U 36 40.99 -6.85 -22.45
N PRO U 37 42.03 -7.62 -22.08
CA PRO U 37 42.13 -8.99 -22.59
C PRO U 37 41.04 -9.92 -22.10
N ILE U 38 40.33 -9.58 -21.03
CA ILE U 38 39.32 -10.46 -20.46
C ILE U 38 38.21 -10.71 -21.47
N PRO U 39 37.94 -11.98 -21.82
CA PRO U 39 36.96 -12.28 -22.87
C PRO U 39 35.53 -12.44 -22.34
N SER U 40 35.27 -12.01 -21.12
CA SER U 40 33.93 -12.11 -20.57
C SER U 40 32.97 -11.21 -21.33
N SER U 41 31.67 -11.49 -21.20
CA SER U 41 30.65 -10.68 -21.84
C SER U 41 29.96 -9.73 -20.88
N ARG U 42 29.79 -10.14 -19.62
CA ARG U 42 29.17 -9.25 -18.65
C ARG U 42 29.96 -7.95 -18.51
N ILE U 43 31.29 -8.04 -18.58
CA ILE U 43 32.10 -6.85 -18.44
C ILE U 43 31.99 -5.96 -19.67
N LYS U 44 31.89 -6.55 -20.86
CA LYS U 44 31.60 -5.73 -22.04
C LYS U 44 30.26 -5.02 -21.88
N ARG U 45 29.26 -5.70 -21.33
CA ARG U 45 27.97 -5.06 -21.11
C ARG U 45 28.09 -3.90 -20.13
N VAL U 46 28.86 -4.08 -19.06
CA VAL U 46 29.05 -3.01 -18.08
C VAL U 46 29.74 -1.82 -18.73
N GLY U 47 30.76 -2.07 -19.54
CA GLY U 47 31.43 -0.98 -20.21
C GLY U 47 30.51 -0.23 -21.16
N ASN U 48 29.68 -0.96 -21.91
CA ASN U 48 28.74 -0.31 -22.80
C ASN U 48 27.77 0.57 -22.02
N SER U 49 27.22 0.05 -20.93
CA SER U 49 26.30 0.84 -20.13
C SER U 49 26.98 2.09 -19.60
N LEU U 50 28.23 1.95 -19.16
CA LEU U 50 28.95 3.11 -18.63
C LEU U 50 29.11 4.19 -19.70
N ILE U 51 29.62 3.82 -20.87
CA ILE U 51 29.90 4.85 -21.86
C ILE U 51 28.60 5.47 -22.37
N GLU U 52 27.56 4.66 -22.50
CA GLU U 52 26.29 5.18 -22.98
C GLU U 52 25.69 6.17 -21.99
N ASP U 53 25.65 5.81 -20.71
CA ASP U 53 25.12 6.73 -19.70
C ASP U 53 25.97 7.98 -19.62
N SER U 54 27.29 7.85 -19.81
CA SER U 54 28.15 9.02 -19.77
C SER U 54 27.77 10.01 -20.87
N MET U 55 27.67 9.53 -22.10
CA MET U 55 27.28 10.42 -23.20
C MET U 55 25.91 11.01 -22.95
N TRP U 56 24.95 10.19 -22.51
CA TRP U 56 23.60 10.66 -22.26
C TRP U 56 23.59 11.83 -21.28
N ALA U 57 24.19 11.64 -20.10
CA ALA U 57 24.15 12.68 -19.08
C ALA U 57 24.94 13.91 -19.53
N ALA U 58 26.09 13.70 -20.17
CA ALA U 58 26.88 14.84 -20.63
C ALA U 58 26.09 15.69 -21.60
N LEU U 59 25.26 15.08 -22.43
CA LEU U 59 24.38 15.86 -23.28
C LEU U 59 23.32 16.56 -22.46
N TRP U 60 22.67 15.84 -21.54
CA TRP U 60 21.45 16.36 -20.95
C TRP U 60 21.71 17.46 -19.94
N LEU U 61 22.93 17.60 -19.43
CA LEU U 61 23.17 18.62 -18.40
C LEU U 61 22.90 20.03 -18.93
N ALA U 62 23.64 20.46 -19.93
CA ALA U 62 23.44 21.81 -20.49
C ALA U 62 22.05 21.93 -21.12
N LEU U 63 21.60 20.87 -21.78
CA LEU U 63 20.24 20.86 -22.28
C LEU U 63 19.23 21.18 -21.19
N GLY U 64 19.47 20.75 -19.97
CA GLY U 64 18.54 21.05 -18.90
C GLY U 64 18.63 22.49 -18.46
N THR U 65 19.86 22.99 -18.43
CA THR U 65 20.04 24.43 -18.24
C THR U 65 19.15 25.23 -19.19
N THR U 66 18.93 24.72 -20.40
CA THR U 66 17.95 25.31 -21.32
C THR U 66 16.51 24.87 -21.05
N VAL U 67 16.33 23.63 -20.61
CA VAL U 67 15.01 23.04 -20.40
C VAL U 67 14.20 23.88 -19.43
N PHE U 68 14.85 24.46 -18.42
CA PHE U 68 14.06 25.19 -17.44
C PHE U 68 13.49 26.48 -18.04
N ALA U 69 14.26 27.15 -18.89
CA ALA U 69 13.70 28.31 -19.60
C ALA U 69 12.59 27.88 -20.54
N VAL U 70 12.75 26.73 -21.20
CA VAL U 70 11.70 26.23 -22.08
C VAL U 70 10.42 25.99 -21.30
N ILE U 71 10.54 25.42 -20.10
CA ILE U 71 9.36 25.14 -19.28
C ILE U 71 8.70 26.44 -18.85
N VAL U 72 9.51 27.45 -18.52
CA VAL U 72 8.93 28.75 -18.17
C VAL U 72 8.14 29.31 -19.35
N ARG U 73 8.69 29.17 -20.56
CA ARG U 73 7.96 29.66 -21.74
C ARG U 73 6.65 28.90 -21.93
N LEU U 74 6.66 27.58 -21.71
CA LEU U 74 5.43 26.81 -21.84
C LEU U 74 4.40 27.26 -20.80
N ALA U 75 4.85 27.55 -19.59
CA ALA U 75 3.94 28.07 -18.58
C ALA U 75 3.33 29.38 -19.01
N GLY U 76 4.14 30.27 -19.59
CA GLY U 76 3.61 31.52 -20.09
C GLY U 76 2.57 31.31 -21.18
N ILE U 77 2.83 30.37 -22.09
CA ILE U 77 1.90 30.12 -23.18
C ILE U 77 0.58 29.57 -22.65
N VAL U 78 0.63 28.61 -21.74
CA VAL U 78 -0.63 28.04 -21.25
C VAL U 78 -1.38 29.06 -20.41
N ASN U 79 -0.67 29.93 -19.69
CA ASN U 79 -1.37 30.99 -18.96
C ASN U 79 -2.06 31.94 -19.92
N GLU U 80 -1.39 32.33 -21.00
CA GLU U 80 -2.01 33.22 -21.97
C GLU U 80 -3.18 32.56 -22.68
N VAL U 81 -3.14 31.24 -22.85
CA VAL U 81 -4.23 30.54 -23.51
C VAL U 81 -5.45 30.47 -22.61
N LEU U 82 -5.27 30.03 -21.36
CA LEU U 82 -6.43 29.79 -20.51
C LEU U 82 -7.11 31.07 -20.07
N LEU U 83 -6.37 32.18 -19.98
CA LEU U 83 -6.90 33.42 -19.46
C LEU U 83 -6.81 34.54 -20.49
N GLY U 84 -7.14 34.24 -21.74
CA GLY U 84 -7.14 35.24 -22.79
C GLY U 84 -5.78 35.85 -23.05
N ALA V 1 33.68 -6.73 24.65
CA ALA V 1 34.06 -5.48 23.99
C ALA V 1 34.95 -5.75 22.79
N ALA V 2 36.03 -6.49 23.02
CA ALA V 2 36.96 -6.87 21.96
C ALA V 2 36.94 -8.35 21.64
N ASP V 3 36.60 -9.21 22.61
CA ASP V 3 36.47 -10.62 22.33
C ASP V 3 35.38 -10.88 21.30
N ILE V 4 34.34 -10.04 21.27
CA ILE V 4 33.29 -10.21 20.28
C ILE V 4 33.83 -9.94 18.88
N VAL V 5 34.65 -8.89 18.73
CA VAL V 5 35.27 -8.63 17.44
C VAL V 5 36.21 -9.77 17.07
N GLN V 6 36.93 -10.31 18.05
CA GLN V 6 37.85 -11.40 17.76
C GLN V 6 37.10 -12.62 17.25
N MET V 7 36.00 -12.98 17.91
CA MET V 7 35.26 -14.16 17.47
C MET V 7 34.59 -13.92 16.12
N VAL V 8 34.14 -12.69 15.85
CA VAL V 8 33.60 -12.42 14.52
C VAL V 8 34.68 -12.59 13.46
N GLU V 9 35.90 -12.14 13.76
CA GLU V 9 36.98 -12.30 12.78
C GLU V 9 37.34 -13.77 12.58
N ASP V 10 37.35 -14.56 13.65
CA ASP V 10 37.60 -15.98 13.49
C ASP V 10 36.54 -16.64 12.64
N LEU V 11 35.28 -16.27 12.86
CA LEU V 11 34.21 -16.81 12.03
C LEU V 11 34.41 -16.45 10.57
N THR V 12 34.80 -15.19 10.30
CA THR V 12 35.05 -14.79 8.93
C THR V 12 36.19 -15.59 8.31
N GLY V 13 37.23 -15.86 9.09
CA GLY V 13 38.36 -16.63 8.54
C GLY V 13 37.95 -18.04 8.17
N LYS V 14 37.26 -18.73 9.08
CA LYS V 14 36.79 -20.07 8.77
C LYS V 14 35.89 -20.06 7.55
N LEU V 15 34.99 -19.08 7.47
CA LEU V 15 34.10 -19.00 6.33
C LEU V 15 34.87 -18.78 5.04
N THR V 16 35.95 -18.00 5.09
CA THR V 16 36.73 -17.76 3.89
C THR V 16 37.42 -19.03 3.41
N ALA V 17 37.98 -19.81 4.34
CA ALA V 17 38.58 -21.08 3.94
C ALA V 17 37.55 -21.98 3.27
N LEU V 18 36.39 -22.13 3.91
CA LEU V 18 35.32 -22.93 3.31
C LEU V 18 34.93 -22.39 1.94
N ALA V 19 34.95 -21.07 1.78
CA ALA V 19 34.54 -20.48 0.51
C ALA V 19 35.51 -20.81 -0.59
N TRP V 20 36.81 -20.78 -0.30
CA TRP V 20 37.78 -21.18 -1.31
C TRP V 20 37.56 -22.63 -1.73
N ALA V 21 37.33 -23.50 -0.74
CA ALA V 21 37.08 -24.90 -1.07
C ALA V 21 35.85 -25.04 -1.97
N LEU V 22 34.76 -24.36 -1.62
CA LEU V 22 33.54 -24.46 -2.41
C LEU V 22 33.71 -23.86 -3.80
N PHE V 23 34.51 -22.81 -3.94
CA PHE V 23 34.74 -22.24 -5.26
C PHE V 23 35.43 -23.26 -6.16
N LEU V 24 36.46 -23.92 -5.63
CA LEU V 24 37.12 -24.96 -6.44
C LEU V 24 36.15 -26.07 -6.78
N LEU V 25 35.30 -26.46 -5.83
CA LEU V 25 34.32 -27.51 -6.12
C LEU V 25 33.37 -27.08 -7.24
N SER V 26 32.92 -25.83 -7.22
CA SER V 26 32.01 -25.36 -8.24
C SER V 26 32.68 -25.31 -9.61
N TRP V 27 33.94 -24.88 -9.66
CA TRP V 27 34.68 -24.92 -10.91
C TRP V 27 34.75 -26.32 -11.46
N SER V 28 35.05 -27.30 -10.60
CA SER V 28 35.13 -28.69 -11.05
C SER V 28 33.79 -29.18 -11.55
N ILE V 29 32.70 -28.87 -10.84
CA ILE V 29 31.38 -29.31 -11.27
C ILE V 29 31.04 -28.72 -12.62
N GLY V 30 31.30 -27.44 -12.81
CA GLY V 30 30.97 -26.82 -14.08
C GLY V 30 31.73 -27.43 -15.24
N TRP V 31 33.05 -27.57 -15.08
CA TRP V 31 33.83 -28.13 -16.18
C TRP V 31 33.59 -29.61 -16.36
N THR V 32 33.01 -30.30 -15.38
CA THR V 32 32.62 -31.69 -15.60
C THR V 32 31.30 -31.76 -16.36
N LEU V 33 30.36 -30.88 -16.04
CA LEU V 33 29.11 -30.84 -16.80
C LEU V 33 29.37 -30.48 -18.25
N ARG V 34 30.35 -29.60 -18.49
CA ARG V 34 30.56 -29.11 -19.84
C ARG V 34 31.15 -30.17 -20.77
N GLY V 35 31.91 -31.12 -20.24
CA GLY V 35 32.55 -32.12 -21.06
C GLY V 35 31.89 -33.48 -21.10
N SER V 36 30.78 -33.66 -20.41
CA SER V 36 30.13 -34.96 -20.36
C SER V 36 29.53 -35.33 -21.71
N PRO V 37 29.20 -36.61 -21.92
CA PRO V 37 28.66 -37.03 -23.22
C PRO V 37 27.30 -36.46 -23.54
N ILE V 38 26.56 -35.97 -22.55
CA ILE V 38 25.21 -35.46 -22.77
C ILE V 38 25.23 -34.28 -23.74
N PRO V 39 24.52 -34.37 -24.86
CA PRO V 39 24.59 -33.30 -25.86
C PRO V 39 23.57 -32.19 -25.66
N SER V 40 22.97 -32.12 -24.48
CA SER V 40 22.00 -31.05 -24.21
C SER V 40 22.69 -29.69 -24.18
N SER V 41 21.89 -28.64 -24.34
CA SER V 41 22.42 -27.28 -24.30
C SER V 41 22.16 -26.59 -22.98
N ARG V 42 21.03 -26.87 -22.34
CA ARG V 42 20.73 -26.26 -21.04
C ARG V 42 21.82 -26.60 -20.04
N ILE V 43 22.35 -27.82 -20.09
CA ILE V 43 23.37 -28.21 -19.14
C ILE V 43 24.70 -27.52 -19.44
N LYS V 44 25.02 -27.32 -20.72
CA LYS V 44 26.18 -26.49 -21.04
C LYS V 44 26.01 -25.08 -20.50
N ARG V 45 24.81 -24.53 -20.60
CA ARG V 45 24.55 -23.21 -20.05
C ARG V 45 24.76 -23.18 -18.55
N VAL V 46 24.27 -24.21 -17.86
CA VAL V 46 24.43 -24.27 -16.41
C VAL V 46 25.90 -24.36 -16.04
N GLY V 47 26.66 -25.17 -16.76
CA GLY V 47 28.09 -25.26 -16.48
C GLY V 47 28.81 -23.94 -16.70
N ASN V 48 28.46 -23.24 -17.78
CA ASN V 48 29.07 -21.94 -18.03
C ASN V 48 28.77 -20.96 -16.91
N SER V 49 27.50 -20.91 -16.48
CA SER V 49 27.16 -20.00 -15.40
C SER V 49 27.91 -20.35 -14.13
N LEU V 50 28.05 -21.65 -13.85
CA LEU V 50 28.77 -22.07 -12.64
C LEU V 50 30.21 -21.60 -12.69
N ILE V 51 30.93 -21.89 -13.77
CA ILE V 51 32.35 -21.55 -13.78
C ILE V 51 32.55 -20.05 -13.79
N GLU V 52 31.67 -19.33 -14.48
CA GLU V 52 31.80 -17.87 -14.53
C GLU V 52 31.58 -17.26 -13.16
N ASP V 53 30.51 -17.65 -12.47
CA ASP V 53 30.27 -17.13 -11.13
C ASP V 53 31.39 -17.51 -10.18
N SER V 54 31.96 -18.71 -10.35
CA SER V 54 33.06 -19.13 -9.49
C SER V 54 34.25 -18.20 -9.64
N MET V 55 34.68 -17.96 -10.88
CA MET V 55 35.79 -17.04 -11.09
C MET V 55 35.47 -15.65 -10.56
N TRP V 56 34.27 -15.15 -10.83
CA TRP V 56 33.87 -13.83 -10.39
C TRP V 56 34.00 -13.68 -8.88
N ALA V 57 33.38 -14.58 -8.13
CA ALA V 57 33.41 -14.47 -6.67
C ALA V 57 34.81 -14.68 -6.13
N ALA V 58 35.56 -15.64 -6.70
CA ALA V 58 36.91 -15.87 -6.22
C ALA V 58 37.78 -14.64 -6.38
N LEU V 59 37.55 -13.87 -7.45
CA LEU V 59 38.26 -12.60 -7.57
C LEU V 59 37.76 -11.61 -6.54
N TRP V 60 36.45 -11.49 -6.39
CA TRP V 60 35.91 -10.35 -5.65
C TRP V 60 36.11 -10.48 -4.15
N LEU V 61 36.37 -11.67 -3.63
CA LEU V 61 36.48 -11.82 -2.18
C LEU V 61 37.63 -10.97 -1.61
N ALA V 62 38.87 -11.27 -2.02
CA ALA V 62 40.00 -10.51 -1.52
C ALA V 62 39.92 -9.05 -1.96
N LEU V 63 39.46 -8.82 -3.19
CA LEU V 63 39.22 -7.45 -3.62
C LEU V 63 38.34 -6.70 -2.64
N GLY V 64 37.36 -7.36 -2.04
CA GLY V 64 36.51 -6.68 -1.09
C GLY V 64 37.21 -6.40 0.22
N THR V 65 38.02 -7.38 0.64
CA THR V 65 38.92 -7.11 1.76
C THR V 65 39.69 -5.81 1.57
N THR V 66 40.03 -5.47 0.33
CA THR V 66 40.62 -4.16 0.01
C THR V 66 39.56 -3.05 -0.14
N VAL V 67 38.39 -3.40 -0.68
CA VAL V 67 37.34 -2.44 -0.97
C VAL V 67 36.95 -1.67 0.28
N PHE V 68 36.95 -2.33 1.42
CA PHE V 68 36.50 -1.61 2.61
C PHE V 68 37.49 -0.54 3.02
N ALA V 69 38.79 -0.80 2.90
CA ALA V 69 39.76 0.26 3.13
C ALA V 69 39.63 1.37 2.11
N VAL V 70 39.36 1.01 0.85
CA VAL V 70 39.16 2.03 -0.18
C VAL V 70 37.98 2.93 0.17
N ILE V 71 36.90 2.34 0.68
CA ILE V 71 35.73 3.13 1.04
C ILE V 71 36.03 4.04 2.21
N VAL V 72 36.82 3.54 3.18
CA VAL V 72 37.22 4.40 4.29
C VAL V 72 38.02 5.59 3.77
N ARG V 73 38.91 5.37 2.81
CA ARG V 73 39.68 6.48 2.25
C ARG V 73 38.77 7.47 1.54
N LEU V 74 37.77 6.98 0.81
CA LEU V 74 36.84 7.88 0.14
C LEU V 74 36.07 8.71 1.15
N ALA V 75 35.67 8.10 2.26
CA ALA V 75 34.99 8.85 3.31
C ALA V 75 35.89 9.94 3.86
N GLY V 76 37.16 9.62 4.09
CA GLY V 76 38.09 10.64 4.54
C GLY V 76 38.22 11.79 3.55
N ILE V 77 38.29 11.48 2.26
CA ILE V 77 38.44 12.52 1.25
C ILE V 77 37.21 13.41 1.21
N VAL V 78 36.01 12.82 1.22
CA VAL V 78 34.82 13.65 1.15
C VAL V 78 34.66 14.48 2.43
N ASN V 79 35.06 13.93 3.57
CA ASN V 79 35.02 14.73 4.80
C ASN V 79 35.96 15.91 4.71
N GLU V 80 37.17 15.69 4.20
CA GLU V 80 38.12 16.78 4.08
C GLU V 80 37.65 17.81 3.06
N VAL V 81 36.92 17.39 2.04
CA VAL V 81 36.44 18.33 1.03
C VAL V 81 35.33 19.19 1.60
N LEU V 82 34.31 18.58 2.22
CA LEU V 82 33.14 19.34 2.63
C LEU V 82 33.45 20.27 3.80
N LEU V 83 34.41 19.93 4.64
CA LEU V 83 34.68 20.69 5.86
C LEU V 83 36.10 21.23 5.86
N GLY V 84 36.56 21.74 4.73
CA GLY V 84 37.89 22.32 4.63
C GLY V 84 39.01 21.35 4.92
N ALA W 1 -3.10 -40.36 12.81
CA ALA W 1 -1.70 -40.13 13.18
C ALA W 1 -0.76 -40.74 12.14
N ALA W 2 -0.95 -42.03 11.85
CA ALA W 2 -0.16 -42.74 10.85
C ALA W 2 -0.95 -43.10 9.60
N ASP W 3 -2.27 -43.32 9.73
CA ASP W 3 -3.08 -43.59 8.56
C ASP W 3 -3.05 -42.42 7.59
N ILE W 4 -2.90 -41.19 8.10
CA ILE W 4 -2.81 -40.04 7.22
C ILE W 4 -1.54 -40.09 6.40
N VAL W 5 -0.42 -40.46 7.01
CA VAL W 5 0.81 -40.63 6.26
C VAL W 5 0.68 -41.76 5.25
N GLN W 6 0.01 -42.84 5.65
CA GLN W 6 -0.16 -43.96 4.73
C GLN W 6 -0.96 -43.54 3.50
N MET W 7 -2.06 -42.82 3.70
CA MET W 7 -2.86 -42.42 2.55
C MET W 7 -2.14 -41.39 1.70
N VAL W 8 -1.34 -40.51 2.31
CA VAL W 8 -0.54 -39.59 1.50
C VAL W 8 0.45 -40.38 0.64
N GLU W 9 1.07 -41.41 1.20
CA GLU W 9 2.00 -42.20 0.42
C GLU W 9 1.31 -42.95 -0.71
N ASP W 10 0.11 -43.48 -0.45
CA ASP W 10 -0.63 -44.15 -1.51
C ASP W 10 -0.96 -43.17 -2.64
N LEU W 11 -1.37 -41.95 -2.27
CA LEU W 11 -1.64 -40.94 -3.27
C LEU W 11 -0.40 -40.65 -4.11
N THR W 12 0.76 -40.53 -3.45
CA THR W 12 1.99 -40.28 -4.17
C THR W 12 2.32 -41.43 -5.13
N GLY W 13 2.08 -42.67 -4.70
CA GLY W 13 2.36 -43.79 -5.57
C GLY W 13 1.50 -43.80 -6.81
N LYS W 14 0.19 -43.62 -6.64
CA LYS W 14 -0.70 -43.55 -7.79
C LYS W 14 -0.28 -42.42 -8.72
N LEU W 15 0.04 -41.26 -8.15
CA LEU W 15 0.45 -40.13 -8.97
C LEU W 15 1.72 -40.44 -9.74
N THR W 16 2.65 -41.18 -9.14
CA THR W 16 3.88 -41.52 -9.84
C THR W 16 3.61 -42.44 -11.01
N ALA W 17 2.74 -43.43 -10.83
CA ALA W 17 2.39 -44.29 -11.96
C ALA W 17 1.80 -43.48 -13.11
N LEU W 18 0.81 -42.63 -12.78
CA LEU W 18 0.24 -41.77 -13.81
C LEU W 18 1.30 -40.89 -14.46
N ALA W 19 2.29 -40.45 -13.68
CA ALA W 19 3.30 -39.56 -14.23
C ALA W 19 4.18 -40.28 -15.23
N TRP W 20 4.54 -41.53 -14.95
CA TRP W 20 5.30 -42.28 -15.94
C TRP W 20 4.51 -42.45 -17.22
N ALA W 21 3.23 -42.77 -17.10
CA ALA W 21 2.39 -42.91 -18.29
C ALA W 21 2.38 -41.62 -19.10
N LEU W 22 2.17 -40.48 -18.41
CA LEU W 22 2.10 -39.21 -19.12
C LEU W 22 3.43 -38.83 -19.73
N PHE W 23 4.54 -39.17 -19.09
CA PHE W 23 5.85 -38.87 -19.67
C PHE W 23 6.02 -39.60 -20.99
N LEU W 24 5.66 -40.89 -21.01
CA LEU W 24 5.75 -41.62 -22.27
C LEU W 24 4.84 -41.01 -23.33
N LEU W 25 3.62 -40.60 -22.93
CA LEU W 25 2.72 -39.97 -23.87
C LEU W 25 3.32 -38.69 -24.44
N SER W 26 3.96 -37.88 -23.61
CA SER W 26 4.54 -36.63 -24.08
C SER W 26 5.69 -36.89 -25.03
N TRP W 27 6.52 -37.89 -24.72
CA TRP W 27 7.60 -38.26 -25.64
C TRP W 27 7.03 -38.65 -26.99
N SER W 28 5.97 -39.46 -27.01
CA SER W 28 5.36 -39.86 -28.27
C SER W 28 4.81 -38.68 -29.03
N ILE W 29 4.12 -37.76 -28.34
CA ILE W 29 3.56 -36.59 -28.99
C ILE W 29 4.66 -35.74 -29.62
N GLY W 30 5.74 -35.52 -28.88
CA GLY W 30 6.82 -34.71 -29.40
C GLY W 30 7.45 -35.32 -30.64
N TRP W 31 7.79 -36.60 -30.58
CA TRP W 31 8.43 -37.21 -31.72
C TRP W 31 7.46 -37.43 -32.88
N THR W 32 6.15 -37.37 -32.63
CA THR W 32 5.21 -37.40 -33.74
C THR W 32 5.10 -36.05 -34.41
N LEU W 33 5.10 -34.98 -33.62
CA LEU W 33 5.10 -33.64 -34.18
C LEU W 33 6.36 -33.39 -35.00
N ARG W 34 7.48 -33.93 -34.55
CA ARG W 34 8.74 -33.64 -35.22
C ARG W 34 8.86 -34.28 -36.58
N GLY W 35 8.21 -35.41 -36.80
CA GLY W 35 8.32 -36.13 -38.07
C GLY W 35 7.18 -35.95 -39.04
N SER W 36 6.17 -35.16 -38.70
CA SER W 36 5.01 -35.00 -39.55
C SER W 36 5.38 -34.23 -40.82
N PRO W 37 4.53 -34.30 -41.85
CA PRO W 37 4.85 -33.62 -43.11
C PRO W 37 4.87 -32.11 -43.01
N ILE W 38 4.29 -31.53 -41.98
CA ILE W 38 4.20 -30.07 -41.86
C ILE W 38 5.60 -29.47 -41.77
N PRO W 39 5.96 -28.56 -42.68
CA PRO W 39 7.33 -28.03 -42.70
C PRO W 39 7.51 -26.80 -41.82
N SER W 40 6.57 -26.51 -40.93
CA SER W 40 6.72 -25.37 -40.06
C SER W 40 7.88 -25.56 -39.10
N SER W 41 8.36 -24.45 -38.52
CA SER W 41 9.44 -24.50 -37.57
C SER W 41 8.97 -24.36 -36.12
N ARG W 42 7.91 -23.58 -35.89
CA ARG W 42 7.39 -23.45 -34.54
C ARG W 42 6.97 -24.80 -33.98
N ILE W 43 6.42 -25.66 -34.83
CA ILE W 43 5.98 -26.96 -34.35
C ILE W 43 7.17 -27.87 -34.06
N LYS W 44 8.24 -27.78 -34.84
CA LYS W 44 9.45 -28.49 -34.49
C LYS W 44 9.98 -28.02 -33.14
N ARG W 45 9.92 -26.71 -32.89
CA ARG W 45 10.36 -26.19 -31.60
C ARG W 45 9.51 -26.74 -30.46
N VAL W 46 8.19 -26.80 -30.67
CA VAL W 46 7.30 -27.33 -29.64
C VAL W 46 7.62 -28.80 -29.37
N GLY W 47 7.84 -29.58 -30.42
CA GLY W 47 8.19 -30.97 -30.22
C GLY W 47 9.49 -31.15 -29.48
N ASN W 48 10.50 -30.34 -29.81
CA ASN W 48 11.76 -30.41 -29.10
C ASN W 48 11.57 -30.10 -27.62
N SER W 49 10.84 -29.03 -27.31
CA SER W 49 10.62 -28.69 -25.91
C SER W 49 9.89 -29.81 -25.19
N LEU W 50 8.91 -30.42 -25.84
CA LEU W 50 8.17 -31.52 -25.22
C LEU W 50 9.09 -32.67 -24.87
N ILE W 51 9.87 -33.16 -25.85
CA ILE W 51 10.68 -34.34 -25.58
C ILE W 51 11.77 -34.03 -24.56
N GLU W 52 12.32 -32.81 -24.61
CA GLU W 52 13.37 -32.46 -23.67
C GLU W 52 12.83 -32.41 -22.25
N ASP W 53 11.69 -31.73 -22.05
CA ASP W 53 11.10 -31.67 -20.72
C ASP W 53 10.71 -33.06 -20.23
N SER W 54 10.24 -33.92 -21.15
CA SER W 54 9.88 -35.26 -20.76
C SER W 54 11.08 -36.01 -20.18
N MET W 55 12.19 -36.02 -20.92
CA MET W 55 13.39 -36.69 -20.41
C MET W 55 13.85 -36.08 -19.09
N TRP W 56 13.85 -34.75 -19.01
CA TRP W 56 14.29 -34.08 -17.81
C TRP W 56 13.49 -34.52 -16.58
N ALA W 57 12.17 -34.44 -16.67
CA ALA W 57 11.35 -34.79 -15.52
C ALA W 57 11.43 -36.27 -15.20
N ALA W 58 11.46 -37.12 -16.23
CA ALA W 58 11.55 -38.56 -16.01
C ALA W 58 12.83 -38.90 -15.25
N LEU W 59 13.91 -38.19 -15.53
CA LEU W 59 15.11 -38.39 -14.74
C LEU W 59 14.92 -37.87 -13.32
N TRP W 60 14.38 -36.67 -13.18
CA TRP W 60 14.45 -36.00 -11.89
C TRP W 60 13.50 -36.58 -10.86
N LEU W 61 12.49 -37.34 -11.28
CA LEU W 61 11.53 -37.86 -10.30
C LEU W 61 12.20 -38.78 -9.27
N ALA W 62 12.76 -39.90 -9.73
CA ALA W 62 13.42 -40.81 -8.80
C ALA W 62 14.63 -40.16 -8.14
N LEU W 63 15.36 -39.36 -8.90
CA LEU W 63 16.45 -38.59 -8.32
C LEU W 63 15.97 -37.79 -7.12
N GLY W 64 14.75 -37.26 -7.16
CA GLY W 64 14.26 -36.50 -6.03
C GLY W 64 13.91 -37.38 -4.85
N THR W 65 13.33 -38.54 -5.17
CA THR W 65 13.17 -39.55 -4.13
C THR W 65 14.46 -39.79 -3.36
N THR W 66 15.61 -39.68 -4.03
CA THR W 66 16.91 -39.71 -3.35
C THR W 66 17.31 -38.35 -2.76
N VAL W 67 16.95 -37.26 -3.44
CA VAL W 67 17.34 -35.92 -3.05
C VAL W 67 16.91 -35.62 -1.63
N PHE W 68 15.75 -36.12 -1.22
CA PHE W 68 15.29 -35.77 0.12
C PHE W 68 16.15 -36.42 1.19
N ALA W 69 16.58 -37.67 0.97
CA ALA W 69 17.53 -38.28 1.89
C ALA W 69 18.87 -37.55 1.88
N VAL W 70 19.30 -37.09 0.70
CA VAL W 70 20.54 -36.33 0.62
C VAL W 70 20.44 -35.05 1.45
N ILE W 71 19.30 -34.38 1.38
CA ILE W 71 19.11 -33.14 2.13
C ILE W 71 19.10 -33.42 3.62
N VAL W 72 18.48 -34.54 4.03
CA VAL W 72 18.53 -34.90 5.44
C VAL W 72 19.96 -35.12 5.89
N ARG W 73 20.77 -35.77 5.06
CA ARG W 73 22.18 -35.98 5.43
C ARG W 73 22.92 -34.64 5.55
N LEU W 74 22.65 -33.71 4.64
CA LEU W 74 23.29 -32.40 4.72
C LEU W 74 22.89 -31.68 5.99
N ALA W 75 21.61 -31.79 6.38
CA ALA W 75 21.17 -31.20 7.64
C ALA W 75 21.92 -31.80 8.82
N GLY W 76 22.09 -33.11 8.81
CA GLY W 76 22.86 -33.74 9.87
C GLY W 76 24.29 -33.25 9.93
N ILE W 77 24.92 -33.09 8.76
CA ILE W 77 26.30 -32.64 8.73
C ILE W 77 26.43 -31.21 9.26
N VAL W 78 25.53 -30.32 8.82
CA VAL W 78 25.66 -28.93 9.29
C VAL W 78 25.33 -28.84 10.77
N ASN W 79 24.41 -29.67 11.27
CA ASN W 79 24.15 -29.68 12.71
C ASN W 79 25.38 -30.14 13.47
N GLU W 80 26.04 -31.19 12.99
CA GLU W 80 27.23 -31.67 13.68
C GLU W 80 28.36 -30.66 13.61
N VAL W 81 28.42 -29.87 12.54
CA VAL W 81 29.48 -28.88 12.42
C VAL W 81 29.25 -27.72 13.37
N LEU W 82 28.04 -27.15 13.37
CA LEU W 82 27.81 -25.94 14.15
C LEU W 82 27.81 -26.20 15.65
N LEU W 83 27.45 -27.41 16.08
CA LEU W 83 27.31 -27.71 17.50
C LEU W 83 28.24 -28.84 17.92
N GLY W 84 29.47 -28.81 17.44
CA GLY W 84 30.46 -29.81 17.82
C GLY W 84 30.10 -31.22 17.41
N ALA X 1 -33.00 -14.78 -20.13
CA ALA X 1 -32.52 -16.07 -19.65
C ALA X 1 -31.87 -16.86 -20.79
N ALA X 2 -32.61 -17.03 -21.88
CA ALA X 2 -32.13 -17.73 -23.07
C ALA X 2 -31.91 -16.81 -24.26
N ASP X 3 -32.67 -15.73 -24.36
CA ASP X 3 -32.44 -14.78 -25.44
C ASP X 3 -31.05 -14.17 -25.36
N ILE X 4 -30.50 -14.04 -24.15
CA ILE X 4 -29.15 -13.53 -24.01
C ILE X 4 -28.14 -14.50 -24.61
N VAL X 5 -28.31 -15.79 -24.35
CA VAL X 5 -27.44 -16.78 -24.96
C VAL X 5 -27.61 -16.77 -26.47
N GLN X 6 -28.84 -16.61 -26.94
CA GLN X 6 -29.07 -16.60 -28.38
C GLN X 6 -28.35 -15.43 -29.04
N MET X 7 -28.45 -14.24 -28.44
CA MET X 7 -27.78 -13.08 -29.04
C MET X 7 -26.27 -13.19 -28.95
N VAL X 8 -25.75 -13.79 -27.87
CA VAL X 8 -24.31 -14.02 -27.81
C VAL X 8 -23.88 -14.95 -28.93
N GLU X 9 -24.66 -15.99 -29.20
CA GLU X 9 -24.30 -16.92 -30.26
C GLU X 9 -24.38 -16.25 -31.63
N ASP X 10 -25.38 -15.40 -31.85
CA ASP X 10 -25.45 -14.67 -33.11
C ASP X 10 -24.23 -13.77 -33.29
N LEU X 11 -23.83 -13.09 -32.21
CA LEU X 11 -22.63 -12.25 -32.28
C LEU X 11 -21.41 -13.09 -32.63
N THR X 12 -21.28 -14.26 -32.02
CA THR X 12 -20.15 -15.12 -32.34
C THR X 12 -20.17 -15.56 -33.80
N GLY X 13 -21.35 -15.86 -34.34
CA GLY X 13 -21.43 -16.26 -35.73
C GLY X 13 -21.01 -15.16 -36.69
N LYS X 14 -21.52 -13.95 -36.48
CA LYS X 14 -21.12 -12.82 -37.32
C LYS X 14 -19.62 -12.60 -37.22
N LEU X 15 -19.08 -12.66 -36.00
CA LEU X 15 -17.65 -12.47 -35.82
C LEU X 15 -16.85 -13.53 -36.54
N THR X 16 -17.34 -14.77 -36.57
CA THR X 16 -16.62 -15.83 -37.26
C THR X 16 -16.59 -15.59 -38.76
N ALA X 17 -17.72 -15.17 -39.33
CA ALA X 17 -17.71 -14.84 -40.76
C ALA X 17 -16.70 -13.75 -41.07
N LEU X 18 -16.75 -12.66 -40.29
CA LEU X 18 -15.77 -11.59 -40.49
C LEU X 18 -14.35 -12.11 -40.33
N ALA X 19 -14.13 -13.05 -39.42
CA ALA X 19 -12.79 -13.55 -39.18
C ALA X 19 -12.27 -14.34 -40.36
N TRP X 20 -13.12 -15.15 -40.99
CA TRP X 20 -12.68 -15.85 -42.19
C TRP X 20 -12.31 -14.86 -43.29
N ALA X 21 -13.13 -13.82 -43.47
CA ALA X 21 -12.81 -12.81 -44.47
C ALA X 21 -11.45 -12.17 -44.18
N LEU X 22 -11.22 -11.77 -42.93
CA LEU X 22 -9.97 -11.12 -42.57
C LEU X 22 -8.78 -12.06 -42.71
N PHE X 23 -8.96 -13.35 -42.43
CA PHE X 23 -7.86 -14.28 -42.61
C PHE X 23 -7.44 -14.35 -44.06
N LEU X 24 -8.41 -14.44 -44.96
CA LEU X 24 -8.07 -14.45 -46.38
C LEU X 24 -7.38 -13.15 -46.78
N LEU X 25 -7.86 -12.02 -46.26
CA LEU X 25 -7.21 -10.75 -46.56
C LEU X 25 -5.77 -10.72 -46.09
N SER X 26 -5.50 -11.25 -44.90
CA SER X 26 -4.14 -11.25 -44.37
C SER X 26 -3.24 -12.16 -45.20
N TRP X 27 -3.74 -13.32 -45.61
CA TRP X 27 -2.98 -14.18 -46.50
C TRP X 27 -2.61 -13.46 -47.79
N SER X 28 -3.57 -12.75 -48.38
CA SER X 28 -3.28 -12.02 -49.60
C SER X 28 -2.26 -10.93 -49.38
N ILE X 29 -2.37 -10.18 -48.28
CA ILE X 29 -1.41 -9.12 -47.99
C ILE X 29 -0.02 -9.69 -47.83
N GLY X 30 0.10 -10.79 -47.09
CA GLY X 30 1.42 -11.37 -46.89
C GLY X 30 2.06 -11.83 -48.18
N TRP X 31 1.31 -12.58 -48.98
CA TRP X 31 1.90 -13.07 -50.22
C TRP X 31 2.08 -11.97 -51.25
N THR X 32 1.43 -10.82 -51.09
CA THR X 32 1.72 -9.70 -51.96
C THR X 32 3.00 -8.98 -51.53
N LEU X 33 3.19 -8.83 -50.22
CA LEU X 33 4.44 -8.26 -49.74
C LEU X 33 5.63 -9.11 -50.12
N ARG X 34 5.45 -10.43 -50.11
CA ARG X 34 6.58 -11.32 -50.34
C ARG X 34 7.07 -11.29 -51.78
N GLY X 35 6.20 -11.00 -52.74
CA GLY X 35 6.57 -11.03 -54.14
C GLY X 35 6.83 -9.69 -54.78
N SER X 36 6.73 -8.60 -54.03
CA SER X 36 6.89 -7.27 -54.60
C SER X 36 8.34 -7.03 -55.01
N PRO X 37 8.60 -6.02 -55.84
CA PRO X 37 9.98 -5.78 -56.29
C PRO X 37 10.92 -5.33 -55.19
N ILE X 38 10.42 -4.86 -54.06
CA ILE X 38 11.25 -4.34 -52.99
C ILE X 38 12.18 -5.45 -52.46
N PRO X 39 13.49 -5.25 -52.50
CA PRO X 39 14.42 -6.31 -52.09
C PRO X 39 14.76 -6.30 -50.61
N SER X 40 13.99 -5.58 -49.80
CA SER X 40 14.26 -5.55 -48.37
C SER X 40 14.00 -6.92 -47.75
N SER X 41 14.57 -7.13 -46.56
CA SER X 41 14.37 -8.37 -45.84
C SER X 41 13.36 -8.26 -44.72
N ARG X 42 13.29 -7.10 -44.06
CA ARG X 42 12.32 -6.92 -43.00
C ARG X 42 10.90 -7.12 -43.52
N ILE X 43 10.63 -6.68 -44.75
CA ILE X 43 9.31 -6.83 -45.30
C ILE X 43 9.01 -8.28 -45.65
N LYS X 44 10.00 -9.02 -46.12
CA LYS X 44 9.80 -10.46 -46.30
C LYS X 44 9.48 -11.13 -44.96
N ARG X 45 10.16 -10.71 -43.90
CA ARG X 45 9.87 -11.26 -42.58
C ARG X 45 8.44 -10.95 -42.16
N VAL X 46 7.99 -9.71 -42.40
CA VAL X 46 6.63 -9.34 -42.03
C VAL X 46 5.62 -10.18 -42.81
N GLY X 47 5.86 -10.37 -44.11
CA GLY X 47 4.95 -11.19 -44.90
C GLY X 47 4.90 -12.62 -44.41
N ASN X 48 6.06 -13.18 -44.06
CA ASN X 48 6.08 -14.54 -43.53
C ASN X 48 5.28 -14.64 -42.25
N SER X 49 5.49 -13.70 -41.33
CA SER X 49 4.74 -13.74 -40.08
C SER X 49 3.24 -13.62 -40.35
N LEU X 50 2.85 -12.76 -41.28
CA LEU X 50 1.43 -12.60 -41.59
C LEU X 50 0.83 -13.91 -42.09
N ILE X 51 1.45 -14.53 -43.09
CA ILE X 51 0.83 -15.72 -43.66
C ILE X 51 0.84 -16.87 -42.67
N GLU X 52 1.90 -16.97 -41.86
CA GLU X 52 1.97 -18.04 -40.88
C GLU X 52 0.88 -17.88 -39.82
N ASP X 53 0.74 -16.68 -39.27
CA ASP X 53 -0.31 -16.46 -38.27
C ASP X 53 -1.68 -16.68 -38.87
N SER X 54 -1.87 -16.30 -40.14
CA SER X 54 -3.16 -16.52 -40.78
C SER X 54 -3.51 -17.99 -40.82
N MET X 55 -2.59 -18.82 -41.33
CA MET X 55 -2.86 -20.26 -41.36
C MET X 55 -3.11 -20.81 -39.96
N TRP X 56 -2.29 -20.40 -39.00
CA TRP X 56 -2.42 -20.89 -37.63
C TRP X 56 -3.81 -20.60 -37.07
N ALA X 57 -4.25 -19.35 -37.13
CA ALA X 57 -5.55 -19.00 -36.56
C ALA X 57 -6.68 -19.65 -37.33
N ALA X 58 -6.58 -19.68 -38.66
CA ALA X 58 -7.63 -20.30 -39.45
C ALA X 58 -7.80 -21.76 -39.09
N LEU X 59 -6.72 -22.45 -38.76
CA LEU X 59 -6.86 -23.81 -38.27
C LEU X 59 -7.48 -23.82 -36.89
N TRP X 60 -7.00 -22.96 -36.00
CA TRP X 60 -7.35 -23.14 -34.59
C TRP X 60 -8.78 -22.72 -34.27
N LEU X 61 -9.43 -21.94 -35.13
CA LEU X 61 -10.78 -21.48 -34.80
C LEU X 61 -11.76 -22.65 -34.64
N ALA X 62 -11.98 -23.41 -35.71
CA ALA X 62 -12.90 -24.54 -35.63
C ALA X 62 -12.39 -25.60 -34.65
N LEU X 63 -11.07 -25.82 -34.64
CA LEU X 63 -10.51 -26.70 -33.64
C LEU X 63 -10.91 -26.30 -32.24
N GLY X 64 -11.05 -25.01 -31.95
CA GLY X 64 -11.46 -24.60 -30.63
C GLY X 64 -12.93 -24.86 -30.38
N THR X 65 -13.72 -24.63 -31.42
CA THR X 65 -15.10 -25.08 -31.35
C THR X 65 -15.22 -26.52 -30.90
N THR X 66 -14.26 -27.37 -31.26
CA THR X 66 -14.17 -28.73 -30.73
C THR X 66 -13.49 -28.81 -29.36
N VAL X 67 -12.50 -27.94 -29.13
CA VAL X 67 -11.69 -27.97 -27.91
C VAL X 67 -12.57 -27.82 -26.70
N PHE X 68 -13.63 -27.04 -26.79
CA PHE X 68 -14.44 -26.84 -25.58
C PHE X 68 -15.19 -28.12 -25.20
N ALA X 69 -15.69 -28.85 -26.19
CA ALA X 69 -16.29 -30.15 -25.88
C ALA X 69 -15.25 -31.12 -25.35
N VAL X 70 -14.03 -31.07 -25.89
CA VAL X 70 -12.97 -31.93 -25.38
C VAL X 70 -12.70 -31.63 -23.91
N ILE X 71 -12.67 -30.35 -23.55
CA ILE X 71 -12.40 -29.96 -22.17
C ILE X 71 -13.54 -30.42 -21.27
N VAL X 72 -14.78 -30.32 -21.74
CA VAL X 72 -15.89 -30.84 -20.96
C VAL X 72 -15.72 -32.34 -20.71
N ARG X 73 -15.30 -33.08 -21.72
CA ARG X 73 -15.09 -34.51 -21.54
C ARG X 73 -13.99 -34.77 -20.52
N LEU X 74 -12.91 -34.01 -20.57
CA LEU X 74 -11.84 -34.17 -19.59
C LEU X 74 -12.33 -33.89 -18.18
N ALA X 75 -13.18 -32.87 -18.03
CA ALA X 75 -13.74 -32.59 -16.72
C ALA X 75 -14.59 -33.76 -16.23
N GLY X 76 -15.38 -34.34 -17.13
CA GLY X 76 -16.15 -35.52 -16.75
C GLY X 76 -15.27 -36.67 -16.30
N ILE X 77 -14.17 -36.91 -17.02
CA ILE X 77 -13.28 -38.01 -16.69
C ILE X 77 -12.63 -37.78 -15.33
N VAL X 78 -12.13 -36.57 -15.08
CA VAL X 78 -11.47 -36.35 -13.79
C VAL X 78 -12.48 -36.39 -12.66
N ASN X 79 -13.71 -35.96 -12.89
CA ASN X 79 -14.74 -36.08 -11.86
C ASN X 79 -15.02 -37.54 -11.54
N GLU X 80 -15.14 -38.36 -12.59
CA GLU X 80 -15.39 -39.78 -12.36
C GLU X 80 -14.22 -40.46 -11.68
N VAL X 81 -13.00 -39.99 -11.93
CA VAL X 81 -11.84 -40.60 -11.30
C VAL X 81 -11.78 -40.25 -9.82
N LEU X 82 -11.90 -38.96 -9.49
CA LEU X 82 -11.68 -38.55 -8.10
C LEU X 82 -12.80 -39.03 -7.18
N LEU X 83 -14.01 -39.19 -7.70
CA LEU X 83 -15.16 -39.52 -6.87
C LEU X 83 -15.79 -40.84 -7.28
N GLY X 84 -14.97 -41.83 -7.56
CA GLY X 84 -15.46 -43.16 -7.92
C GLY X 84 -16.28 -43.18 -9.19
N ALA Y 1 -7.39 29.06 -28.02
CA ALA Y 1 -8.35 28.08 -28.52
C ALA Y 1 -7.90 27.52 -29.86
N ALA Y 2 -7.63 28.43 -30.81
CA ALA Y 2 -7.15 28.05 -32.14
C ALA Y 2 -5.71 28.45 -32.40
N ASP Y 3 -5.24 29.52 -31.77
CA ASP Y 3 -3.83 29.88 -31.91
C ASP Y 3 -2.92 28.77 -31.40
N ILE Y 4 -3.37 28.02 -30.40
CA ILE Y 4 -2.56 26.92 -29.90
C ILE Y 4 -2.42 25.84 -30.96
N VAL Y 5 -3.52 25.52 -31.65
CA VAL Y 5 -3.43 24.56 -32.75
C VAL Y 5 -2.55 25.09 -33.86
N GLN Y 6 -2.65 26.39 -34.14
CA GLN Y 6 -1.83 26.96 -35.20
C GLN Y 6 -0.35 26.85 -34.87
N MET Y 7 0.03 27.17 -33.63
CA MET Y 7 1.44 27.09 -33.28
C MET Y 7 1.92 25.64 -33.22
N VAL Y 8 1.06 24.71 -32.82
CA VAL Y 8 1.46 23.31 -32.88
C VAL Y 8 1.72 22.89 -34.32
N GLU Y 9 0.87 23.34 -35.25
CA GLU Y 9 1.08 22.98 -36.64
C GLU Y 9 2.35 23.61 -37.20
N ASP Y 10 2.64 24.85 -36.82
CA ASP Y 10 3.89 25.46 -37.26
C ASP Y 10 5.09 24.69 -36.75
N LEU Y 11 5.04 24.27 -35.48
CA LEU Y 11 6.11 23.46 -34.93
C LEU Y 11 6.28 22.18 -35.72
N THR Y 12 5.17 21.52 -36.06
CA THR Y 12 5.26 20.29 -36.83
C THR Y 12 5.87 20.53 -38.20
N GLY Y 13 5.53 21.66 -38.83
CA GLY Y 13 6.11 21.95 -40.14
C GLY Y 13 7.61 22.15 -40.09
N LYS Y 14 8.07 22.97 -39.14
CA LYS Y 14 9.51 23.16 -38.98
C LYS Y 14 10.20 21.84 -38.71
N LEU Y 15 9.62 21.03 -37.83
CA LEU Y 15 10.21 19.73 -37.51
C LEU Y 15 10.29 18.84 -38.75
N THR Y 16 9.28 18.91 -39.61
CA THR Y 16 9.31 18.08 -40.81
C THR Y 16 10.41 18.51 -41.75
N ALA Y 17 10.60 19.81 -41.93
CA ALA Y 17 11.71 20.28 -42.76
C ALA Y 17 13.05 19.78 -42.21
N LEU Y 18 13.26 19.97 -40.92
CA LEU Y 18 14.49 19.47 -40.30
C LEU Y 18 14.63 17.98 -40.49
N ALA Y 19 13.51 17.25 -40.45
CA ALA Y 19 13.58 15.79 -40.56
C ALA Y 19 14.01 15.37 -41.96
N TRP Y 20 13.52 16.04 -42.98
CA TRP Y 20 13.99 15.72 -44.33
C TRP Y 20 15.48 15.97 -44.45
N ALA Y 21 15.94 17.11 -43.91
CA ALA Y 21 17.38 17.38 -43.96
C ALA Y 21 18.18 16.28 -43.26
N LEU Y 22 17.74 15.88 -42.07
CA LEU Y 22 18.47 14.86 -41.33
C LEU Y 22 18.41 13.50 -42.02
N PHE Y 23 17.31 13.19 -42.69
CA PHE Y 23 17.25 11.92 -43.41
C PHE Y 23 18.28 11.89 -44.52
N LEU Y 24 18.38 12.98 -45.28
CA LEU Y 24 19.42 13.02 -46.31
C LEU Y 24 20.81 12.90 -45.71
N LEU Y 25 21.04 13.57 -44.57
CA LEU Y 25 22.34 13.46 -43.92
C LEU Y 25 22.64 12.03 -43.51
N SER Y 26 21.65 11.32 -42.98
CA SER Y 26 21.88 9.95 -42.55
C SER Y 26 22.17 9.04 -43.74
N TRP Y 27 21.44 9.24 -44.84
CA TRP Y 27 21.73 8.49 -46.05
C TRP Y 27 23.17 8.70 -46.49
N SER Y 28 23.62 9.96 -46.49
CA SER Y 28 25.00 10.25 -46.89
C SER Y 28 26.00 9.59 -45.96
N ILE Y 29 25.75 9.66 -44.64
CA ILE Y 29 26.68 9.06 -43.69
C ILE Y 29 26.77 7.55 -43.90
N GLY Y 30 25.62 6.90 -44.10
CA GLY Y 30 25.63 5.46 -44.29
C GLY Y 30 26.41 5.07 -45.53
N TRP Y 31 26.10 5.71 -46.66
CA TRP Y 31 26.79 5.32 -47.88
C TRP Y 31 28.24 5.77 -47.90
N THR Y 32 28.63 6.69 -47.02
CA THR Y 32 30.05 7.00 -46.90
C THR Y 32 30.77 5.96 -46.06
N LEU Y 33 30.14 5.50 -44.99
CA LEU Y 33 30.72 4.42 -44.20
C LEU Y 33 30.88 3.16 -45.01
N ARG Y 34 29.93 2.90 -45.91
CA ARG Y 34 29.93 1.64 -46.63
C ARG Y 34 31.05 1.56 -47.66
N GLY Y 35 31.49 2.69 -48.21
CA GLY Y 35 32.49 2.70 -49.24
C GLY Y 35 33.90 3.05 -48.81
N SER Y 36 34.11 3.31 -47.52
CA SER Y 36 35.42 3.72 -47.04
C SER Y 36 36.42 2.58 -47.13
N PRO Y 37 37.72 2.89 -47.05
CA PRO Y 37 38.73 1.81 -47.17
C PRO Y 37 38.71 0.82 -46.03
N ILE Y 38 38.12 1.15 -44.89
CA ILE Y 38 38.13 0.27 -43.72
C ILE Y 38 37.45 -1.05 -44.05
N PRO Y 39 38.13 -2.18 -43.89
CA PRO Y 39 37.55 -3.47 -44.28
C PRO Y 39 36.76 -4.14 -43.18
N SER Y 40 36.42 -3.42 -42.11
CA SER Y 40 35.65 -4.01 -41.03
C SER Y 40 34.25 -4.38 -41.51
N SER Y 41 33.60 -5.26 -40.75
CA SER Y 41 32.24 -5.66 -41.08
C SER Y 41 31.20 -4.98 -40.20
N ARG Y 42 31.53 -4.72 -38.94
CA ARG Y 42 30.59 -4.03 -38.06
C ARG Y 42 30.21 -2.68 -38.63
N ILE Y 43 31.16 -1.99 -39.24
CA ILE Y 43 30.87 -0.67 -39.80
C ILE Y 43 30.01 -0.78 -41.05
N LYS Y 44 30.21 -1.82 -41.86
CA LYS Y 44 29.28 -2.05 -42.96
C LYS Y 44 27.87 -2.30 -42.45
N ARG Y 45 27.76 -3.06 -41.35
CA ARG Y 45 26.45 -3.29 -40.75
C ARG Y 45 25.80 -1.99 -40.29
N VAL Y 46 26.59 -1.14 -39.66
CA VAL Y 46 26.06 0.14 -39.17
C VAL Y 46 25.59 0.99 -40.34
N GLY Y 47 26.37 1.03 -41.42
CA GLY Y 47 25.95 1.79 -42.59
C GLY Y 47 24.67 1.25 -43.20
N ASN Y 48 24.55 -0.07 -43.28
CA ASN Y 48 23.33 -0.65 -43.81
C ASN Y 48 22.13 -0.28 -42.96
N SER Y 49 22.26 -0.40 -41.63
CA SER Y 49 21.14 -0.04 -40.76
C SER Y 49 20.78 1.43 -40.93
N LEU Y 50 21.78 2.30 -41.06
CA LEU Y 50 21.50 3.72 -41.23
C LEU Y 50 20.70 3.98 -42.50
N ILE Y 51 21.17 3.47 -43.64
CA ILE Y 51 20.48 3.80 -44.88
C ILE Y 51 19.10 3.16 -44.92
N GLU Y 52 18.96 1.97 -44.35
CA GLU Y 52 17.66 1.31 -44.35
C GLU Y 52 16.65 2.09 -43.50
N ASP Y 53 17.05 2.46 -42.29
CA ASP Y 53 16.15 3.24 -41.44
C ASP Y 53 15.83 4.58 -42.07
N SER Y 54 16.79 5.18 -42.77
CA SER Y 54 16.54 6.45 -43.42
C SER Y 54 15.43 6.32 -44.45
N MET Y 55 15.56 5.34 -45.36
CA MET Y 55 14.52 5.13 -46.36
C MET Y 55 13.18 4.83 -45.70
N TRP Y 56 13.19 3.97 -44.69
CA TRP Y 56 11.95 3.58 -44.02
C TRP Y 56 11.23 4.81 -43.47
N ALA Y 57 11.91 5.62 -42.67
CA ALA Y 57 11.26 6.77 -42.06
C ALA Y 57 10.85 7.80 -43.10
N ALA Y 58 11.70 8.02 -44.11
CA ALA Y 58 11.36 8.99 -45.14
C ALA Y 58 10.09 8.58 -45.87
N LEU Y 59 9.88 7.29 -46.05
CA LEU Y 59 8.59 6.86 -46.61
C LEU Y 59 7.47 7.08 -45.62
N TRP Y 60 7.67 6.69 -44.37
CA TRP Y 60 6.54 6.60 -43.46
C TRP Y 60 6.04 7.95 -42.99
N LEU Y 61 6.83 9.02 -43.13
CA LEU Y 61 6.38 10.31 -42.61
C LEU Y 61 5.11 10.78 -43.32
N ALA Y 62 5.18 11.02 -44.63
CA ALA Y 62 4.00 11.48 -45.36
C ALA Y 62 2.89 10.42 -45.34
N LEU Y 63 3.28 9.15 -45.43
CA LEU Y 63 2.30 8.09 -45.27
C LEU Y 63 1.51 8.25 -43.99
N GLY Y 64 2.14 8.71 -42.91
CA GLY Y 64 1.41 8.88 -41.66
C GLY Y 64 0.49 10.08 -41.71
N THR Y 65 0.97 11.13 -42.35
CA THR Y 65 0.07 12.24 -42.65
C THR Y 65 -1.23 11.77 -43.29
N THR Y 66 -1.17 10.71 -44.09
CA THR Y 66 -2.36 10.06 -44.62
C THR Y 66 -3.00 9.07 -43.63
N VAL Y 67 -2.16 8.37 -42.85
CA VAL Y 67 -2.62 7.34 -41.94
C VAL Y 67 -3.64 7.87 -40.98
N PHE Y 68 -3.50 9.11 -40.54
CA PHE Y 68 -4.44 9.61 -39.55
C PHE Y 68 -5.84 9.80 -40.16
N ALA Y 69 -5.91 10.26 -41.41
CA ALA Y 69 -7.21 10.31 -42.08
C ALA Y 69 -7.78 8.92 -42.29
N VAL Y 70 -6.90 7.96 -42.62
CA VAL Y 70 -7.36 6.58 -42.79
C VAL Y 70 -7.97 6.05 -41.49
N ILE Y 71 -7.33 6.36 -40.37
CA ILE Y 71 -7.84 5.89 -39.07
C ILE Y 71 -9.17 6.55 -38.75
N VAL Y 72 -9.31 7.83 -39.09
CA VAL Y 72 -10.60 8.49 -38.89
C VAL Y 72 -11.68 7.80 -39.71
N ARG Y 73 -11.36 7.43 -40.95
CA ARG Y 73 -12.35 6.73 -41.76
C ARG Y 73 -12.71 5.38 -41.16
N LEU Y 74 -11.73 4.66 -40.64
CA LEU Y 74 -12.03 3.37 -40.00
C LEU Y 74 -12.92 3.56 -38.79
N ALA Y 75 -12.68 4.62 -38.01
CA ALA Y 75 -13.54 4.90 -36.87
C ALA Y 75 -14.96 5.17 -37.33
N GLY Y 76 -15.12 5.94 -38.41
CA GLY Y 76 -16.45 6.17 -38.95
C GLY Y 76 -17.14 4.88 -39.38
N ILE Y 77 -16.40 3.99 -40.02
CA ILE Y 77 -16.98 2.73 -40.49
C ILE Y 77 -17.41 1.86 -39.31
N VAL Y 78 -16.57 1.73 -38.30
CA VAL Y 78 -16.95 0.88 -37.17
C VAL Y 78 -18.11 1.50 -36.40
N ASN Y 79 -18.16 2.83 -36.31
CA ASN Y 79 -19.31 3.46 -35.67
C ASN Y 79 -20.59 3.17 -36.44
N GLU Y 80 -20.54 3.28 -37.77
CA GLU Y 80 -21.73 3.00 -38.57
C GLU Y 80 -22.13 1.54 -38.48
N VAL Y 81 -21.16 0.63 -38.31
CA VAL Y 81 -21.48 -0.78 -38.22
C VAL Y 81 -22.16 -1.10 -36.89
N LEU Y 82 -21.56 -0.65 -35.78
CA LEU Y 82 -22.07 -1.07 -34.48
C LEU Y 82 -23.41 -0.42 -34.14
N LEU Y 83 -23.69 0.75 -34.68
CA LEU Y 83 -24.90 1.49 -34.33
C LEU Y 83 -25.77 1.76 -35.55
N GLY Y 84 -25.92 0.75 -36.40
CA GLY Y 84 -26.77 0.85 -37.57
C GLY Y 84 -26.33 1.93 -38.55
N ALA Z 1 36.94 21.85 -3.40
CA ALA Z 1 36.22 22.54 -4.47
C ALA Z 1 36.89 22.29 -5.82
N ALA Z 2 38.19 22.58 -5.89
CA ALA Z 2 38.97 22.35 -7.10
C ALA Z 2 39.99 21.22 -6.97
N ASP Z 3 40.49 20.97 -5.75
CA ASP Z 3 41.40 19.85 -5.56
C ASP Z 3 40.72 18.53 -5.90
N ILE Z 4 39.40 18.45 -5.70
CA ILE Z 4 38.69 17.23 -6.04
C ILE Z 4 38.69 17.01 -7.55
N VAL Z 5 38.48 18.09 -8.32
CA VAL Z 5 38.56 17.97 -9.77
C VAL Z 5 39.98 17.62 -10.19
N GLN Z 6 40.97 18.19 -9.52
CA GLN Z 6 42.36 17.90 -9.88
C GLN Z 6 42.67 16.43 -9.65
N MET Z 7 42.25 15.87 -8.51
CA MET Z 7 42.55 14.47 -8.25
C MET Z 7 41.77 13.55 -9.18
N VAL Z 8 40.53 13.93 -9.54
CA VAL Z 8 39.81 13.14 -10.52
C VAL Z 8 40.56 13.12 -11.85
N GLU Z 9 41.09 14.27 -12.26
CA GLU Z 9 41.82 14.31 -13.53
C GLU Z 9 43.10 13.50 -13.45
N ASP Z 10 43.80 13.54 -12.33
CA ASP Z 10 44.99 12.70 -12.18
C ASP Z 10 44.64 11.23 -12.29
N LEU Z 11 43.55 10.83 -11.63
CA LEU Z 11 43.10 9.45 -11.73
C LEU Z 11 42.81 9.07 -13.17
N THR Z 12 42.14 9.96 -13.92
CA THR Z 12 41.85 9.67 -15.31
C THR Z 12 43.13 9.54 -16.13
N GLY Z 13 44.13 10.37 -15.85
CA GLY Z 13 45.38 10.26 -16.59
C GLY Z 13 46.10 8.95 -16.35
N LYS Z 14 46.22 8.55 -15.09
CA LYS Z 14 46.84 7.27 -14.79
C LYS Z 14 46.08 6.13 -15.45
N LEU Z 15 44.75 6.18 -15.38
CA LEU Z 15 43.94 5.15 -16.00
C LEU Z 15 44.16 5.10 -17.51
N THR Z 16 44.33 6.25 -18.14
CA THR Z 16 44.55 6.27 -19.58
C THR Z 16 45.89 5.62 -19.95
N ALA Z 17 46.93 5.92 -19.18
CA ALA Z 17 48.21 5.26 -19.43
C ALA Z 17 48.09 3.75 -19.32
N LEU Z 18 47.48 3.28 -18.22
CA LEU Z 18 47.27 1.85 -18.06
C LEU Z 18 46.44 1.28 -19.21
N ALA Z 19 45.48 2.06 -19.71
CA ALA Z 19 44.62 1.56 -20.78
C ALA Z 19 45.39 1.37 -22.07
N TRP Z 20 46.29 2.31 -22.39
CA TRP Z 20 47.12 2.11 -23.57
C TRP Z 20 47.96 0.85 -23.44
N ALA Z 21 48.56 0.65 -22.26
CA ALA Z 21 49.36 -0.55 -22.05
C ALA Z 21 48.53 -1.81 -22.26
N LEU Z 22 47.33 -1.84 -21.66
CA LEU Z 22 46.48 -3.02 -21.79
C LEU Z 22 46.00 -3.24 -23.21
N PHE Z 23 45.76 -2.16 -23.96
CA PHE Z 23 45.36 -2.32 -25.35
C PHE Z 23 46.45 -3.01 -26.15
N LEU Z 24 47.70 -2.56 -25.96
CA LEU Z 24 48.79 -3.23 -26.66
C LEU Z 24 48.90 -4.69 -26.24
N LEU Z 25 48.72 -4.97 -24.94
CA LEU Z 25 48.77 -6.35 -24.49
C LEU Z 25 47.68 -7.19 -25.14
N SER Z 26 46.48 -6.65 -25.27
CA SER Z 26 45.39 -7.41 -25.88
C SER Z 26 45.66 -7.66 -27.35
N TRP Z 27 46.19 -6.67 -28.05
CA TRP Z 27 46.57 -6.88 -29.45
C TRP Z 27 47.58 -8.01 -29.57
N SER Z 28 48.59 -8.02 -28.70
CA SER Z 28 49.59 -9.08 -28.75
C SER Z 28 48.98 -10.44 -28.46
N ILE Z 29 48.10 -10.52 -27.46
CA ILE Z 29 47.48 -11.80 -27.13
C ILE Z 29 46.65 -12.31 -28.30
N GLY Z 30 45.88 -11.42 -28.93
CA GLY Z 30 45.05 -11.85 -30.05
C GLY Z 30 45.88 -12.38 -31.20
N TRP Z 31 46.90 -11.61 -31.60
CA TRP Z 31 47.70 -12.06 -32.74
C TRP Z 31 48.58 -13.24 -32.39
N THR Z 32 48.80 -13.51 -31.10
CA THR Z 32 49.51 -14.74 -30.74
C THR Z 32 48.58 -15.95 -30.81
N LEU Z 33 47.34 -15.78 -30.36
CA LEU Z 33 46.38 -16.86 -30.47
C LEU Z 33 46.11 -17.20 -31.93
N ARG Z 34 46.12 -16.20 -32.80
CA ARG Z 34 45.75 -16.43 -34.19
C ARG Z 34 46.81 -17.23 -34.95
N GLY Z 35 48.07 -17.12 -34.56
CA GLY Z 35 49.14 -17.78 -35.29
C GLY Z 35 49.67 -19.06 -34.67
N SER Z 36 49.12 -19.48 -33.54
CA SER Z 36 49.62 -20.66 -32.85
C SER Z 36 49.32 -21.92 -33.66
N PRO Z 37 50.00 -23.03 -33.35
CA PRO Z 37 49.78 -24.27 -34.12
C PRO Z 37 48.40 -24.86 -33.95
N ILE Z 38 47.66 -24.50 -32.92
CA ILE Z 38 46.35 -25.08 -32.65
C ILE Z 38 45.39 -24.80 -33.82
N PRO Z 39 44.84 -25.83 -34.45
CA PRO Z 39 44.00 -25.62 -35.62
C PRO Z 39 42.52 -25.40 -35.30
N SER Z 40 42.20 -25.12 -34.05
CA SER Z 40 40.81 -24.88 -33.68
C SER Z 40 40.30 -23.60 -34.33
N SER Z 41 38.97 -23.48 -34.39
CA SER Z 41 38.35 -22.29 -34.96
C SER Z 41 37.83 -21.33 -33.90
N ARG Z 42 37.34 -21.87 -32.77
CA ARG Z 42 36.85 -21.00 -31.71
C ARG Z 42 37.96 -20.08 -31.22
N ILE Z 43 39.19 -20.57 -31.17
CA ILE Z 43 40.29 -19.73 -30.70
C ILE Z 43 40.65 -18.67 -31.72
N LYS Z 44 40.57 -18.98 -33.01
CA LYS Z 44 40.73 -17.94 -34.02
C LYS Z 44 39.66 -16.86 -33.86
N ARG Z 45 38.43 -17.29 -33.57
CA ARG Z 45 37.36 -16.31 -33.36
C ARG Z 45 37.66 -15.42 -32.15
N VAL Z 46 38.16 -16.02 -31.07
CA VAL Z 46 38.48 -15.24 -29.88
C VAL Z 46 39.59 -14.25 -30.18
N GLY Z 47 40.61 -14.67 -30.91
CA GLY Z 47 41.68 -13.75 -31.27
C GLY Z 47 41.19 -12.61 -32.13
N ASN Z 48 40.32 -12.90 -33.09
CA ASN Z 48 39.76 -11.85 -33.93
C ASN Z 48 38.99 -10.84 -33.09
N SER Z 49 38.13 -11.33 -32.19
CA SER Z 49 37.37 -10.42 -31.36
C SER Z 49 38.29 -9.57 -30.50
N LEU Z 50 39.36 -10.17 -29.96
CA LEU Z 50 40.29 -9.41 -29.13
C LEU Z 50 40.92 -8.27 -29.92
N ILE Z 51 41.50 -8.59 -31.09
CA ILE Z 51 42.23 -7.55 -31.81
C ILE Z 51 41.26 -6.48 -32.32
N GLU Z 52 40.07 -6.88 -32.71
CA GLU Z 52 39.10 -5.91 -33.21
C GLU Z 52 38.67 -4.95 -32.10
N ASP Z 53 38.31 -5.49 -30.94
CA ASP Z 53 37.93 -4.63 -29.83
C ASP Z 53 39.08 -3.74 -29.39
N SER Z 54 40.31 -4.26 -29.46
CA SER Z 54 41.46 -3.44 -29.09
C SER Z 54 41.58 -2.23 -29.99
N MET Z 55 41.54 -2.44 -31.30
CA MET Z 55 41.62 -1.31 -32.22
C MET Z 55 40.46 -0.35 -32.00
N TRP Z 56 39.26 -0.88 -31.84
CA TRP Z 56 38.07 -0.04 -31.65
C TRP Z 56 38.24 0.88 -30.45
N ALA Z 57 38.56 0.32 -29.28
CA ALA Z 57 38.66 1.13 -28.09
C ALA Z 57 39.84 2.10 -28.16
N ALA Z 58 40.96 1.64 -28.72
CA ALA Z 58 42.12 2.53 -28.85
C ALA Z 58 41.79 3.73 -29.69
N LEU Z 59 40.96 3.56 -30.71
CA LEU Z 59 40.51 4.72 -31.47
C LEU Z 59 39.58 5.58 -30.64
N TRP Z 60 38.61 4.95 -29.97
CA TRP Z 60 37.51 5.73 -29.41
C TRP Z 60 37.91 6.51 -28.16
N LEU Z 61 39.01 6.17 -27.52
CA LEU Z 61 39.37 6.87 -26.28
C LEU Z 61 39.61 8.36 -26.53
N ALA Z 62 40.61 8.69 -27.33
CA ALA Z 62 40.89 10.10 -27.61
C ALA Z 62 39.74 10.77 -28.34
N LEU Z 63 39.11 10.03 -29.25
CA LEU Z 63 37.92 10.54 -29.90
C LEU Z 63 36.89 10.99 -28.87
N GLY Z 64 36.77 10.29 -27.75
CA GLY Z 64 35.80 10.70 -26.75
C GLY Z 64 36.24 11.94 -26.00
N THR Z 65 37.55 12.01 -25.74
CA THR Z 65 38.10 13.27 -25.24
C THR Z 65 37.66 14.45 -26.09
N THR Z 66 37.49 14.25 -27.39
CA THR Z 66 36.91 15.27 -28.27
C THR Z 66 35.37 15.28 -28.25
N VAL Z 67 34.77 14.10 -28.10
CA VAL Z 67 33.32 13.95 -28.16
C VAL Z 67 32.65 14.82 -27.12
N PHE Z 68 33.26 14.97 -25.96
CA PHE Z 68 32.57 15.76 -24.93
C PHE Z 68 32.51 17.24 -25.30
N ALA Z 69 33.57 17.77 -25.90
CA ALA Z 69 33.51 19.13 -26.41
C ALA Z 69 32.49 19.25 -27.54
N VAL Z 70 32.42 18.23 -28.40
CA VAL Z 70 31.43 18.25 -29.47
C VAL Z 70 30.01 18.31 -28.90
N ILE Z 71 29.76 17.54 -27.84
CA ILE Z 71 28.43 17.53 -27.23
C ILE Z 71 28.13 18.87 -26.60
N VAL Z 72 29.12 19.51 -25.99
CA VAL Z 72 28.91 20.85 -25.44
C VAL Z 72 28.53 21.81 -26.55
N ARG Z 73 29.20 21.72 -27.70
CA ARG Z 73 28.86 22.59 -28.82
C ARG Z 73 27.43 22.34 -29.30
N LEU Z 74 27.02 21.08 -29.36
CA LEU Z 74 25.66 20.77 -29.78
C LEU Z 74 24.65 21.34 -28.80
N ALA Z 75 24.95 21.27 -27.50
CA ALA Z 75 24.07 21.87 -26.51
C ALA Z 75 23.96 23.37 -26.72
N GLY Z 76 25.08 24.03 -27.00
CA GLY Z 76 25.03 25.45 -27.30
C GLY Z 76 24.17 25.77 -28.50
N ILE Z 77 24.30 24.96 -29.56
CA ILE Z 77 23.52 25.21 -30.77
C ILE Z 77 22.02 25.03 -30.51
N VAL Z 78 21.65 23.96 -29.82
CA VAL Z 78 20.22 23.76 -29.59
C VAL Z 78 19.66 24.82 -28.65
N ASN Z 79 20.46 25.28 -27.68
CA ASN Z 79 20.01 26.37 -26.83
C ASN Z 79 19.79 27.64 -27.64
N GLU Z 80 20.72 27.95 -28.54
CA GLU Z 80 20.56 29.15 -29.36
C GLU Z 80 19.37 29.03 -30.30
N VAL Z 81 19.06 27.81 -30.74
CA VAL Z 81 17.93 27.62 -31.65
C VAL Z 81 16.62 27.80 -30.92
N LEU Z 82 16.44 27.12 -29.78
CA LEU Z 82 15.15 27.12 -29.12
C LEU Z 82 14.82 28.48 -28.49
N LEU Z 83 15.82 29.25 -28.10
CA LEU Z 83 15.59 30.50 -27.39
C LEU Z 83 16.18 31.68 -28.15
N GLY Z 84 15.99 31.71 -29.46
CA GLY Z 84 16.46 32.82 -30.28
C GLY Z 84 17.96 33.00 -30.26
N ALA AA 1 34.81 -27.09 11.55
CA ALA AA 1 35.65 -25.95 11.20
C ALA AA 1 36.59 -26.30 10.06
N ALA AA 2 37.37 -27.37 10.24
CA ALA AA 2 38.29 -27.87 9.23
C ALA AA 2 37.87 -29.18 8.61
N ASP AA 3 37.15 -30.03 9.35
CA ASP AA 3 36.66 -31.26 8.77
C ASP AA 3 35.72 -30.99 7.60
N ILE AA 4 35.00 -29.86 7.65
CA ILE AA 4 34.11 -29.52 6.54
C ILE AA 4 34.92 -29.22 5.29
N VAL AA 5 36.03 -28.48 5.43
CA VAL AA 5 36.90 -28.23 4.30
C VAL AA 5 37.50 -29.54 3.79
N GLN AA 6 37.87 -30.43 4.72
CA GLN AA 6 38.46 -31.69 4.30
C GLN AA 6 37.47 -32.51 3.49
N MET AA 7 36.22 -32.59 3.94
CA MET AA 7 35.25 -33.38 3.20
C MET AA 7 34.89 -32.73 1.87
N VAL AA 8 34.88 -31.40 1.81
CA VAL AA 8 34.67 -30.74 0.52
C VAL AA 8 35.80 -31.10 -0.45
N GLU AA 9 37.04 -31.12 0.06
CA GLU AA 9 38.16 -31.44 -0.82
C GLU AA 9 38.09 -32.90 -1.28
N ASP AA 10 37.69 -33.81 -0.38
CA ASP AA 10 37.54 -35.20 -0.80
C ASP AA 10 36.48 -35.33 -1.88
N LEU AA 11 35.36 -34.62 -1.72
CA LEU AA 11 34.32 -34.64 -2.74
C LEU AA 11 34.86 -34.14 -4.07
N THR AA 12 35.65 -33.05 -4.04
CA THR AA 12 36.22 -32.53 -5.27
C THR AA 12 37.16 -33.54 -5.92
N GLY AA 13 37.94 -34.26 -5.11
CA GLY AA 13 38.85 -35.25 -5.68
C GLY AA 13 38.11 -36.38 -6.37
N LYS AA 14 37.10 -36.94 -5.69
CA LYS AA 14 36.31 -37.99 -6.31
C LYS AA 14 35.67 -37.50 -7.60
N LEU AA 15 35.12 -36.29 -7.57
CA LEU AA 15 34.49 -35.73 -8.76
C LEU AA 15 35.50 -35.57 -9.89
N THR AA 16 36.73 -35.20 -9.57
CA THR AA 16 37.73 -35.03 -10.62
C THR AA 16 38.08 -36.36 -11.26
N ALA AA 17 38.22 -37.42 -10.46
CA ALA AA 17 38.47 -38.74 -11.04
C ALA AA 17 37.33 -39.14 -11.98
N LEU AA 18 36.10 -39.02 -11.51
CA LEU AA 18 34.96 -39.31 -12.37
C LEU AA 18 34.97 -38.46 -13.62
N ALA AA 19 35.41 -37.21 -13.52
CA ALA AA 19 35.39 -36.32 -14.67
C ALA AA 19 36.40 -36.76 -15.72
N TRP AA 20 37.58 -37.21 -15.29
CA TRP AA 20 38.53 -37.73 -16.27
C TRP AA 20 37.96 -38.94 -16.98
N ALA AA 21 37.33 -39.84 -16.23
CA ALA AA 21 36.72 -41.01 -16.86
C ALA AA 21 35.68 -40.59 -17.88
N LEU AA 22 34.80 -39.67 -17.51
CA LEU AA 22 33.75 -39.24 -18.43
C LEU AA 22 34.30 -38.52 -19.65
N PHE AA 23 35.40 -37.77 -19.48
CA PHE AA 23 35.99 -37.10 -20.64
C PHE AA 23 36.48 -38.13 -21.64
N LEU AA 24 37.17 -39.17 -21.16
CA LEU AA 24 37.60 -40.21 -22.08
C LEU AA 24 36.41 -40.88 -22.76
N LEU AA 25 35.35 -41.13 -21.99
CA LEU AA 25 34.16 -41.73 -22.58
C LEU AA 25 33.57 -40.86 -23.68
N SER AA 26 33.53 -39.54 -23.46
CA SER AA 26 32.97 -38.64 -24.45
C SER AA 26 33.82 -38.60 -25.69
N TRP AA 27 35.15 -38.59 -25.53
CA TRP AA 27 36.03 -38.66 -26.68
C TRP AA 27 35.78 -39.92 -27.49
N SER AA 28 35.63 -41.06 -26.82
CA SER AA 28 35.37 -42.30 -27.53
C SER AA 28 34.03 -42.25 -28.27
N ILE AA 29 32.99 -41.73 -27.61
CA ILE AA 29 31.68 -41.64 -28.26
C ILE AA 29 31.75 -40.77 -29.50
N GLY AA 30 32.42 -39.63 -29.39
CA GLY AA 30 32.50 -38.74 -30.54
C GLY AA 30 33.22 -39.38 -31.71
N TRP AA 31 34.38 -39.95 -31.45
CA TRP AA 31 35.12 -40.54 -32.56
C TRP AA 31 34.49 -41.82 -33.06
N THR AA 32 33.58 -42.43 -32.30
CA THR AA 32 32.83 -43.56 -32.83
C THR AA 32 31.70 -43.10 -33.73
N LEU AA 33 31.02 -42.02 -33.34
CA LEU AA 33 29.98 -41.46 -34.18
C LEU AA 33 30.56 -40.96 -35.49
N ARG AA 34 31.78 -40.43 -35.45
CA ARG AA 34 32.34 -39.82 -36.65
C ARG AA 34 32.73 -40.85 -37.70
N GLY AA 35 33.08 -42.06 -37.31
CA GLY AA 35 33.52 -43.07 -38.24
C GLY AA 35 32.50 -44.11 -38.63
N SER AA 36 31.29 -44.03 -38.12
CA SER AA 36 30.27 -45.04 -38.38
C SER AA 36 29.82 -44.98 -39.84
N PRO AA 37 29.18 -46.04 -40.33
CA PRO AA 37 28.75 -46.04 -41.74
C PRO AA 37 27.69 -45.02 -42.07
N ILE AA 38 26.98 -44.48 -41.08
CA ILE AA 38 25.89 -43.54 -41.34
C ILE AA 38 26.42 -42.29 -42.04
N PRO AA 39 25.90 -41.95 -43.22
CA PRO AA 39 26.45 -40.83 -43.98
C PRO AA 39 25.79 -39.49 -43.65
N SER AA 40 25.05 -39.42 -42.54
CA SER AA 40 24.42 -38.17 -42.16
C SER AA 40 25.46 -37.12 -41.79
N SER AA 41 25.05 -35.86 -41.81
CA SER AA 41 25.94 -34.77 -41.45
C SER AA 41 25.69 -34.25 -40.04
N ARG AA 42 24.44 -34.25 -39.59
CA ARG AA 42 24.14 -33.80 -38.24
C ARG AA 42 24.90 -34.63 -37.21
N ILE AA 43 25.03 -35.92 -37.46
CA ILE AA 43 25.74 -36.77 -36.52
C ILE AA 43 27.24 -36.50 -36.54
N LYS AA 44 27.81 -36.21 -37.70
CA LYS AA 44 29.20 -35.77 -37.74
C LYS AA 44 29.38 -34.49 -36.93
N ARG AA 45 28.42 -33.56 -37.04
CA ARG AA 45 28.49 -32.33 -36.27
C ARG AA 45 28.45 -32.61 -34.77
N VAL AA 46 27.57 -33.52 -34.36
CA VAL AA 46 27.47 -33.87 -32.95
C VAL AA 46 28.77 -34.49 -32.46
N GLY AA 47 29.36 -35.38 -33.24
CA GLY AA 47 30.63 -35.96 -32.84
C GLY AA 47 31.74 -34.94 -32.72
N ASN AA 48 31.80 -34.00 -33.67
CA ASN AA 48 32.79 -32.94 -33.59
C ASN AA 48 32.62 -32.11 -32.33
N SER AA 49 31.38 -31.71 -32.03
CA SER AA 49 31.14 -30.93 -30.82
C SER AA 49 31.55 -31.72 -29.58
N LEU AA 50 31.24 -33.00 -29.55
CA LEU AA 50 31.61 -33.83 -28.40
C LEU AA 50 33.11 -33.84 -28.19
N ILE AA 51 33.87 -34.17 -29.23
CA ILE AA 51 35.31 -34.33 -29.03
C ILE AA 51 35.95 -32.98 -28.73
N GLU AA 52 35.44 -31.90 -29.33
CA GLU AA 52 36.01 -30.59 -29.07
C GLU AA 52 35.77 -30.17 -27.63
N ASP AA 53 34.53 -30.30 -27.15
CA ASP AA 53 34.25 -29.95 -25.77
C ASP AA 53 35.03 -30.82 -24.80
N SER AA 54 35.24 -32.09 -25.15
CA SER AA 54 36.01 -32.98 -24.29
C SER AA 54 37.43 -32.46 -24.12
N MET AA 55 38.11 -32.17 -25.24
CA MET AA 55 39.47 -31.65 -25.15
C MET AA 55 39.50 -30.34 -24.38
N TRP AA 56 38.55 -29.45 -24.67
CA TRP AA 56 38.50 -28.14 -24.01
C TRP AA 56 38.42 -28.29 -22.49
N ALA AA 57 37.45 -29.06 -22.01
CA ALA AA 57 37.27 -29.19 -20.56
C ALA AA 57 38.45 -29.94 -19.93
N ALA AA 58 38.95 -30.97 -20.60
CA ALA AA 58 40.08 -31.71 -20.05
C ALA AA 58 41.29 -30.81 -19.87
N LEU AA 59 41.48 -29.85 -20.78
CA LEU AA 59 42.54 -28.88 -20.57
C LEU AA 59 42.20 -27.95 -19.41
N TRP AA 60 40.97 -27.44 -19.37
CA TRP AA 60 40.69 -26.33 -18.48
C TRP AA 60 40.59 -26.74 -17.02
N LEU AA 61 40.41 -28.02 -16.74
CA LEU AA 61 40.24 -28.44 -15.34
C LEU AA 61 41.47 -28.11 -14.49
N ALA AA 62 42.62 -28.72 -14.83
CA ALA AA 62 43.84 -28.46 -14.07
C ALA AA 62 44.26 -27.00 -14.22
N LEU AA 63 44.09 -26.44 -15.40
CA LEU AA 63 44.35 -25.02 -15.57
C LEU AA 63 43.59 -24.19 -14.56
N GLY AA 64 42.37 -24.59 -14.20
CA GLY AA 64 41.62 -23.82 -13.22
C GLY AA 64 42.15 -24.01 -11.82
N THR AA 65 42.56 -25.24 -11.54
CA THR AA 65 43.31 -25.47 -10.30
C THR AA 65 44.45 -24.47 -10.14
N THR AA 66 45.07 -24.06 -11.24
CA THR AA 66 46.06 -22.98 -11.22
C THR AA 66 45.43 -21.58 -11.25
N VAL AA 67 44.31 -21.44 -11.97
CA VAL AA 67 43.65 -20.15 -12.16
C VAL AA 67 43.31 -19.52 -10.84
N PHE AA 68 42.93 -20.31 -9.85
CA PHE AA 68 42.52 -19.69 -8.60
C PHE AA 68 43.71 -19.07 -7.87
N ALA AA 69 44.87 -19.72 -7.91
CA ALA AA 69 46.06 -19.08 -7.37
C ALA AA 69 46.45 -17.84 -8.16
N VAL AA 70 46.27 -17.88 -9.48
CA VAL AA 70 46.56 -16.71 -10.30
C VAL AA 70 45.66 -15.55 -9.89
N ILE AA 71 44.39 -15.83 -9.64
CA ILE AA 71 43.46 -14.77 -9.25
C ILE AA 71 43.82 -14.22 -7.89
N VAL AA 72 44.27 -15.07 -6.97
CA VAL AA 72 44.73 -14.58 -5.68
C VAL AA 72 45.91 -13.64 -5.86
N ARG AA 73 46.83 -14.00 -6.75
CA ARG AA 73 47.99 -13.12 -6.98
C ARG AA 73 47.54 -11.78 -7.57
N LEU AA 74 46.57 -11.80 -8.48
CA LEU AA 74 46.07 -10.55 -9.04
C LEU AA 74 45.42 -9.69 -7.97
N ALA AA 75 44.69 -10.31 -7.06
CA ALA AA 75 44.11 -9.56 -5.95
C ALA AA 75 45.19 -8.93 -5.09
N GLY AA 76 46.25 -9.67 -4.82
CA GLY AA 76 47.36 -9.08 -4.07
C GLY AA 76 47.98 -7.90 -4.79
N ILE AA 77 48.16 -8.01 -6.10
CA ILE AA 77 48.77 -6.92 -6.86
C ILE AA 77 47.88 -5.68 -6.84
N VAL AA 78 46.58 -5.85 -7.07
CA VAL AA 78 45.73 -4.67 -7.09
C VAL AA 78 45.61 -4.06 -5.70
N ASN AA 79 45.64 -4.88 -4.65
CA ASN AA 79 45.64 -4.32 -3.30
C ASN AA 79 46.90 -3.50 -3.05
N GLU AA 80 48.05 -4.03 -3.46
CA GLU AA 80 49.29 -3.29 -3.26
C GLU AA 80 49.32 -2.02 -4.09
N VAL AA 81 48.67 -2.01 -5.25
CA VAL AA 81 48.65 -0.81 -6.09
C VAL AA 81 47.77 0.26 -5.47
N LEU AA 82 46.54 -0.10 -5.10
CA LEU AA 82 45.60 0.94 -4.66
C LEU AA 82 45.97 1.52 -3.30
N LEU AA 83 46.64 0.75 -2.45
CA LEU AA 83 46.93 1.19 -1.09
C LEU AA 83 48.42 1.22 -0.83
N GLY AA 84 49.19 1.73 -1.78
CA GLY AA 84 50.63 1.86 -1.62
C GLY AA 84 51.36 0.54 -1.44
N ALA BA 1 -7.90 -44.71 -10.56
CA ALA BA 1 -6.59 -45.01 -10.02
C ALA BA 1 -5.72 -45.70 -11.05
N ALA BA 2 -6.24 -46.80 -11.61
CA ALA BA 2 -5.55 -47.55 -12.65
C ALA BA 2 -6.20 -47.44 -14.02
N ASP BA 3 -7.52 -47.24 -14.07
CA ASP BA 3 -8.17 -47.04 -15.36
C ASP BA 3 -7.65 -45.79 -16.06
N ILE BA 4 -7.22 -44.79 -15.29
CA ILE BA 4 -6.65 -43.60 -15.91
C ILE BA 4 -5.34 -43.93 -16.60
N VAL BA 5 -4.49 -44.73 -15.95
CA VAL BA 5 -3.25 -45.17 -16.59
C VAL BA 5 -3.57 -46.01 -17.81
N GLN BA 6 -4.58 -46.86 -17.73
CA GLN BA 6 -4.92 -47.70 -18.86
C GLN BA 6 -5.36 -46.87 -20.06
N MET BA 7 -6.21 -45.86 -19.82
CA MET BA 7 -6.66 -45.05 -20.95
C MET BA 7 -5.53 -44.18 -21.50
N VAL BA 8 -4.62 -43.72 -20.64
CA VAL BA 8 -3.46 -43.00 -21.16
C VAL BA 8 -2.63 -43.90 -22.06
N GLU BA 9 -2.45 -45.16 -21.65
CA GLU BA 9 -1.67 -46.07 -22.49
C GLU BA 9 -2.36 -46.37 -23.80
N ASP BA 10 -3.69 -46.52 -23.78
CA ASP BA 10 -4.42 -46.73 -25.03
C ASP BA 10 -4.25 -45.53 -25.95
N LEU BA 11 -4.34 -44.32 -25.40
CA LEU BA 11 -4.13 -43.13 -26.20
C LEU BA 11 -2.74 -43.13 -26.82
N THR BA 12 -1.73 -43.50 -26.03
CA THR BA 12 -0.38 -43.55 -26.57
C THR BA 12 -0.26 -44.57 -27.69
N GLY BA 13 -0.92 -45.72 -27.56
CA GLY BA 13 -0.85 -46.72 -28.61
C GLY BA 13 -1.47 -46.24 -29.91
N LYS BA 14 -2.67 -45.67 -29.82
CA LYS BA 14 -3.30 -45.13 -31.02
C LYS BA 14 -2.42 -44.07 -31.66
N LEU BA 15 -1.87 -43.18 -30.83
CA LEU BA 15 -1.01 -42.13 -31.36
C LEU BA 15 0.22 -42.71 -32.05
N THR BA 16 0.76 -43.80 -31.51
CA THR BA 16 1.94 -44.41 -32.13
C THR BA 16 1.61 -44.98 -33.50
N ALA BA 17 0.46 -45.66 -33.62
CA ALA BA 17 0.05 -46.16 -34.93
C ALA BA 17 -0.08 -45.03 -35.93
N LEU BA 18 -0.81 -43.97 -35.55
CA LEU BA 18 -0.92 -42.81 -36.42
C LEU BA 18 0.44 -42.23 -36.77
N ALA BA 19 1.38 -42.26 -35.83
CA ALA BA 19 2.69 -41.67 -36.08
C ALA BA 19 3.46 -42.46 -37.12
N TRP BA 20 3.38 -43.80 -37.05
CA TRP BA 20 4.03 -44.59 -38.09
C TRP BA 20 3.44 -44.28 -39.46
N ALA BA 21 2.12 -44.18 -39.53
CA ALA BA 21 1.48 -43.85 -40.80
C ALA BA 21 1.98 -42.50 -41.33
N LEU BA 22 2.01 -41.50 -40.46
CA LEU BA 22 2.44 -40.17 -40.88
C LEU BA 22 3.90 -40.14 -41.27
N PHE BA 23 4.75 -40.93 -40.61
CA PHE BA 23 6.15 -40.97 -40.98
C PHE BA 23 6.31 -41.50 -42.39
N LEU BA 24 5.59 -42.59 -42.71
CA LEU BA 24 5.67 -43.09 -44.09
C LEU BA 24 5.16 -42.06 -45.08
N LEU BA 25 4.08 -41.35 -44.73
CA LEU BA 25 3.56 -40.32 -45.61
C LEU BA 25 4.59 -39.23 -45.85
N SER BA 26 5.30 -38.82 -44.80
CA SER BA 26 6.29 -37.76 -44.96
C SER BA 26 7.46 -38.21 -45.81
N TRP BA 27 7.90 -39.47 -45.63
CA TRP BA 27 8.94 -40.01 -46.49
C TRP BA 27 8.51 -39.98 -47.95
N SER BA 28 7.27 -40.38 -48.23
CA SER BA 28 6.78 -40.37 -49.60
C SER BA 28 6.74 -38.95 -50.15
N ILE BA 29 6.25 -37.99 -49.36
CA ILE BA 29 6.17 -36.61 -49.83
C ILE BA 29 7.56 -36.08 -50.16
N GLY BA 30 8.53 -36.34 -49.27
CA GLY BA 30 9.87 -35.84 -49.52
C GLY BA 30 10.47 -36.41 -50.78
N TRP BA 31 10.40 -37.73 -50.94
CA TRP BA 31 11.01 -38.32 -52.12
C TRP BA 31 10.22 -38.03 -53.38
N THR BA 32 8.97 -37.58 -53.26
CA THR BA 32 8.25 -37.14 -54.45
C THR BA 32 8.66 -35.73 -54.83
N LEU BA 33 8.85 -34.86 -53.84
CA LEU BA 33 9.34 -33.51 -54.13
C LEU BA 33 10.72 -33.56 -54.75
N ARG BA 34 11.55 -34.50 -54.30
CA ARG BA 34 12.93 -34.52 -54.76
C ARG BA 34 13.07 -34.95 -56.21
N GLY BA 35 12.15 -35.76 -56.73
CA GLY BA 35 12.25 -36.25 -58.08
C GLY BA 35 11.39 -35.56 -59.11
N SER BA 36 10.62 -34.55 -58.72
CA SER BA 36 9.71 -33.89 -59.64
C SER BA 36 10.48 -33.10 -60.69
N PRO BA 37 9.83 -32.72 -61.79
CA PRO BA 37 10.53 -31.98 -62.84
C PRO BA 37 11.00 -30.60 -62.44
N ILE BA 38 10.45 -30.02 -61.37
CA ILE BA 38 10.78 -28.66 -60.96
C ILE BA 38 12.26 -28.57 -60.62
N PRO BA 39 13.02 -27.69 -61.28
CA PRO BA 39 14.46 -27.63 -61.05
C PRO BA 39 14.88 -26.69 -59.94
N SER BA 40 13.93 -26.26 -59.10
CA SER BA 40 14.26 -25.38 -58.00
C SER BA 40 15.15 -26.08 -56.98
N SER BA 41 15.84 -25.29 -56.16
CA SER BA 41 16.69 -25.85 -55.12
C SER BA 41 16.05 -25.80 -53.74
N ARG BA 42 15.26 -24.78 -53.46
CA ARG BA 42 14.59 -24.70 -52.17
C ARG BA 42 13.70 -25.91 -51.94
N ILE BA 43 13.05 -26.40 -53.00
CA ILE BA 43 12.18 -27.55 -52.84
C ILE BA 43 12.98 -28.81 -52.62
N LYS BA 44 14.15 -28.96 -53.26
CA LYS BA 44 15.02 -30.07 -52.93
C LYS BA 44 15.44 -30.02 -51.48
N ARG BA 45 15.74 -28.82 -50.97
CA ARG BA 45 16.09 -28.68 -49.56
C ARG BA 45 14.94 -29.11 -48.66
N VAL BA 46 13.72 -28.71 -49.00
CA VAL BA 46 12.56 -29.07 -48.19
C VAL BA 46 12.38 -30.59 -48.19
N GLY BA 47 12.52 -31.22 -49.36
CA GLY BA 47 12.40 -32.67 -49.41
C GLY BA 47 13.46 -33.37 -48.58
N ASN BA 48 14.69 -32.88 -48.64
CA ASN BA 48 15.75 -33.47 -47.83
C ASN BA 48 15.43 -33.36 -46.35
N SER BA 49 15.01 -32.17 -45.92
CA SER BA 49 14.68 -32.01 -44.50
C SER BA 49 13.54 -32.95 -44.11
N LEU BA 50 12.54 -33.09 -44.97
CA LEU BA 50 11.42 -33.97 -44.65
C LEU BA 50 11.89 -35.41 -44.46
N ILE BA 51 12.63 -35.95 -45.42
CA ILE BA 51 13.00 -37.36 -45.33
C ILE BA 51 13.95 -37.59 -44.16
N GLU BA 52 14.85 -36.62 -43.90
CA GLU BA 52 15.78 -36.78 -42.80
C GLU BA 52 15.07 -36.79 -41.47
N ASP BA 53 14.16 -35.82 -41.24
CA ASP BA 53 13.41 -35.79 -39.99
C ASP BA 53 12.55 -37.03 -39.86
N SER BA 54 12.01 -37.53 -40.96
CA SER BA 54 11.19 -38.75 -40.89
C SER BA 54 12.01 -39.91 -40.37
N MET BA 55 13.17 -40.17 -40.97
CA MET BA 55 14.02 -41.26 -40.49
C MET BA 55 14.42 -41.04 -39.04
N TRP BA 56 14.80 -39.82 -38.69
CA TRP BA 56 15.23 -39.52 -37.33
C TRP BA 56 14.15 -39.88 -36.32
N ALA BA 57 12.94 -39.36 -36.51
CA ALA BA 57 11.88 -39.61 -35.54
C ALA BA 57 11.46 -41.07 -35.54
N ALA BA 58 11.40 -41.71 -36.71
CA ALA BA 58 11.03 -43.11 -36.76
C ALA BA 58 12.01 -43.96 -35.97
N LEU BA 59 13.29 -43.60 -35.99
CA LEU BA 59 14.23 -44.31 -35.13
C LEU BA 59 13.97 -43.99 -33.67
N TRP BA 60 13.80 -42.71 -33.35
CA TRP BA 60 13.85 -42.32 -31.94
C TRP BA 60 12.63 -42.73 -31.16
N LEU BA 61 11.51 -43.05 -31.81
CA LEU BA 61 10.30 -43.37 -31.08
C LEU BA 61 10.50 -44.61 -30.18
N ALA BA 62 10.76 -45.76 -30.80
CA ALA BA 62 10.96 -46.98 -30.02
C ALA BA 62 12.18 -46.86 -29.12
N LEU BA 63 13.24 -46.24 -29.63
CA LEU BA 63 14.39 -45.96 -28.78
C LEU BA 63 13.99 -45.25 -27.51
N GLY BA 64 13.00 -44.36 -27.56
CA GLY BA 64 12.59 -43.67 -26.35
C GLY BA 64 11.81 -44.57 -25.42
N THR BA 65 10.98 -45.41 -26.03
CA THR BA 65 10.35 -46.47 -25.24
C THR BA 65 11.38 -47.23 -24.41
N THR BA 66 12.59 -47.39 -24.93
CA THR BA 66 13.70 -47.95 -24.14
C THR BA 66 14.40 -46.91 -23.25
N VAL BA 67 14.47 -45.67 -23.71
CA VAL BA 67 15.19 -44.60 -23.02
C VAL BA 67 14.64 -44.41 -21.61
N PHE BA 68 13.34 -44.57 -21.45
CA PHE BA 68 12.79 -44.31 -20.11
C PHE BA 68 13.24 -45.38 -19.12
N ALA BA 69 13.31 -46.64 -19.54
CA ALA BA 69 13.87 -47.66 -18.67
C ALA BA 69 15.35 -47.40 -18.40
N VAL BA 70 16.08 -46.93 -19.41
CA VAL BA 70 17.49 -46.60 -19.20
C VAL BA 70 17.64 -45.52 -18.15
N ILE BA 71 16.77 -44.50 -18.20
CA ILE BA 71 16.85 -43.42 -17.24
C ILE BA 71 16.51 -43.91 -15.84
N VAL BA 72 15.54 -44.82 -15.73
CA VAL BA 72 15.24 -45.41 -14.44
C VAL BA 72 16.47 -46.14 -13.88
N ARG BA 73 17.16 -46.88 -14.75
CA ARG BA 73 18.36 -47.57 -14.28
C ARG BA 73 19.43 -46.60 -13.83
N LEU BA 74 19.60 -45.49 -14.56
CA LEU BA 74 20.58 -44.49 -14.13
C LEU BA 74 20.21 -43.89 -12.79
N ALA BA 75 18.92 -43.65 -12.56
CA ALA BA 75 18.49 -43.15 -11.28
C ALA BA 75 18.82 -44.14 -10.17
N GLY BA 76 18.59 -45.43 -10.43
CA GLY BA 76 18.95 -46.43 -9.44
C GLY BA 76 20.44 -46.44 -9.14
N ILE BA 77 21.26 -46.31 -10.18
CA ILE BA 77 22.71 -46.32 -9.99
C ILE BA 77 23.17 -45.12 -9.16
N VAL BA 78 22.67 -43.93 -9.49
CA VAL BA 78 23.11 -42.76 -8.74
C VAL BA 78 22.60 -42.80 -7.31
N ASN BA 79 21.41 -43.36 -7.09
CA ASN BA 79 20.93 -43.52 -5.72
C ASN BA 79 21.82 -44.46 -4.94
N GLU BA 80 22.20 -45.58 -5.55
CA GLU BA 80 23.08 -46.52 -4.86
C GLU BA 80 24.45 -45.93 -4.61
N VAL BA 81 24.92 -45.04 -5.49
CA VAL BA 81 26.23 -44.44 -5.30
C VAL BA 81 26.19 -43.44 -4.15
N LEU BA 82 25.23 -42.52 -4.17
CA LEU BA 82 25.25 -41.44 -3.18
C LEU BA 82 24.94 -41.93 -1.78
N LEU BA 83 24.16 -43.00 -1.64
CA LEU BA 83 23.72 -43.47 -0.34
C LEU BA 83 24.18 -44.89 -0.05
N GLY BA 84 25.43 -45.19 -0.39
CA GLY BA 84 26.00 -46.49 -0.12
C GLY BA 84 25.31 -47.63 -0.84
N ALA CA 1 -23.07 -5.89 -40.34
CA ALA CA 1 -23.09 -7.32 -40.09
C ALA CA 1 -22.54 -8.08 -41.30
N ALA CA 2 -23.12 -7.81 -42.46
CA ALA CA 2 -22.69 -8.43 -43.71
C ALA CA 2 -22.02 -7.46 -44.67
N ASP CA 3 -22.39 -6.18 -44.63
CA ASP CA 3 -21.72 -5.19 -45.45
C ASP CA 3 -20.24 -5.10 -45.11
N ILE CA 4 -19.88 -5.35 -43.86
CA ILE CA 4 -18.47 -5.33 -43.48
C ILE CA 4 -17.72 -6.47 -44.17
N VAL CA 5 -18.31 -7.66 -44.20
CA VAL CA 5 -17.70 -8.76 -44.92
C VAL CA 5 -17.61 -8.46 -46.40
N GLN CA 6 -18.66 -7.82 -46.95
CA GLN CA 6 -18.63 -7.50 -48.37
C GLN CA 6 -17.51 -6.53 -48.69
N MET CA 7 -17.33 -5.50 -47.88
CA MET CA 7 -16.27 -4.54 -48.17
C MET CA 7 -14.89 -5.15 -47.95
N VAL CA 8 -14.75 -6.05 -46.97
CA VAL CA 8 -13.47 -6.75 -46.83
C VAL CA 8 -13.18 -7.57 -48.07
N GLU CA 9 -14.19 -8.24 -48.62
CA GLU CA 9 -13.95 -9.04 -49.82
C GLU CA 9 -13.61 -8.17 -51.01
N ASP CA 10 -14.26 -7.01 -51.15
CA ASP CA 10 -13.91 -6.11 -52.23
C ASP CA 10 -12.46 -5.64 -52.10
N LEU CA 11 -12.05 -5.30 -50.88
CA LEU CA 11 -10.67 -4.91 -50.65
C LEU CA 11 -9.72 -6.02 -51.05
N THR CA 12 -10.04 -7.27 -50.69
CA THR CA 12 -9.19 -8.39 -51.06
C THR CA 12 -9.11 -8.54 -52.58
N GLY CA 13 -10.22 -8.33 -53.27
CA GLY CA 13 -10.20 -8.46 -54.73
C GLY CA 13 -9.32 -7.42 -55.39
N LYS CA 14 -9.48 -6.16 -54.99
CA LYS CA 14 -8.63 -5.12 -55.53
C LYS CA 14 -7.17 -5.41 -55.25
N LEU CA 15 -6.87 -5.84 -54.03
CA LEU CA 15 -5.49 -6.15 -53.67
C LEU CA 15 -4.95 -7.28 -54.52
N THR CA 16 -5.78 -8.27 -54.84
CA THR CA 16 -5.31 -9.38 -55.66
C THR CA 16 -4.98 -8.92 -57.08
N ALA CA 17 -5.82 -8.06 -57.65
CA ALA CA 17 -5.49 -7.53 -58.98
C ALA CA 17 -4.16 -6.79 -58.96
N LEU CA 18 -4.00 -5.89 -57.98
CA LEU CA 18 -2.73 -5.19 -57.86
C LEU CA 18 -1.57 -6.14 -57.67
N ALA CA 19 -1.80 -7.25 -56.95
CA ALA CA 19 -0.72 -8.19 -56.69
C ALA CA 19 -0.29 -8.89 -57.97
N TRP CA 20 -1.24 -9.27 -58.82
CA TRP CA 20 -0.84 -9.86 -60.09
C TRP CA 20 -0.02 -8.88 -60.92
N ALA CA 21 -0.45 -7.62 -60.95
CA ALA CA 21 0.31 -6.62 -61.69
C ALA CA 21 1.73 -6.51 -61.15
N LEU CA 22 1.87 -6.43 -59.82
CA LEU CA 22 3.19 -6.29 -59.23
C LEU CA 22 4.06 -7.52 -59.44
N PHE CA 23 3.45 -8.71 -59.45
CA PHE CA 23 4.23 -9.91 -59.71
C PHE CA 23 4.83 -9.87 -61.10
N LEU CA 24 4.03 -9.49 -62.09
CA LEU CA 24 4.58 -9.37 -63.44
C LEU CA 24 5.68 -8.32 -63.49
N LEU CA 25 5.48 -7.20 -62.80
CA LEU CA 25 6.53 -6.17 -62.78
C LEU CA 25 7.82 -6.71 -62.17
N SER CA 26 7.72 -7.48 -61.09
CA SER CA 26 8.91 -8.01 -60.46
C SER CA 26 9.63 -9.01 -61.36
N TRP CA 27 8.87 -9.85 -62.05
CA TRP CA 27 9.46 -10.76 -63.02
C TRP CA 27 10.23 -10.00 -64.08
N SER CA 28 9.63 -8.94 -64.60
CA SER CA 28 10.31 -8.13 -65.63
C SER CA 28 11.58 -7.50 -65.08
N ILE CA 29 11.51 -6.94 -63.87
CA ILE CA 29 12.70 -6.31 -63.28
C ILE CA 29 13.82 -7.32 -63.10
N GLY CA 30 13.48 -8.51 -62.60
CA GLY CA 30 14.51 -9.51 -62.39
C GLY CA 30 15.17 -9.93 -63.68
N TRP CA 31 14.37 -10.25 -64.70
CA TRP CA 31 14.97 -10.70 -65.94
C TRP CA 31 15.63 -9.57 -66.70
N THR CA 32 15.34 -8.31 -66.36
CA THR CA 32 16.09 -7.22 -66.96
C THR CA 32 17.44 -7.04 -66.28
N LEU CA 33 17.47 -7.18 -64.96
CA LEU CA 33 18.73 -7.12 -64.24
C LEU CA 33 19.65 -8.24 -64.67
N ARG CA 34 19.09 -9.42 -64.96
CA ARG CA 34 19.92 -10.57 -65.25
C ARG CA 34 20.61 -10.47 -66.60
N GLY CA 35 20.03 -9.76 -67.56
CA GLY CA 35 20.59 -9.68 -68.89
C GLY CA 35 21.33 -8.41 -69.22
N SER CA 36 21.44 -7.48 -68.28
CA SER CA 36 22.09 -6.21 -68.55
C SER CA 36 23.60 -6.39 -68.75
N PRO CA 37 24.27 -5.40 -69.33
CA PRO CA 37 25.71 -5.54 -69.58
C PRO CA 37 26.56 -5.62 -68.33
N ILE CA 38 26.05 -5.20 -67.18
CA ILE CA 38 26.83 -5.17 -65.95
C ILE CA 38 27.28 -6.57 -65.57
N PRO CA 39 28.58 -6.81 -65.45
CA PRO CA 39 29.07 -8.17 -65.18
C PRO CA 39 29.16 -8.52 -63.70
N SER CA 40 28.53 -7.73 -62.84
CA SER CA 40 28.57 -8.03 -61.41
C SER CA 40 27.81 -9.32 -61.11
N SER CA 41 28.10 -9.89 -59.94
CA SER CA 41 27.43 -11.11 -59.52
C SER CA 41 26.33 -10.86 -58.51
N ARG CA 42 26.52 -9.86 -57.62
CA ARG CA 42 25.48 -9.55 -56.65
C ARG CA 42 24.17 -9.20 -57.33
N ILE CA 43 24.26 -8.50 -58.46
CA ILE CA 43 23.04 -8.10 -59.16
C ILE CA 43 22.38 -9.30 -59.83
N LYS CA 44 23.17 -10.25 -60.35
CA LYS CA 44 22.58 -11.49 -60.83
C LYS CA 44 21.87 -12.22 -59.70
N ARG CA 45 22.46 -12.23 -58.51
CA ARG CA 45 21.81 -12.87 -57.36
C ARG CA 45 20.50 -12.18 -57.02
N VAL CA 46 20.48 -10.85 -57.06
CA VAL CA 46 19.26 -10.12 -56.75
C VAL CA 46 18.18 -10.43 -57.78
N GLY CA 47 18.55 -10.47 -59.05
CA GLY CA 47 17.58 -10.82 -60.08
C GLY CA 47 17.02 -12.22 -59.90
N ASN CA 48 17.89 -13.17 -59.57
CA ASN CA 48 17.41 -14.54 -59.34
C ASN CA 48 16.43 -14.58 -58.18
N SER CA 49 16.76 -13.91 -57.07
CA SER CA 49 15.86 -13.92 -55.93
C SER CA 49 14.52 -13.28 -56.31
N LEU CA 50 14.56 -12.20 -57.08
CA LEU CA 50 13.32 -11.54 -57.49
C LEU CA 50 12.44 -12.48 -58.30
N ILE CA 51 12.99 -13.09 -59.34
CA ILE CA 51 12.14 -13.90 -60.21
C ILE CA 51 11.65 -15.14 -59.46
N GLU CA 52 12.49 -15.71 -58.60
CA GLU CA 52 12.07 -16.89 -57.86
C GLU CA 52 10.94 -16.57 -56.90
N ASP CA 53 11.08 -15.49 -56.12
CA ASP CA 53 10.01 -15.11 -55.21
C ASP CA 53 8.73 -14.75 -55.97
N SER CA 54 8.88 -14.15 -57.15
CA SER CA 54 7.70 -13.81 -57.95
C SER CA 54 6.93 -15.07 -58.33
N MET CA 55 7.62 -16.06 -58.90
CA MET CA 55 6.94 -17.30 -59.24
C MET CA 55 6.33 -17.96 -58.01
N TRP CA 56 7.07 -18.00 -56.92
CA TRP CA 56 6.59 -18.65 -55.70
C TRP CA 56 5.28 -18.02 -55.24
N ALA CA 57 5.25 -16.70 -55.07
CA ALA CA 57 4.05 -16.05 -54.57
C ALA CA 57 2.90 -16.15 -55.56
N ALA CA 58 3.19 -16.00 -56.86
CA ALA CA 58 2.15 -16.11 -57.86
C ALA CA 58 1.49 -17.48 -57.82
N LEU CA 59 2.25 -18.52 -57.53
CA LEU CA 59 1.63 -19.82 -57.34
C LEU CA 59 0.82 -19.85 -56.06
N TRP CA 60 1.39 -19.36 -54.96
CA TRP CA 60 0.79 -19.63 -53.67
C TRP CA 60 -0.47 -18.84 -53.41
N LEU CA 61 -0.72 -17.77 -54.15
CA LEU CA 61 -1.90 -16.95 -53.87
C LEU CA 61 -3.20 -17.75 -54.05
N ALA CA 62 -3.46 -18.21 -55.27
CA ALA CA 62 -4.69 -18.98 -55.50
C ALA CA 62 -4.68 -20.28 -54.72
N LEU CA 63 -3.50 -20.91 -54.63
CA LEU CA 63 -3.39 -22.09 -53.78
C LEU CA 63 -3.88 -21.81 -52.37
N GLY CA 64 -3.66 -20.62 -51.84
CA GLY CA 64 -4.13 -20.32 -50.51
C GLY CA 64 -5.63 -20.12 -50.46
N THR CA 65 -6.14 -19.48 -51.50
CA THR CA 65 -7.60 -19.45 -51.66
C THR CA 65 -8.21 -20.84 -51.52
N THR CA 66 -7.49 -21.88 -51.96
CA THR CA 66 -7.90 -23.26 -51.72
C THR CA 66 -7.50 -23.77 -50.33
N VAL CA 67 -6.34 -23.33 -49.84
CA VAL CA 67 -5.78 -23.82 -48.58
C VAL CA 67 -6.76 -23.61 -47.44
N PHE CA 68 -7.51 -22.52 -47.48
CA PHE CA 68 -8.39 -22.26 -46.34
C PHE CA 68 -9.55 -23.26 -46.30
N ALA CA 69 -10.08 -23.63 -47.47
CA ALA CA 69 -11.08 -24.69 -47.50
C ALA CA 69 -10.48 -26.02 -47.06
N VAL CA 70 -9.23 -26.28 -47.47
CA VAL CA 70 -8.58 -27.52 -47.04
C VAL CA 70 -8.45 -27.56 -45.53
N ILE CA 71 -8.10 -26.43 -44.91
CA ILE CA 71 -7.95 -26.39 -43.46
C ILE CA 71 -9.29 -26.59 -42.78
N VAL CA 72 -10.35 -26.03 -43.34
CA VAL CA 72 -11.69 -26.27 -42.79
C VAL CA 72 -12.02 -27.76 -42.84
N ARG CA 73 -11.69 -28.43 -43.94
CA ARG CA 73 -11.95 -29.85 -44.04
C ARG CA 73 -11.15 -30.63 -42.99
N LEU CA 74 -9.90 -30.24 -42.78
CA LEU CA 74 -9.09 -30.92 -41.76
C LEU CA 74 -9.69 -30.73 -40.37
N ALA CA 75 -10.20 -29.53 -40.10
CA ALA CA 75 -10.86 -29.29 -38.82
C ALA CA 75 -12.08 -30.20 -38.67
N GLY CA 76 -12.87 -30.34 -39.73
CA GLY CA 76 -14.00 -31.24 -39.68
C GLY CA 76 -13.59 -32.68 -39.40
N ILE CA 77 -12.51 -33.12 -40.05
CA ILE CA 77 -12.06 -34.49 -39.85
C ILE CA 77 -11.59 -34.72 -38.42
N VAL CA 78 -10.79 -33.80 -37.89
CA VAL CA 78 -10.31 -34.02 -36.53
C VAL CA 78 -11.44 -33.92 -35.52
N ASN CA 79 -12.44 -33.07 -35.77
CA ASN CA 79 -13.59 -33.02 -34.89
C ASN CA 79 -14.35 -34.34 -34.92
N GLU CA 80 -14.55 -34.90 -36.11
CA GLU CA 80 -15.26 -36.17 -36.21
C GLU CA 80 -14.46 -37.30 -35.56
N VAL CA 81 -13.13 -37.21 -35.60
CA VAL CA 81 -12.32 -38.27 -35.00
C VAL CA 81 -12.39 -38.20 -33.48
N LEU CA 82 -12.17 -37.02 -32.90
CA LEU CA 82 -12.06 -36.94 -31.45
C LEU CA 82 -13.39 -37.16 -30.76
N LEU CA 83 -14.50 -36.83 -31.41
CA LEU CA 83 -15.82 -36.90 -30.78
C LEU CA 83 -16.74 -37.86 -31.52
N GLY CA 84 -16.22 -39.00 -31.92
CA GLY CA 84 -17.02 -40.02 -32.58
C GLY CA 84 -17.60 -39.56 -33.91
N ALA DA 1 15.21 27.95 -36.63
CA ALA DA 1 14.09 27.43 -37.43
C ALA DA 1 14.57 26.99 -38.80
N ALA DA 2 15.24 27.89 -39.51
CA ALA DA 2 15.80 27.61 -40.83
C ALA DA 2 17.32 27.56 -40.86
N ASP DA 3 17.98 28.30 -39.96
CA ASP DA 3 19.44 28.21 -39.89
C ASP DA 3 19.89 26.81 -39.53
N ILE DA 4 19.07 26.08 -38.76
CA ILE DA 4 19.42 24.71 -38.41
C ILE DA 4 19.40 23.84 -39.65
N VAL DA 5 18.40 24.00 -40.51
CA VAL DA 5 18.36 23.26 -41.76
C VAL DA 5 19.54 23.65 -42.64
N GLN DA 6 19.87 24.94 -42.66
CA GLN DA 6 20.99 25.38 -43.48
C GLN DA 6 22.29 24.74 -43.03
N MET DA 7 22.54 24.72 -41.72
CA MET DA 7 23.79 24.13 -41.25
C MET DA 7 23.81 22.63 -41.44
N VAL DA 8 22.65 21.96 -41.33
CA VAL DA 8 22.62 20.53 -41.64
C VAL DA 8 22.98 20.30 -43.11
N GLU DA 9 22.46 21.14 -44.00
CA GLU DA 9 22.77 20.97 -45.41
C GLU DA 9 24.25 21.24 -45.69
N ASP DA 10 24.84 22.24 -45.03
CA ASP DA 10 26.26 22.48 -45.21
C ASP DA 10 27.08 21.29 -44.74
N LEU DA 11 26.70 20.71 -43.60
CA LEU DA 11 27.38 19.52 -43.12
C LEU DA 11 27.29 18.39 -44.13
N THR DA 12 26.11 18.19 -44.71
CA THR DA 12 25.94 17.15 -45.71
C THR DA 12 26.82 17.40 -46.93
N GLY DA 13 26.93 18.66 -47.35
CA GLY DA 13 27.78 18.96 -48.50
C GLY DA 13 29.24 18.65 -48.25
N LYS DA 14 29.76 19.11 -47.11
CA LYS DA 14 31.14 18.81 -46.77
C LYS DA 14 31.37 17.31 -46.71
N LEU DA 15 30.43 16.59 -46.09
CA LEU DA 15 30.56 15.15 -45.98
C LEU DA 15 30.57 14.49 -47.36
N THR DA 16 29.77 15.01 -48.29
CA THR DA 16 29.75 14.44 -49.63
C THR DA 16 31.07 14.63 -50.34
N ALA DA 17 31.66 15.82 -50.22
CA ALA DA 17 32.97 16.03 -50.82
C ALA DA 17 34.00 15.05 -50.25
N LEU DA 18 34.05 14.94 -48.93
CA LEU DA 18 34.95 13.99 -48.31
C LEU DA 18 34.67 12.57 -48.78
N ALA DA 19 33.40 12.24 -49.02
CA ALA DA 19 33.04 10.88 -49.41
C ALA DA 19 33.55 10.58 -50.81
N TRP DA 20 33.46 11.54 -51.73
CA TRP DA 20 34.02 11.31 -53.05
C TRP DA 20 35.52 11.07 -52.96
N ALA DA 21 36.21 11.89 -52.16
CA ALA DA 21 37.65 11.70 -52.00
C ALA DA 21 37.96 10.30 -51.47
N LEU DA 22 37.24 9.87 -50.44
CA LEU DA 22 37.50 8.56 -49.85
C LEU DA 22 37.16 7.43 -50.81
N PHE DA 23 36.14 7.60 -51.64
CA PHE DA 23 35.82 6.56 -52.61
C PHE DA 23 36.96 6.38 -53.59
N LEU DA 24 37.52 7.48 -54.09
CA LEU DA 24 38.66 7.35 -54.98
C LEU DA 24 39.84 6.70 -54.27
N LEU DA 25 40.06 7.07 -53.01
CA LEU DA 25 41.15 6.45 -52.26
C LEU DA 25 40.95 4.95 -52.13
N SER DA 26 39.72 4.51 -51.86
CA SER DA 26 39.45 3.09 -51.70
C SER DA 26 39.64 2.35 -53.02
N TRP DA 27 39.21 2.94 -54.12
CA TRP DA 27 39.45 2.34 -55.42
C TRP DA 27 40.94 2.15 -55.66
N SER DA 28 41.74 3.17 -55.35
CA SER DA 28 43.18 3.07 -55.54
C SER DA 28 43.78 1.98 -54.67
N ILE DA 29 43.36 1.91 -53.39
CA ILE DA 29 43.89 0.90 -52.49
C ILE DA 29 43.56 -0.50 -53.01
N GLY DA 30 42.32 -0.70 -53.45
CA GLY DA 30 41.95 -2.01 -53.93
C GLY DA 30 42.75 -2.43 -55.14
N TRP DA 31 42.84 -1.56 -56.14
CA TRP DA 31 43.57 -1.93 -57.33
C TRP DA 31 45.08 -1.99 -57.10
N THR DA 32 45.58 -1.39 -56.02
CA THR DA 32 46.98 -1.58 -55.69
C THR DA 32 47.22 -2.92 -55.02
N LEU DA 33 46.30 -3.32 -54.14
CA LEU DA 33 46.41 -4.64 -53.52
C LEU DA 33 46.30 -5.73 -54.57
N ARG DA 34 45.47 -5.52 -55.59
CA ARG DA 34 45.24 -6.59 -56.55
C ARG DA 34 46.44 -6.84 -57.45
N GLY DA 35 47.27 -5.84 -57.71
CA GLY DA 35 48.39 -6.00 -58.61
C GLY DA 35 49.74 -6.19 -57.96
N SER DA 36 49.82 -6.22 -56.64
CA SER DA 36 51.08 -6.33 -55.95
C SER DA 36 51.70 -7.71 -56.16
N PRO DA 37 53.00 -7.87 -55.90
CA PRO DA 37 53.65 -9.16 -56.13
C PRO DA 37 53.16 -10.28 -55.23
N ILE DA 38 52.51 -9.96 -54.11
CA ILE DA 38 52.08 -10.98 -53.16
C ILE DA 38 51.09 -11.94 -53.81
N PRO DA 39 51.38 -13.23 -53.84
CA PRO DA 39 50.52 -14.18 -54.54
C PRO DA 39 49.39 -14.75 -53.68
N SER DA 40 49.11 -14.13 -52.53
CA SER DA 40 48.04 -14.61 -51.69
C SER DA 40 46.69 -14.43 -52.36
N SER DA 41 45.69 -15.15 -51.87
CA SER DA 41 44.34 -15.04 -52.41
C SER DA 41 43.42 -14.22 -51.52
N ARG DA 42 43.60 -14.29 -50.21
CA ARG DA 42 42.78 -13.49 -49.31
C ARG DA 42 42.91 -12.00 -49.63
N ILE DA 43 44.12 -11.57 -49.98
CA ILE DA 43 44.32 -10.16 -50.28
C ILE DA 43 43.67 -9.78 -51.61
N LYS DA 44 43.69 -10.67 -52.59
CA LYS DA 44 42.93 -10.42 -53.81
C LYS DA 44 41.44 -10.28 -53.50
N ARG DA 45 40.93 -11.12 -52.60
CA ARG DA 45 39.53 -11.03 -52.21
C ARG DA 45 39.24 -9.69 -51.55
N VAL DA 46 40.13 -9.24 -50.67
CA VAL DA 46 39.94 -7.96 -50.01
C VAL DA 46 39.93 -6.83 -51.02
N GLY DA 47 40.86 -6.86 -51.97
CA GLY DA 47 40.88 -5.81 -52.99
C GLY DA 47 39.61 -5.81 -53.83
N ASN DA 48 39.12 -6.99 -54.20
CA ASN DA 48 37.88 -7.06 -54.96
C ASN DA 48 36.72 -6.47 -54.18
N SER DA 49 36.60 -6.83 -52.90
CA SER DA 49 35.52 -6.29 -52.09
C SER DA 49 35.63 -4.77 -51.99
N LEU DA 50 36.85 -4.26 -51.83
CA LEU DA 50 37.04 -2.81 -51.73
C LEU DA 50 36.56 -2.11 -52.99
N ILE DA 51 37.03 -2.55 -54.16
CA ILE DA 51 36.70 -1.82 -55.37
C ILE DA 51 35.21 -1.96 -55.69
N GLU DA 52 34.63 -3.12 -55.39
CA GLU DA 52 33.21 -3.31 -55.67
C GLU DA 52 32.37 -2.41 -54.78
N ASP DA 53 32.65 -2.38 -53.48
CA ASP DA 53 31.90 -1.51 -52.59
C ASP DA 53 32.09 -0.05 -52.95
N SER DA 54 33.29 0.31 -53.41
CA SER DA 54 33.53 1.69 -53.82
C SER DA 54 32.62 2.08 -54.96
N MET DA 55 32.60 1.29 -56.03
CA MET DA 55 31.73 1.58 -57.15
C MET DA 55 30.27 1.62 -56.72
N TRP DA 56 29.85 0.65 -55.91
CA TRP DA 56 28.46 0.58 -55.46
C TRP DA 56 28.04 1.86 -54.74
N ALA DA 57 28.81 2.27 -53.74
CA ALA DA 57 28.44 3.46 -52.97
C ALA DA 57 28.53 4.73 -53.82
N ALA DA 58 29.56 4.82 -54.66
CA ALA DA 58 29.69 6.00 -55.50
C ALA DA 58 28.49 6.16 -56.42
N LEU DA 59 27.93 5.05 -56.89
CA LEU DA 59 26.70 5.14 -57.66
C LEU DA 59 25.54 5.56 -56.76
N TRP DA 60 25.41 4.92 -55.60
CA TRP DA 60 24.17 5.05 -54.86
C TRP DA 60 24.02 6.40 -54.17
N LEU DA 61 25.11 7.15 -54.00
CA LEU DA 61 24.99 8.42 -53.28
C LEU DA 61 24.04 9.39 -54.00
N ALA DA 62 24.39 9.79 -55.23
CA ALA DA 62 23.54 10.72 -55.96
C ALA DA 62 22.18 10.09 -56.27
N LEU DA 63 22.17 8.80 -56.58
CA LEU DA 63 20.91 8.10 -56.74
C LEU DA 63 20.01 8.28 -55.54
N GLY DA 64 20.57 8.34 -54.34
CA GLY DA 64 19.73 8.54 -53.16
C GLY DA 64 19.22 9.95 -53.06
N THR DA 65 20.09 10.89 -53.41
CA THR DA 65 19.62 12.26 -53.57
C THR DA 65 18.37 12.34 -54.42
N THR DA 66 18.25 11.46 -55.41
CA THR DA 66 17.00 11.33 -56.19
C THR DA 66 15.96 10.44 -55.50
N VAL DA 67 16.41 9.41 -54.80
CA VAL DA 67 15.52 8.43 -54.17
C VAL DA 67 14.56 9.10 -53.22
N PHE DA 68 15.00 10.15 -52.54
CA PHE DA 68 14.09 10.75 -51.57
C PHE DA 68 12.94 11.48 -52.26
N ALA DA 69 13.20 12.14 -53.38
CA ALA DA 69 12.11 12.72 -54.15
C ALA DA 69 11.20 11.63 -54.72
N VAL DA 70 11.79 10.50 -55.15
CA VAL DA 70 10.97 9.39 -55.64
C VAL DA 70 10.04 8.90 -54.55
N ILE DA 71 10.55 8.79 -53.32
CA ILE DA 71 9.72 8.30 -52.22
C ILE DA 71 8.62 9.28 -51.90
N VAL DA 72 8.91 10.58 -51.98
CA VAL DA 72 7.86 11.58 -51.79
C VAL DA 72 6.77 11.41 -52.84
N ARG DA 73 7.16 11.17 -54.09
CA ARG DA 73 6.16 10.97 -55.13
C ARG DA 73 5.32 9.73 -54.85
N LEU DA 74 5.95 8.65 -54.39
CA LEU DA 74 5.18 7.45 -54.07
C LEU DA 74 4.20 7.71 -52.94
N ALA DA 75 4.61 8.49 -51.94
CA ALA DA 75 3.70 8.85 -50.87
C ALA DA 75 2.51 9.64 -51.40
N GLY DA 76 2.76 10.57 -52.32
CA GLY DA 76 1.67 11.31 -52.93
C GLY DA 76 0.71 10.39 -53.68
N ILE DA 77 1.26 9.42 -54.42
CA ILE DA 77 0.41 8.52 -55.19
C ILE DA 77 -0.45 7.66 -54.27
N VAL DA 78 0.15 7.10 -53.21
CA VAL DA 78 -0.65 6.25 -52.35
C VAL DA 78 -1.69 7.07 -51.58
N ASN DA 79 -1.36 8.32 -51.23
CA ASN DA 79 -2.36 9.16 -50.59
C ASN DA 79 -3.53 9.44 -51.53
N GLU DA 80 -3.22 9.73 -52.80
CA GLU DA 80 -4.29 9.99 -53.74
C GLU DA 80 -5.12 8.74 -54.01
N VAL DA 81 -4.50 7.57 -53.93
CA VAL DA 81 -5.25 6.33 -54.16
C VAL DA 81 -6.18 6.03 -53.01
N LEU DA 82 -5.67 6.07 -51.77
CA LEU DA 82 -6.49 5.63 -50.65
C LEU DA 82 -7.62 6.61 -50.33
N LEU DA 83 -7.44 7.89 -50.63
CA LEU DA 83 -8.41 8.91 -50.26
C LEU DA 83 -8.96 9.63 -51.49
N GLY DA 84 -9.26 8.88 -52.54
CA GLY DA 84 -9.84 9.46 -53.74
C GLY DA 84 -8.94 10.46 -54.44
#